data_6IAQ
#
_entry.id   6IAQ
#
_cell.length_a   51.390
_cell.length_b   147.910
_cell.length_c   97.780
_cell.angle_alpha   90.00
_cell.angle_beta   98.18
_cell.angle_gamma   90.00
#
_symmetry.space_group_name_H-M   'P 1 21 1'
#
loop_
_entity.id
_entity.type
_entity.pdbx_description
1 polymer 'Dihydrodipicolinate reductase N-terminus domain-containing protein'
2 non-polymer 1,2-ETHANEDIOL
3 non-polymer 'NADP NICOTINAMIDE-ADENINE-DINUCLEOTIDE PHOSPHATE'
4 water water
#
_entity_poly.entity_id   1
_entity_poly.type   'polypeptide(L)'
_entity_poly.pdbx_seq_one_letter_code
;HHHHHSDIRAVVYGVGAMNSIVAGMLLDKGVQIVGAIARSPQKVGQDLGDLLGLGRQLGVAVSDDAAEVLEQTHPDIAVI
AVNSYLTDAVEQLRICAEHGVNAVTLSEEMLYPWETSPELSAELDALAKSTGATLTGTGYQDTFWVNMIALLMGTAHRID
TVRGKASWNVDDFGPELATAQQVGRTVAEFDEWVRGAQRPPTFGRNVLDALVADTGLTVKSITTATRPDIASAAMRSEAL
GIDLAPGDVIGFTDIDRIETEEGPVFEFEMSGRVYGPGEGDINEWTIEGEPNLFLSNGTVPTQTTTCTQMVNRIPDVIAA
PPGIVTVDRLPRLRYRPQF
;
_entity_poly.pdbx_strand_id   A,B,C,D
#
loop_
_chem_comp.id
_chem_comp.type
_chem_comp.name
_chem_comp.formula
EDO non-polymer 1,2-ETHANEDIOL 'C2 H6 O2'
NAP non-polymer 'NADP NICOTINAMIDE-ADENINE-DINUCLEOTIDE PHOSPHATE' 'C21 H28 N7 O17 P3'
#
# COMPACT_ATOMS: atom_id res chain seq x y z
N HIS A 2 30.21 -44.57 7.49
CA HIS A 2 31.09 -45.60 6.83
C HIS A 2 31.23 -45.26 5.34
N HIS A 3 32.48 -45.22 4.84
CA HIS A 3 32.93 -44.86 3.45
C HIS A 3 31.82 -45.10 2.41
N HIS A 4 31.36 -46.34 2.25
CA HIS A 4 30.34 -46.74 1.22
C HIS A 4 29.14 -47.41 1.89
N HIS A 5 28.63 -46.80 2.96
CA HIS A 5 27.50 -47.27 3.81
C HIS A 5 26.17 -47.24 3.05
N SER A 6 26.06 -46.50 1.95
CA SER A 6 24.78 -46.32 1.21
C SER A 6 24.71 -47.39 0.12
N ASP A 7 23.50 -47.80 -0.24
CA ASP A 7 23.20 -48.64 -1.42
C ASP A 7 23.44 -47.82 -2.70
N ILE A 8 23.38 -46.49 -2.64
CA ILE A 8 23.24 -45.62 -3.85
C ILE A 8 24.55 -45.68 -4.64
N ARG A 9 24.45 -45.92 -5.93
CA ARG A 9 25.60 -45.94 -6.87
C ARG A 9 25.45 -44.70 -7.77
N ALA A 10 26.46 -43.83 -7.76
CA ALA A 10 26.39 -42.52 -8.46
C ALA A 10 27.50 -42.39 -9.52
N VAL A 11 27.20 -41.70 -10.62
CA VAL A 11 28.19 -41.21 -11.62
C VAL A 11 28.28 -39.68 -11.46
N VAL A 12 29.48 -39.15 -11.28
CA VAL A 12 29.68 -37.67 -11.19
C VAL A 12 29.97 -37.20 -12.63
N TYR A 13 28.99 -36.50 -13.18
CA TYR A 13 28.93 -36.04 -14.57
C TYR A 13 29.44 -34.59 -14.61
N GLY A 14 30.68 -34.42 -15.08
CA GLY A 14 31.47 -33.19 -14.97
C GLY A 14 32.25 -33.25 -13.68
N VAL A 15 33.48 -32.74 -13.69
CA VAL A 15 34.41 -32.81 -12.55
C VAL A 15 35.05 -31.42 -12.39
N GLY A 16 34.21 -30.39 -12.30
CA GLY A 16 34.68 -29.00 -12.26
C GLY A 16 34.62 -28.47 -10.86
N ALA A 17 34.48 -27.16 -10.71
CA ALA A 17 34.51 -26.51 -9.38
C ALA A 17 33.41 -27.12 -8.49
N MET A 18 32.19 -27.26 -8.99
CA MET A 18 31.05 -27.72 -8.15
C MET A 18 31.14 -29.23 -7.91
N ASN A 19 31.31 -30.05 -8.94
CA ASN A 19 31.31 -31.53 -8.74
C ASN A 19 32.52 -31.96 -7.93
N SER A 20 33.61 -31.18 -7.87
CA SER A 20 34.73 -31.49 -6.97
C SER A 20 34.23 -31.45 -5.52
N ILE A 21 33.44 -30.44 -5.17
CA ILE A 21 32.89 -30.30 -3.78
C ILE A 21 31.87 -31.41 -3.58
N VAL A 22 30.98 -31.59 -4.54
CA VAL A 22 29.88 -32.57 -4.47
C VAL A 22 30.44 -33.98 -4.23
N ALA A 23 31.51 -34.35 -4.94
CA ALA A 23 32.11 -35.69 -4.88
C ALA A 23 32.47 -36.01 -3.42
N GLY A 24 33.13 -35.09 -2.72
CA GLY A 24 33.54 -35.25 -1.32
C GLY A 24 32.33 -35.41 -0.41
N MET A 25 31.26 -34.66 -0.66
CA MET A 25 30.01 -34.75 0.14
C MET A 25 29.36 -36.11 -0.14
N LEU A 26 29.34 -36.60 -1.38
CA LEU A 26 28.76 -37.93 -1.73
C LEU A 26 29.47 -39.00 -0.88
N LEU A 27 30.80 -38.96 -0.83
CA LEU A 27 31.61 -39.95 -0.06
C LEU A 27 31.24 -39.83 1.44
N ASP A 28 31.13 -38.63 1.99
CA ASP A 28 30.73 -38.38 3.40
C ASP A 28 29.34 -39.00 3.68
N LYS A 29 28.42 -39.02 2.73
CA LYS A 29 27.05 -39.57 2.93
C LYS A 29 27.06 -41.10 2.78
N GLY A 30 28.18 -41.68 2.34
CA GLY A 30 28.33 -43.13 2.14
C GLY A 30 27.97 -43.57 0.73
N VAL A 31 27.78 -42.64 -0.20
CA VAL A 31 27.39 -42.97 -1.60
C VAL A 31 28.58 -43.67 -2.26
N GLN A 32 28.29 -44.64 -3.11
CA GLN A 32 29.33 -45.34 -3.93
C GLN A 32 29.47 -44.59 -5.25
N ILE A 33 30.61 -43.95 -5.46
CA ILE A 33 30.89 -43.34 -6.80
C ILE A 33 31.42 -44.47 -7.69
N VAL A 34 30.74 -44.77 -8.78
CA VAL A 34 31.10 -45.89 -9.69
C VAL A 34 31.57 -45.36 -11.04
N GLY A 35 31.49 -44.05 -11.27
CA GLY A 35 31.90 -43.49 -12.58
C GLY A 35 32.04 -41.98 -12.54
N ALA A 36 32.74 -41.41 -13.52
CA ALA A 36 33.06 -39.96 -13.57
C ALA A 36 33.33 -39.57 -15.03
N ILE A 37 32.68 -38.51 -15.50
CA ILE A 37 32.72 -38.04 -16.91
C ILE A 37 33.31 -36.64 -16.93
N ALA A 38 34.31 -36.44 -17.79
CA ALA A 38 34.98 -35.14 -18.02
C ALA A 38 35.13 -34.93 -19.52
N ARG A 39 35.73 -33.80 -19.90
CA ARG A 39 35.89 -33.38 -21.31
C ARG A 39 37.38 -33.13 -21.58
N SER A 40 38.14 -32.55 -20.64
CA SER A 40 39.57 -32.18 -20.82
C SER A 40 40.45 -33.44 -20.90
N PRO A 41 41.21 -33.61 -22.01
CA PRO A 41 41.99 -34.84 -22.22
C PRO A 41 42.92 -35.19 -21.06
N GLN A 42 43.51 -34.17 -20.45
CA GLN A 42 44.41 -34.26 -19.26
C GLN A 42 43.74 -35.09 -18.15
N LYS A 43 42.41 -34.97 -17.99
CA LYS A 43 41.64 -35.58 -16.87
C LYS A 43 41.28 -37.02 -17.18
N VAL A 44 40.97 -37.35 -18.44
CA VAL A 44 40.51 -38.72 -18.81
C VAL A 44 41.63 -39.73 -18.51
N GLY A 45 41.24 -40.87 -17.93
CA GLY A 45 42.14 -41.94 -17.50
C GLY A 45 42.57 -41.80 -16.06
N GLN A 46 42.61 -40.58 -15.51
CA GLN A 46 43.04 -40.36 -14.11
C GLN A 46 42.01 -40.97 -13.16
N ASP A 47 42.46 -41.37 -11.97
CA ASP A 47 41.57 -41.81 -10.87
C ASP A 47 40.89 -40.56 -10.30
N LEU A 48 39.58 -40.62 -10.07
CA LEU A 48 38.80 -39.47 -9.57
C LEU A 48 39.38 -38.97 -8.24
N GLY A 49 39.73 -39.87 -7.33
CA GLY A 49 40.32 -39.54 -6.02
C GLY A 49 41.59 -38.71 -6.17
N ASP A 50 42.45 -39.08 -7.11
CA ASP A 50 43.72 -38.33 -7.41
C ASP A 50 43.36 -36.96 -7.99
N LEU A 51 42.43 -36.94 -8.93
CA LEU A 51 42.03 -35.72 -9.67
C LEU A 51 41.45 -34.70 -8.69
N LEU A 52 40.81 -35.16 -7.60
CA LEU A 52 40.19 -34.30 -6.56
C LEU A 52 41.15 -34.08 -5.38
N GLY A 53 42.31 -34.73 -5.35
CA GLY A 53 43.33 -34.52 -4.30
C GLY A 53 42.88 -35.03 -2.94
N LEU A 54 42.12 -36.13 -2.93
CA LEU A 54 41.88 -36.99 -1.74
C LEU A 54 43.10 -37.90 -1.65
N GLY A 55 43.62 -38.17 -0.46
CA GLY A 55 44.82 -39.00 -0.28
C GLY A 55 44.59 -40.46 -0.63
N ARG A 56 43.34 -40.84 -0.94
CA ARG A 56 42.93 -42.20 -1.33
C ARG A 56 42.51 -42.21 -2.81
N GLN A 57 42.91 -43.22 -3.58
CA GLN A 57 42.35 -43.53 -4.92
C GLN A 57 40.94 -44.08 -4.70
N LEU A 58 40.03 -43.90 -5.66
CA LEU A 58 38.61 -44.31 -5.55
C LEU A 58 38.38 -45.61 -6.31
N GLY A 59 39.29 -45.98 -7.22
CA GLY A 59 39.07 -47.09 -8.16
C GLY A 59 38.04 -46.71 -9.21
N VAL A 60 38.01 -45.44 -9.59
CA VAL A 60 37.13 -44.89 -10.66
C VAL A 60 38.02 -44.12 -11.63
N ALA A 61 38.11 -44.57 -12.87
CA ALA A 61 38.90 -43.91 -13.94
C ALA A 61 38.00 -42.94 -14.68
N VAL A 62 38.34 -41.65 -14.68
CA VAL A 62 37.53 -40.61 -15.39
C VAL A 62 37.49 -40.98 -16.87
N SER A 63 36.30 -40.92 -17.46
CA SER A 63 36.02 -41.21 -18.88
C SER A 63 35.55 -39.93 -19.57
N ASP A 64 35.70 -39.88 -20.89
CA ASP A 64 35.19 -38.77 -21.73
C ASP A 64 33.97 -39.24 -22.50
N ASP A 65 33.42 -40.40 -22.14
CA ASP A 65 32.33 -41.04 -22.93
C ASP A 65 31.17 -41.35 -21.98
N ALA A 66 30.21 -40.43 -21.87
CA ALA A 66 29.08 -40.53 -20.91
C ALA A 66 28.29 -41.85 -21.12
N ALA A 67 27.88 -42.10 -22.36
CA ALA A 67 27.04 -43.29 -22.72
C ALA A 67 27.79 -44.56 -22.30
N GLU A 68 29.09 -44.63 -22.55
CA GLU A 68 29.92 -45.81 -22.21
C GLU A 68 29.95 -45.99 -20.69
N VAL A 69 30.12 -44.91 -19.93
CA VAL A 69 30.16 -44.99 -18.44
C VAL A 69 28.80 -45.52 -17.94
N LEU A 70 27.68 -45.02 -18.49
CA LEU A 70 26.34 -45.43 -18.00
C LEU A 70 26.08 -46.91 -18.38
N GLU A 71 26.46 -47.32 -19.59
CA GLU A 71 26.28 -48.72 -20.08
C GLU A 71 27.14 -49.64 -19.21
N GLN A 72 28.33 -49.20 -18.81
CA GLN A 72 29.28 -50.04 -18.01
C GLN A 72 28.84 -50.12 -16.53
N THR A 73 28.22 -49.08 -15.96
CA THR A 73 28.03 -48.99 -14.49
C THR A 73 26.55 -48.98 -14.06
N HIS A 74 25.62 -48.58 -14.92
CA HIS A 74 24.16 -48.46 -14.60
C HIS A 74 23.95 -47.92 -13.19
N PRO A 75 24.34 -46.65 -12.93
CA PRO A 75 24.19 -46.06 -11.61
C PRO A 75 22.71 -45.77 -11.30
N ASP A 76 22.40 -45.58 -10.02
CA ASP A 76 21.07 -45.11 -9.54
C ASP A 76 20.88 -43.63 -9.90
N ILE A 77 21.97 -42.88 -10.00
CA ILE A 77 21.91 -41.39 -10.13
C ILE A 77 23.16 -40.88 -10.85
N ALA A 78 22.92 -39.98 -11.80
CA ALA A 78 23.94 -39.10 -12.41
C ALA A 78 23.83 -37.73 -11.75
N VAL A 79 24.94 -37.22 -11.24
CA VAL A 79 25.04 -35.94 -10.49
C VAL A 79 25.77 -34.94 -11.42
N ILE A 80 25.03 -34.05 -12.06
CA ILE A 80 25.51 -33.28 -13.23
C ILE A 80 25.83 -31.85 -12.79
N ALA A 81 27.07 -31.44 -13.02
CA ALA A 81 27.51 -30.03 -12.88
C ALA A 81 28.34 -29.68 -14.13
N VAL A 82 27.68 -29.42 -15.25
CA VAL A 82 28.44 -29.13 -16.50
C VAL A 82 28.00 -27.80 -17.12
N ASN A 83 26.72 -27.56 -17.37
CA ASN A 83 26.25 -26.33 -18.07
C ASN A 83 24.89 -25.88 -17.50
N SER A 84 24.31 -24.81 -18.06
CA SER A 84 23.21 -24.01 -17.45
C SER A 84 21.92 -24.14 -18.25
N TYR A 85 21.99 -24.00 -19.57
CA TYR A 85 20.82 -23.78 -20.45
C TYR A 85 20.46 -25.09 -21.15
N LEU A 86 19.16 -25.41 -21.23
CA LEU A 86 18.63 -26.69 -21.77
C LEU A 86 19.14 -26.92 -23.20
N THR A 87 19.35 -25.84 -23.94
CA THR A 87 19.92 -25.82 -25.31
C THR A 87 21.26 -26.58 -25.29
N ASP A 88 22.06 -26.46 -24.23
CA ASP A 88 23.30 -27.21 -24.01
C ASP A 88 22.99 -28.50 -23.24
N ALA A 89 22.24 -28.40 -22.14
CA ALA A 89 22.09 -29.47 -21.12
C ALA A 89 21.31 -30.66 -21.71
N VAL A 90 20.47 -30.44 -22.71
CA VAL A 90 19.68 -31.53 -23.34
C VAL A 90 20.62 -32.64 -23.82
N GLU A 91 21.84 -32.33 -24.24
CA GLU A 91 22.80 -33.36 -24.71
C GLU A 91 23.09 -34.34 -23.55
N GLN A 92 23.44 -33.86 -22.35
CA GLN A 92 23.75 -34.75 -21.21
C GLN A 92 22.47 -35.40 -20.68
N LEU A 93 21.36 -34.65 -20.65
CA LEU A 93 20.10 -35.15 -20.04
C LEU A 93 19.51 -36.26 -20.96
N ARG A 94 19.66 -36.14 -22.30
CA ARG A 94 19.22 -37.20 -23.25
C ARG A 94 19.95 -38.52 -22.93
N ILE A 95 21.27 -38.45 -22.78
CA ILE A 95 22.12 -39.65 -22.50
C ILE A 95 21.62 -40.30 -21.18
N CYS A 96 21.33 -39.51 -20.14
CA CYS A 96 20.88 -40.06 -18.84
C CYS A 96 19.51 -40.75 -19.00
N ALA A 97 18.55 -40.04 -19.58
CA ALA A 97 17.15 -40.49 -19.73
C ALA A 97 17.10 -41.72 -20.66
N GLU A 98 17.86 -41.70 -21.77
CA GLU A 98 17.93 -42.84 -22.71
C GLU A 98 18.30 -44.13 -21.97
N HIS A 99 19.23 -44.04 -21.03
CA HIS A 99 19.79 -45.18 -20.27
C HIS A 99 18.98 -45.46 -19.00
N GLY A 100 17.80 -44.85 -18.84
CA GLY A 100 16.98 -44.96 -17.61
C GLY A 100 17.70 -44.52 -16.35
N VAL A 101 18.65 -43.58 -16.46
CA VAL A 101 19.46 -43.15 -15.29
C VAL A 101 18.84 -41.86 -14.73
N ASN A 102 18.48 -41.87 -13.45
CA ASN A 102 18.00 -40.67 -12.72
C ASN A 102 19.10 -39.61 -12.79
N ALA A 103 18.72 -38.34 -12.93
CA ALA A 103 19.70 -37.24 -13.01
C ALA A 103 19.26 -36.08 -12.12
N VAL A 104 20.17 -35.63 -11.26
CA VAL A 104 20.06 -34.33 -10.55
C VAL A 104 21.12 -33.42 -11.20
N THR A 105 20.76 -32.20 -11.55
CA THR A 105 21.66 -31.27 -12.28
C THR A 105 21.61 -29.87 -11.69
N LEU A 106 22.74 -29.16 -11.78
CA LEU A 106 22.84 -27.73 -11.36
C LEU A 106 22.32 -26.82 -12.47
N SER A 107 21.99 -27.34 -13.67
CA SER A 107 21.55 -26.48 -14.79
C SER A 107 20.48 -25.49 -14.29
N GLU A 108 20.76 -24.18 -14.34
CA GLU A 108 19.89 -23.13 -13.75
C GLU A 108 18.54 -23.16 -14.47
N GLU A 109 18.52 -23.36 -15.78
CA GLU A 109 17.26 -23.36 -16.55
C GLU A 109 16.42 -24.58 -16.15
N MET A 110 17.05 -25.69 -15.75
CA MET A 110 16.31 -26.93 -15.39
C MET A 110 15.57 -26.71 -14.04
N LEU A 111 15.82 -25.62 -13.32
CA LEU A 111 15.07 -25.34 -12.05
C LEU A 111 13.58 -25.41 -12.35
N TYR A 112 13.17 -24.79 -13.46
CA TYR A 112 11.78 -24.76 -13.93
C TYR A 112 11.79 -24.43 -15.42
N PRO A 113 11.97 -25.45 -16.30
CA PRO A 113 12.23 -25.19 -17.71
C PRO A 113 11.01 -25.16 -18.64
N TRP A 114 9.82 -25.46 -18.13
CA TRP A 114 8.61 -25.70 -18.95
C TRP A 114 8.29 -24.48 -19.85
N GLU A 115 8.50 -23.25 -19.37
CA GLU A 115 8.10 -22.03 -20.11
C GLU A 115 9.24 -21.57 -21.02
N THR A 116 10.49 -21.61 -20.55
CA THR A 116 11.62 -21.05 -21.34
C THR A 116 12.02 -22.04 -22.45
N SER A 117 11.86 -23.35 -22.24
CA SER A 117 12.30 -24.42 -23.20
C SER A 117 11.21 -25.49 -23.28
N PRO A 118 10.00 -25.13 -23.77
CA PRO A 118 8.86 -26.02 -23.70
C PRO A 118 9.03 -27.33 -24.53
N GLU A 119 9.64 -27.23 -25.72
CA GLU A 119 9.82 -28.39 -26.64
C GLU A 119 10.82 -29.38 -26.02
N LEU A 120 11.99 -28.88 -25.60
CA LEU A 120 13.06 -29.70 -24.98
C LEU A 120 12.53 -30.29 -23.68
N SER A 121 11.74 -29.53 -22.92
CA SER A 121 11.13 -30.02 -21.66
C SER A 121 10.19 -31.21 -21.96
N ALA A 122 9.28 -31.04 -22.91
CA ALA A 122 8.30 -32.11 -23.27
C ALA A 122 9.03 -33.39 -23.72
N GLU A 123 10.06 -33.21 -24.56
CA GLU A 123 10.89 -34.29 -25.14
C GLU A 123 11.51 -35.09 -23.98
N LEU A 124 12.18 -34.37 -23.06
CA LEU A 124 12.98 -35.01 -21.98
C LEU A 124 12.04 -35.68 -21.00
N ASP A 125 10.90 -35.05 -20.71
CA ASP A 125 9.91 -35.60 -19.77
C ASP A 125 9.38 -36.95 -20.32
N ALA A 126 9.03 -36.99 -21.60
CA ALA A 126 8.51 -38.22 -22.29
C ALA A 126 9.56 -39.34 -22.24
N LEU A 127 10.81 -39.02 -22.59
CA LEU A 127 11.91 -40.00 -22.65
C LEU A 127 12.15 -40.57 -21.24
N ALA A 128 12.25 -39.69 -20.22
CA ALA A 128 12.55 -40.09 -18.83
C ALA A 128 11.42 -40.99 -18.31
N LYS A 129 10.17 -40.66 -18.66
CA LYS A 129 8.97 -41.43 -18.25
C LYS A 129 9.02 -42.85 -18.89
N SER A 130 9.46 -42.94 -20.13
CA SER A 130 9.49 -44.22 -20.88
C SER A 130 10.54 -45.16 -20.26
N THR A 131 11.57 -44.65 -19.56
CA THR A 131 12.68 -45.46 -18.99
C THR A 131 12.65 -45.50 -17.46
N GLY A 132 11.66 -44.87 -16.83
CA GLY A 132 11.48 -44.90 -15.37
C GLY A 132 12.40 -43.92 -14.62
N ALA A 133 13.05 -43.00 -15.32
CA ALA A 133 14.06 -42.09 -14.73
C ALA A 133 13.42 -40.75 -14.33
N THR A 134 13.91 -40.17 -13.24
CA THR A 134 13.58 -38.79 -12.79
C THR A 134 14.72 -37.83 -13.19
N LEU A 135 14.38 -36.68 -13.79
CA LEU A 135 15.33 -35.56 -14.04
C LEU A 135 14.89 -34.36 -13.20
N THR A 136 15.82 -33.77 -12.43
CA THR A 136 15.52 -32.64 -11.52
C THR A 136 16.66 -31.61 -11.57
N GLY A 137 16.34 -30.37 -11.93
CA GLY A 137 17.21 -29.20 -11.73
C GLY A 137 17.15 -28.70 -10.31
N THR A 138 18.31 -28.58 -9.65
CA THR A 138 18.41 -28.05 -8.28
C THR A 138 19.69 -27.21 -8.20
N GLY A 139 20.19 -27.01 -6.98
CA GLY A 139 21.31 -26.09 -6.68
C GLY A 139 20.88 -25.04 -5.68
N TYR A 140 21.57 -23.90 -5.71
CA TYR A 140 21.41 -22.82 -4.70
C TYR A 140 19.93 -22.40 -4.64
N GLN A 141 19.32 -22.22 -5.79
CA GLN A 141 17.98 -21.57 -5.95
C GLN A 141 16.91 -22.38 -5.21
N ASP A 142 17.08 -23.70 -5.11
CA ASP A 142 16.05 -24.67 -4.66
C ASP A 142 15.38 -24.13 -3.36
N THR A 143 16.16 -23.92 -2.31
CA THR A 143 15.70 -23.34 -1.04
C THR A 143 15.63 -21.81 -1.12
N PHE A 144 16.72 -21.14 -1.49
CA PHE A 144 16.90 -19.68 -1.16
C PHE A 144 16.10 -18.78 -2.10
N TRP A 145 15.74 -19.24 -3.30
CA TRP A 145 14.98 -18.40 -4.26
C TRP A 145 13.60 -18.99 -4.54
N VAL A 146 13.32 -20.24 -4.19
CA VAL A 146 12.01 -20.87 -4.52
C VAL A 146 11.29 -21.34 -3.24
N ASN A 147 11.70 -22.45 -2.63
CA ASN A 147 10.90 -23.12 -1.58
C ASN A 147 10.79 -22.26 -0.29
N MET A 148 11.86 -21.58 0.13
CA MET A 148 11.80 -20.72 1.35
C MET A 148 10.97 -19.47 1.06
N ILE A 149 11.00 -19.00 -0.18
CA ILE A 149 10.21 -17.81 -0.58
C ILE A 149 8.72 -18.18 -0.65
N ALA A 150 8.38 -19.31 -1.23
CA ALA A 150 6.98 -19.79 -1.23
C ALA A 150 6.50 -20.00 0.21
N LEU A 151 7.35 -20.53 1.10
CA LEU A 151 6.98 -20.72 2.51
C LEU A 151 6.68 -19.36 3.16
N LEU A 152 7.55 -18.37 2.94
CA LEU A 152 7.35 -17.00 3.50
C LEU A 152 6.02 -16.44 2.99
N MET A 153 5.74 -16.62 1.69
CA MET A 153 4.45 -16.22 1.05
C MET A 153 3.25 -16.86 1.78
N GLY A 154 3.43 -18.06 2.31
CA GLY A 154 2.43 -18.78 3.10
C GLY A 154 2.04 -18.05 4.39
N THR A 155 2.81 -17.06 4.84
CA THR A 155 2.50 -16.30 6.09
C THR A 155 1.77 -15.00 5.74
N ALA A 156 1.49 -14.74 4.45
CA ALA A 156 0.83 -13.50 4.00
C ALA A 156 -0.68 -13.72 3.91
N HIS A 157 -1.46 -12.70 4.24
CA HIS A 157 -2.94 -12.65 3.99
C HIS A 157 -3.20 -12.16 2.57
N ARG A 158 -2.56 -11.09 2.19
CA ARG A 158 -2.66 -10.51 0.83
C ARG A 158 -1.26 -10.16 0.36
N ILE A 159 -0.93 -10.55 -0.87
CA ILE A 159 0.39 -10.22 -1.49
C ILE A 159 0.15 -9.21 -2.62
N ASP A 160 0.83 -8.07 -2.56
CA ASP A 160 0.90 -7.12 -3.69
C ASP A 160 2.15 -7.42 -4.52
N THR A 161 3.32 -7.47 -3.87
CA THR A 161 4.63 -7.62 -4.54
C THR A 161 5.52 -8.56 -3.76
N VAL A 162 6.15 -9.50 -4.47
CA VAL A 162 7.30 -10.30 -3.96
C VAL A 162 8.56 -9.80 -4.69
N ARG A 163 9.55 -9.31 -3.92
CA ARG A 163 10.77 -8.71 -4.48
C ARG A 163 11.99 -9.44 -3.89
N GLY A 164 12.88 -9.91 -4.77
CA GLY A 164 14.14 -10.55 -4.38
C GLY A 164 15.32 -9.79 -4.92
N LYS A 165 16.40 -9.81 -4.16
CA LYS A 165 17.69 -9.21 -4.51
C LYS A 165 18.77 -10.20 -4.11
N ALA A 166 19.63 -10.56 -5.07
CA ALA A 166 20.66 -11.60 -4.87
C ALA A 166 21.96 -11.17 -5.52
N SER A 167 23.05 -11.55 -4.88
CA SER A 167 24.43 -11.33 -5.35
C SER A 167 25.20 -12.64 -5.17
N TRP A 168 25.89 -13.08 -6.22
CA TRP A 168 26.89 -14.17 -6.09
C TRP A 168 28.18 -13.79 -6.84
N ASN A 169 29.27 -14.44 -6.43
CA ASN A 169 30.65 -14.19 -6.85
C ASN A 169 31.05 -15.22 -7.93
N VAL A 170 31.28 -14.75 -9.17
CA VAL A 170 31.90 -15.56 -10.25
C VAL A 170 33.06 -16.39 -9.72
N ASP A 171 33.93 -15.82 -8.87
CA ASP A 171 35.19 -16.50 -8.47
C ASP A 171 34.92 -17.61 -7.45
N ASP A 172 33.68 -17.82 -7.02
CA ASP A 172 33.30 -19.01 -6.21
C ASP A 172 33.07 -20.22 -7.12
N PHE A 173 32.99 -20.02 -8.44
CA PHE A 173 32.56 -21.05 -9.44
C PHE A 173 33.61 -21.16 -10.55
N GLY A 174 33.36 -22.04 -11.52
CA GLY A 174 34.36 -22.44 -12.51
C GLY A 174 34.25 -21.66 -13.81
N PRO A 175 35.15 -21.97 -14.78
CA PRO A 175 35.20 -21.26 -16.07
C PRO A 175 33.91 -21.26 -16.89
N GLU A 176 33.11 -22.33 -16.81
CA GLU A 176 31.86 -22.41 -17.61
C GLU A 176 31.01 -21.18 -17.23
N LEU A 177 30.84 -20.90 -15.95
CA LEU A 177 29.91 -19.84 -15.48
C LEU A 177 30.57 -18.47 -15.70
N ALA A 178 31.88 -18.35 -15.43
CA ALA A 178 32.66 -17.09 -15.58
C ALA A 178 32.60 -16.64 -17.03
N THR A 179 32.78 -17.55 -17.97
CA THR A 179 32.70 -17.24 -19.43
C THR A 179 31.26 -16.86 -19.79
N ALA A 180 30.26 -17.55 -19.28
CA ALA A 180 28.84 -17.23 -19.58
C ALA A 180 28.43 -15.87 -18.97
N GLN A 181 29.12 -15.42 -17.94
CA GLN A 181 28.88 -14.11 -17.27
C GLN A 181 29.66 -13.01 -17.99
N GLN A 182 30.35 -13.33 -19.10
CA GLN A 182 31.00 -12.36 -20.00
C GLN A 182 32.17 -11.68 -19.29
N VAL A 183 32.78 -12.34 -18.33
CA VAL A 183 33.92 -11.82 -17.54
C VAL A 183 35.11 -11.60 -18.47
N GLY A 184 35.66 -10.39 -18.46
CA GLY A 184 36.87 -10.01 -19.21
C GLY A 184 36.55 -9.49 -20.59
N ARG A 185 35.27 -9.48 -20.99
CA ARG A 185 34.83 -9.01 -22.31
C ARG A 185 34.84 -7.48 -22.25
N THR A 186 34.83 -6.83 -23.41
CA THR A 186 34.67 -5.36 -23.52
C THR A 186 33.19 -5.07 -23.42
N VAL A 187 32.84 -3.82 -23.07
CA VAL A 187 31.44 -3.33 -23.03
C VAL A 187 30.82 -3.48 -24.44
N ALA A 188 31.57 -3.21 -25.50
CA ALA A 188 31.06 -3.35 -26.89
C ALA A 188 30.74 -4.83 -27.18
N GLU A 189 31.63 -5.75 -26.79
CA GLU A 189 31.37 -7.21 -26.93
C GLU A 189 30.10 -7.57 -26.14
N PHE A 190 29.96 -7.03 -24.93
CA PHE A 190 28.82 -7.33 -24.03
C PHE A 190 27.53 -6.85 -24.70
N ASP A 191 27.53 -5.62 -25.24
CA ASP A 191 26.31 -5.03 -25.81
C ASP A 191 25.85 -5.85 -27.02
N GLU A 192 26.79 -6.35 -27.84
CA GLU A 192 26.43 -7.19 -29.02
C GLU A 192 25.82 -8.50 -28.50
N TRP A 193 26.47 -9.12 -27.52
CA TRP A 193 25.99 -10.40 -26.93
C TRP A 193 24.59 -10.25 -26.33
N VAL A 194 24.38 -9.24 -25.47
CA VAL A 194 23.14 -9.17 -24.64
C VAL A 194 21.94 -8.87 -25.54
N ARG A 195 22.17 -8.23 -26.69
CA ARG A 195 21.11 -7.85 -27.66
C ARG A 195 20.83 -8.99 -28.65
N GLY A 196 21.72 -9.98 -28.70
CA GLY A 196 21.66 -11.17 -29.59
C GLY A 196 20.32 -11.88 -29.53
N ALA A 197 19.92 -12.42 -30.68
CA ALA A 197 18.57 -13.00 -30.92
C ALA A 197 18.36 -14.25 -30.05
N GLN A 198 19.42 -14.97 -29.74
CA GLN A 198 19.36 -16.28 -29.04
C GLN A 198 20.05 -16.19 -27.68
N ARG A 199 20.09 -15.01 -27.06
CA ARG A 199 20.59 -14.87 -25.66
C ARG A 199 19.79 -15.82 -24.78
N PRO A 200 20.42 -16.65 -23.93
CA PRO A 200 19.68 -17.58 -23.09
C PRO A 200 18.74 -16.88 -22.11
N PRO A 201 17.73 -17.61 -21.59
CA PRO A 201 16.86 -17.06 -20.54
C PRO A 201 17.71 -16.76 -19.28
N THR A 202 17.31 -15.75 -18.54
CA THR A 202 17.95 -15.35 -17.26
C THR A 202 17.64 -16.42 -16.22
N PHE A 203 18.57 -16.64 -15.30
CA PHE A 203 18.37 -17.54 -14.13
C PHE A 203 17.08 -17.14 -13.40
N GLY A 204 16.88 -15.84 -13.23
CA GLY A 204 15.76 -15.30 -12.47
C GLY A 204 14.43 -15.56 -13.12
N ARG A 205 14.39 -15.66 -14.46
CA ARG A 205 13.13 -15.96 -15.17
C ARG A 205 12.63 -17.34 -14.72
N ASN A 206 13.54 -18.30 -14.63
CA ASN A 206 13.16 -19.68 -14.21
C ASN A 206 12.70 -19.61 -12.74
N VAL A 207 13.37 -18.79 -11.92
CA VAL A 207 12.96 -18.64 -10.48
C VAL A 207 11.49 -18.17 -10.44
N LEU A 208 11.16 -17.11 -11.14
CA LEU A 208 9.79 -16.51 -11.09
C LEU A 208 8.77 -17.46 -11.74
N ASP A 209 9.14 -18.21 -12.78
CA ASP A 209 8.19 -19.19 -13.39
C ASP A 209 7.81 -20.20 -12.32
N ALA A 210 8.78 -20.66 -11.52
CA ALA A 210 8.55 -21.65 -10.45
C ALA A 210 7.62 -21.06 -9.38
N LEU A 211 7.86 -19.82 -8.94
CA LEU A 211 7.05 -19.21 -7.84
C LEU A 211 5.62 -19.01 -8.34
N VAL A 212 5.47 -18.50 -9.54
CA VAL A 212 4.13 -18.25 -10.18
C VAL A 212 3.38 -19.58 -10.30
N ALA A 213 4.01 -20.62 -10.84
CA ALA A 213 3.39 -21.94 -11.04
C ALA A 213 3.05 -22.54 -9.67
N ASP A 214 3.97 -22.48 -8.70
CA ASP A 214 3.71 -23.04 -7.35
C ASP A 214 2.50 -22.33 -6.70
N THR A 215 2.34 -21.05 -6.94
CA THR A 215 1.24 -20.27 -6.30
C THR A 215 -0.07 -20.52 -7.05
N GLY A 216 0.00 -21.11 -8.25
CA GLY A 216 -1.17 -21.44 -9.08
C GLY A 216 -1.74 -20.19 -9.73
N LEU A 217 -0.90 -19.21 -10.09
CA LEU A 217 -1.36 -17.91 -10.66
C LEU A 217 -1.17 -17.93 -12.19
N THR A 218 -1.64 -16.87 -12.86
CA THR A 218 -1.73 -16.76 -14.33
C THR A 218 -0.88 -15.58 -14.79
N VAL A 219 0.08 -15.84 -15.68
CA VAL A 219 0.95 -14.76 -16.18
C VAL A 219 0.07 -13.75 -16.93
N LYS A 220 0.23 -12.47 -16.61
CA LYS A 220 -0.38 -11.34 -17.36
C LYS A 220 0.71 -10.70 -18.21
N SER A 221 1.91 -10.52 -17.66
CA SER A 221 3.00 -9.76 -18.30
C SER A 221 4.36 -10.27 -17.80
N ILE A 222 5.34 -10.42 -18.70
CA ILE A 222 6.74 -10.78 -18.36
C ILE A 222 7.65 -9.69 -18.95
N THR A 223 8.50 -9.08 -18.13
CA THR A 223 9.55 -8.11 -18.55
C THR A 223 10.89 -8.50 -17.94
N THR A 224 11.97 -7.97 -18.52
CA THR A 224 13.36 -8.36 -18.19
C THR A 224 14.30 -7.25 -18.68
N ALA A 225 15.42 -7.07 -18.00
CA ALA A 225 16.50 -6.17 -18.42
C ALA A 225 17.82 -6.64 -17.80
N THR A 226 18.92 -6.36 -18.46
CA THR A 226 20.26 -6.78 -18.05
C THR A 226 21.22 -5.63 -18.32
N ARG A 227 22.13 -5.39 -17.39
CA ARG A 227 23.23 -4.41 -17.57
C ARG A 227 24.53 -5.10 -17.15
N PRO A 228 25.67 -4.72 -17.77
CA PRO A 228 26.94 -5.30 -17.39
C PRO A 228 27.36 -4.75 -16.02
N ASP A 229 28.11 -5.56 -15.28
CA ASP A 229 28.84 -5.10 -14.08
C ASP A 229 30.25 -4.78 -14.54
N ILE A 230 30.76 -3.62 -14.12
CA ILE A 230 32.02 -3.04 -14.65
C ILE A 230 33.05 -3.00 -13.53
N ALA A 231 34.30 -3.37 -13.81
CA ALA A 231 35.44 -3.17 -12.90
C ALA A 231 35.67 -1.67 -12.67
N SER A 232 35.62 -1.22 -11.42
CA SER A 232 35.85 0.19 -11.02
C SER A 232 37.35 0.47 -10.88
N ALA A 233 38.17 -0.57 -10.79
CA ALA A 233 39.64 -0.54 -10.65
C ALA A 233 40.19 -1.88 -11.12
N ALA A 234 41.53 -2.00 -11.24
CA ALA A 234 42.19 -3.27 -11.62
C ALA A 234 41.78 -4.38 -10.63
N MET A 235 41.38 -5.52 -11.17
CA MET A 235 40.97 -6.74 -10.40
C MET A 235 41.57 -7.95 -11.08
N ARG A 236 41.36 -9.12 -10.50
CA ARG A 236 41.79 -10.42 -11.03
C ARG A 236 40.59 -11.36 -10.88
N SER A 237 40.31 -12.18 -11.89
CA SER A 237 39.34 -13.30 -11.79
C SER A 237 40.13 -14.57 -11.58
N GLU A 238 40.04 -15.16 -10.39
CA GLU A 238 40.62 -16.49 -10.10
C GLU A 238 39.93 -17.55 -10.96
N ALA A 239 38.65 -17.38 -11.30
CA ALA A 239 37.92 -18.42 -12.07
C ALA A 239 38.55 -18.56 -13.48
N LEU A 240 38.97 -17.47 -14.11
CA LEU A 240 39.55 -17.51 -15.48
C LEU A 240 41.07 -17.32 -15.47
N GLY A 241 41.67 -17.04 -14.32
CA GLY A 241 43.10 -16.70 -14.20
C GLY A 241 43.47 -15.55 -15.12
N ILE A 242 42.67 -14.47 -15.14
CA ILE A 242 42.95 -13.28 -15.99
C ILE A 242 42.94 -12.02 -15.13
N ASP A 243 43.74 -11.04 -15.54
CA ASP A 243 43.69 -9.66 -15.00
C ASP A 243 42.52 -8.93 -15.68
N LEU A 244 41.82 -8.12 -14.92
CA LEU A 244 40.70 -7.28 -15.39
C LEU A 244 41.10 -5.83 -15.17
N ALA A 245 41.03 -5.01 -16.22
CA ALA A 245 41.38 -3.57 -16.18
C ALA A 245 40.13 -2.79 -15.81
N PRO A 246 40.28 -1.61 -15.16
CA PRO A 246 39.18 -0.69 -14.96
C PRO A 246 38.39 -0.59 -16.26
N GLY A 247 37.05 -0.72 -16.20
CA GLY A 247 36.18 -0.62 -17.38
C GLY A 247 35.88 -1.98 -18.01
N ASP A 248 36.64 -3.03 -17.72
CA ASP A 248 36.33 -4.41 -18.21
C ASP A 248 35.00 -4.90 -17.63
N VAL A 249 34.29 -5.72 -18.37
CA VAL A 249 33.04 -6.38 -17.86
C VAL A 249 33.46 -7.47 -16.87
N ILE A 250 32.82 -7.51 -15.71
CA ILE A 250 33.17 -8.51 -14.65
C ILE A 250 31.94 -9.38 -14.30
N GLY A 251 30.87 -9.27 -15.08
CA GLY A 251 29.64 -10.02 -14.84
C GLY A 251 28.46 -9.23 -15.30
N PHE A 252 27.28 -9.55 -14.80
CA PHE A 252 26.09 -8.77 -15.15
C PHE A 252 25.03 -8.93 -14.07
N THR A 253 24.08 -7.99 -14.14
CA THR A 253 22.90 -7.90 -13.26
C THR A 253 21.66 -7.99 -14.15
N ASP A 254 20.78 -8.93 -13.84
CA ASP A 254 19.45 -9.09 -14.47
C ASP A 254 18.40 -8.56 -13.50
N ILE A 255 17.27 -8.08 -14.03
CA ILE A 255 16.01 -7.84 -13.30
C ILE A 255 14.89 -8.44 -14.13
N ASP A 256 14.13 -9.34 -13.52
CA ASP A 256 13.00 -10.05 -14.13
C ASP A 256 11.75 -9.71 -13.33
N ARG A 257 10.63 -9.61 -14.04
CA ARG A 257 9.34 -9.20 -13.45
C ARG A 257 8.22 -9.98 -14.13
N ILE A 258 7.35 -10.57 -13.33
CA ILE A 258 6.12 -11.24 -13.81
C ILE A 258 4.93 -10.65 -13.06
N GLU A 259 4.00 -10.05 -13.80
CA GLU A 259 2.67 -9.65 -13.27
C GLU A 259 1.70 -10.80 -13.49
N THR A 260 0.87 -11.08 -12.51
CA THR A 260 -0.18 -12.12 -12.62
C THR A 260 -1.52 -11.45 -12.86
N GLU A 261 -2.44 -12.18 -13.51
CA GLU A 261 -3.84 -11.71 -13.69
C GLU A 261 -4.44 -11.49 -12.29
N GLU A 262 -4.12 -12.35 -11.32
CA GLU A 262 -4.78 -12.37 -9.99
C GLU A 262 -4.30 -11.19 -9.10
N GLY A 263 -3.25 -10.46 -9.46
CA GLY A 263 -2.81 -9.26 -8.71
C GLY A 263 -1.34 -9.29 -8.26
N PRO A 264 -0.86 -10.35 -7.57
CA PRO A 264 0.55 -10.39 -7.15
C PRO A 264 1.51 -10.17 -8.31
N VAL A 265 2.53 -9.36 -8.05
CA VAL A 265 3.68 -9.08 -8.95
C VAL A 265 4.93 -9.68 -8.31
N PHE A 266 5.76 -10.32 -9.14
CA PHE A 266 7.04 -10.92 -8.72
C PHE A 266 8.16 -10.19 -9.42
N GLU A 267 9.21 -9.85 -8.67
CA GLU A 267 10.39 -9.14 -9.22
C GLU A 267 11.65 -9.70 -8.57
N PHE A 268 12.68 -9.95 -9.38
CA PHE A 268 13.95 -10.56 -8.90
C PHE A 268 15.13 -9.91 -9.62
N GLU A 269 16.02 -9.31 -8.85
CA GLU A 269 17.27 -8.72 -9.37
C GLU A 269 18.43 -9.58 -8.88
N MET A 270 19.28 -10.02 -9.83
CA MET A 270 20.38 -10.95 -9.55
C MET A 270 21.65 -10.44 -10.22
N SER A 271 22.71 -10.28 -9.45
CA SER A 271 24.04 -9.96 -9.97
C SER A 271 24.96 -11.16 -9.75
N GLY A 272 25.63 -11.56 -10.83
CA GLY A 272 26.70 -12.55 -10.82
C GLY A 272 27.95 -11.91 -11.38
N ARG A 273 28.94 -11.67 -10.53
CA ARG A 273 30.13 -10.88 -10.94
C ARG A 273 31.36 -11.27 -10.12
N VAL A 274 32.53 -10.92 -10.62
CA VAL A 274 33.78 -11.05 -9.86
C VAL A 274 33.73 -10.04 -8.70
N TYR A 275 33.95 -10.50 -7.47
CA TYR A 275 33.98 -9.63 -6.27
C TYR A 275 35.39 -9.05 -6.08
N GLY A 276 35.43 -7.82 -5.61
CA GLY A 276 36.64 -7.25 -5.00
C GLY A 276 36.63 -7.53 -3.51
N PRO A 277 37.72 -7.18 -2.79
CA PRO A 277 37.79 -7.38 -1.34
C PRO A 277 36.61 -6.73 -0.61
N GLY A 278 36.10 -7.38 0.44
CA GLY A 278 35.03 -6.84 1.30
C GLY A 278 33.63 -7.18 0.81
N GLU A 279 33.43 -7.60 -0.45
CA GLU A 279 32.06 -7.87 -0.98
C GLU A 279 31.59 -9.23 -0.48
N GLY A 280 30.30 -9.38 -0.24
CA GLY A 280 29.70 -10.64 0.21
C GLY A 280 28.40 -10.92 -0.53
N ASP A 281 28.04 -12.18 -0.63
CA ASP A 281 26.76 -12.62 -1.22
C ASP A 281 25.59 -12.07 -0.40
N ILE A 282 24.47 -11.87 -1.06
CA ILE A 282 23.22 -11.48 -0.39
C ILE A 282 22.04 -12.28 -0.93
N ASN A 283 21.08 -12.48 -0.05
CA ASN A 283 19.74 -13.01 -0.37
C ASN A 283 18.72 -12.21 0.45
N GLU A 284 18.07 -11.23 -0.16
CA GLU A 284 17.15 -10.29 0.55
C GLU A 284 15.82 -10.27 -0.19
N TRP A 285 14.77 -10.67 0.50
CA TRP A 285 13.41 -10.75 -0.07
C TRP A 285 12.44 -9.92 0.77
N THR A 286 11.59 -9.17 0.09
CA THR A 286 10.51 -8.37 0.69
C THR A 286 9.19 -8.84 0.07
N ILE A 287 8.19 -9.00 0.91
CA ILE A 287 6.77 -9.12 0.46
C ILE A 287 6.03 -7.86 0.91
N GLU A 288 5.51 -7.10 -0.04
CA GLU A 288 4.61 -5.95 0.22
C GLU A 288 3.18 -6.47 0.14
N GLY A 289 2.41 -6.25 1.20
CA GLY A 289 1.01 -6.67 1.25
C GLY A 289 0.51 -6.57 2.66
N GLU A 290 -0.34 -7.50 3.06
CA GLU A 290 -0.82 -7.64 4.45
C GLU A 290 -0.31 -8.98 4.95
N PRO A 291 0.71 -9.02 5.85
CA PRO A 291 1.47 -7.85 6.26
C PRO A 291 2.66 -7.66 5.32
N ASN A 292 3.50 -6.66 5.58
CA ASN A 292 4.84 -6.55 4.92
C ASN A 292 5.80 -7.54 5.61
N LEU A 293 6.56 -8.29 4.80
CA LEU A 293 7.48 -9.33 5.32
C LEU A 293 8.86 -9.11 4.75
N PHE A 294 9.86 -9.55 5.50
CA PHE A 294 11.29 -9.45 5.14
C PHE A 294 12.00 -10.78 5.44
N LEU A 295 12.94 -11.15 4.60
CA LEU A 295 13.84 -12.31 4.81
C LEU A 295 15.22 -11.93 4.29
N SER A 296 16.23 -12.22 5.10
CA SER A 296 17.66 -12.03 4.77
C SER A 296 18.41 -13.27 5.27
N ASN A 297 19.48 -13.63 4.57
CA ASN A 297 20.33 -14.79 4.97
C ASN A 297 21.75 -14.31 5.24
N GLY A 298 21.93 -13.02 5.55
CA GLY A 298 23.26 -12.47 5.84
C GLY A 298 24.22 -12.77 4.69
N THR A 299 25.48 -13.09 4.97
CA THR A 299 26.47 -13.46 3.90
C THR A 299 26.23 -14.92 3.56
N VAL A 300 25.25 -15.16 2.70
CA VAL A 300 24.71 -16.52 2.44
C VAL A 300 25.77 -17.36 1.74
N PRO A 301 26.02 -18.61 2.20
CA PRO A 301 27.03 -19.48 1.58
C PRO A 301 26.56 -20.12 0.27
N THR A 302 26.50 -19.33 -0.81
CA THR A 302 25.94 -19.76 -2.12
C THR A 302 26.70 -21.00 -2.61
N GLN A 303 28.01 -20.96 -2.64
CA GLN A 303 28.86 -22.04 -3.17
C GLN A 303 28.56 -23.34 -2.42
N THR A 304 28.62 -23.34 -1.09
CA THR A 304 28.47 -24.59 -0.34
C THR A 304 27.05 -25.11 -0.53
N THR A 305 26.02 -24.26 -0.42
CA THR A 305 24.60 -24.71 -0.44
C THR A 305 24.17 -25.04 -1.88
N THR A 306 24.89 -24.60 -2.90
CA THR A 306 24.69 -25.15 -4.26
C THR A 306 24.87 -26.68 -4.19
N CYS A 307 25.94 -27.10 -3.55
CA CYS A 307 26.44 -28.51 -3.56
C CYS A 307 25.62 -29.34 -2.55
N THR A 308 25.39 -28.81 -1.34
CA THR A 308 24.61 -29.52 -0.28
C THR A 308 23.19 -29.75 -0.78
N GLN A 309 22.60 -28.80 -1.50
CA GLN A 309 21.19 -28.98 -1.94
C GLN A 309 21.11 -30.09 -2.99
N MET A 310 22.00 -30.10 -3.99
CA MET A 310 21.99 -31.18 -5.01
C MET A 310 22.20 -32.52 -4.31
N VAL A 311 23.15 -32.62 -3.39
CA VAL A 311 23.44 -33.89 -2.67
C VAL A 311 22.21 -34.32 -1.86
N ASN A 312 21.65 -33.41 -1.06
CA ASN A 312 20.55 -33.73 -0.12
C ASN A 312 19.29 -34.04 -0.94
N ARG A 313 19.24 -33.64 -2.22
CA ARG A 313 18.11 -33.97 -3.12
C ARG A 313 18.21 -35.41 -3.68
N ILE A 314 19.34 -36.08 -3.63
CA ILE A 314 19.54 -37.35 -4.38
C ILE A 314 18.50 -38.38 -3.93
N PRO A 315 18.25 -38.62 -2.63
CA PRO A 315 17.23 -39.60 -2.23
C PRO A 315 15.83 -39.22 -2.73
N ASP A 316 15.52 -37.92 -2.76
CA ASP A 316 14.21 -37.40 -3.21
C ASP A 316 14.05 -37.74 -4.67
N VAL A 317 15.11 -37.54 -5.49
CA VAL A 317 15.02 -37.66 -6.96
C VAL A 317 14.93 -39.16 -7.29
N ILE A 318 15.66 -40.01 -6.59
CA ILE A 318 15.54 -41.48 -6.80
C ILE A 318 14.11 -41.92 -6.49
N ALA A 319 13.57 -41.51 -5.34
CA ALA A 319 12.21 -41.90 -4.86
C ALA A 319 11.09 -41.24 -5.66
N ALA A 320 11.33 -40.19 -6.45
CA ALA A 320 10.27 -39.37 -7.10
C ALA A 320 9.70 -40.11 -8.30
N PRO A 321 8.50 -39.72 -8.79
CA PRO A 321 7.96 -40.27 -10.04
C PRO A 321 8.87 -40.00 -11.24
N PRO A 322 8.82 -40.86 -12.28
CA PRO A 322 9.62 -40.64 -13.49
C PRO A 322 9.14 -39.37 -14.20
N GLY A 323 10.03 -38.78 -15.00
CA GLY A 323 9.79 -37.51 -15.69
C GLY A 323 10.68 -36.39 -15.14
N ILE A 324 10.51 -35.19 -15.69
CA ILE A 324 11.06 -33.94 -15.09
C ILE A 324 10.24 -33.67 -13.83
N VAL A 325 10.87 -33.73 -12.66
CA VAL A 325 10.21 -33.36 -11.38
C VAL A 325 10.94 -32.12 -10.83
N THR A 326 10.26 -30.99 -10.76
CA THR A 326 10.78 -29.70 -10.25
C THR A 326 10.71 -29.66 -8.72
N VAL A 327 11.62 -28.91 -8.12
CA VAL A 327 11.91 -28.96 -6.66
C VAL A 327 10.72 -28.42 -5.83
N ASP A 328 9.89 -27.56 -6.39
CA ASP A 328 8.63 -27.09 -5.75
C ASP A 328 7.68 -28.27 -5.51
N ARG A 329 7.80 -29.37 -6.25
CA ARG A 329 6.89 -30.55 -6.18
C ARG A 329 7.50 -31.65 -5.32
N LEU A 330 8.78 -31.54 -4.92
CA LEU A 330 9.44 -32.60 -4.12
C LEU A 330 9.07 -32.41 -2.65
N PRO A 331 9.18 -33.45 -1.80
CA PRO A 331 8.98 -33.25 -0.36
C PRO A 331 9.99 -32.23 0.17
N ARG A 332 9.74 -31.73 1.38
CA ARG A 332 10.61 -30.71 2.00
C ARG A 332 12.04 -31.22 2.02
N LEU A 333 12.98 -30.38 1.62
CA LEU A 333 14.41 -30.68 1.75
C LEU A 333 14.72 -30.87 3.24
N ARG A 334 15.48 -31.93 3.57
CA ARG A 334 15.79 -32.24 4.98
C ARG A 334 17.27 -32.62 5.12
N TYR A 335 17.76 -32.34 6.31
CA TYR A 335 19.10 -32.69 6.83
C TYR A 335 19.15 -34.22 6.96
N ARG A 336 20.12 -34.86 6.29
CA ARG A 336 20.37 -36.30 6.39
C ARG A 336 21.88 -36.52 6.48
N PRO A 337 22.42 -36.83 7.67
CA PRO A 337 23.82 -37.28 7.78
C PRO A 337 24.18 -38.49 6.90
N GLN A 338 23.26 -39.44 6.67
CA GLN A 338 23.60 -40.74 6.02
C GLN A 338 22.54 -41.12 4.98
N PHE A 339 22.92 -41.77 3.87
CA PHE A 339 22.05 -42.08 2.69
C PHE A 339 21.69 -43.58 2.59
N HIS B 4 12.45 19.12 14.61
CA HIS B 4 13.40 20.24 14.87
C HIS B 4 13.73 21.03 13.59
N HIS B 5 13.71 20.42 12.40
CA HIS B 5 14.39 20.89 11.16
C HIS B 5 13.77 22.19 10.61
N SER B 6 12.52 22.51 10.98
CA SER B 6 11.78 23.68 10.47
C SER B 6 12.18 24.93 11.25
N ASP B 7 12.08 26.11 10.63
CA ASP B 7 12.17 27.43 11.29
C ASP B 7 10.98 27.64 12.25
N ILE B 8 9.85 26.94 12.02
CA ILE B 8 8.58 27.29 12.71
C ILE B 8 8.68 26.84 14.16
N ARG B 9 8.37 27.77 15.07
CA ARG B 9 8.34 27.50 16.53
C ARG B 9 6.87 27.66 16.95
N ALA B 10 6.30 26.60 17.51
CA ALA B 10 4.87 26.52 17.85
C ALA B 10 4.68 26.28 19.34
N VAL B 11 3.62 26.87 19.90
CA VAL B 11 3.09 26.48 21.24
C VAL B 11 1.81 25.70 21.02
N VAL B 12 1.70 24.49 21.58
CA VAL B 12 0.45 23.69 21.42
C VAL B 12 -0.43 24.07 22.62
N TYR B 13 -1.53 24.75 22.31
CA TYR B 13 -2.45 25.38 23.26
C TYR B 13 -3.64 24.43 23.45
N GLY B 14 -3.66 23.74 24.60
CA GLY B 14 -4.53 22.59 24.86
C GLY B 14 -3.81 21.32 24.43
N VAL B 15 -3.97 20.28 25.22
CA VAL B 15 -3.33 18.96 24.97
C VAL B 15 -4.39 17.91 25.18
N GLY B 16 -5.50 18.03 24.42
CA GLY B 16 -6.59 17.03 24.48
C GLY B 16 -6.51 16.09 23.31
N ALA B 17 -7.65 15.52 22.93
CA ALA B 17 -7.72 14.48 21.89
C ALA B 17 -7.10 14.99 20.59
N MET B 18 -7.46 16.19 20.15
CA MET B 18 -7.01 16.70 18.81
C MET B 18 -5.55 17.17 18.89
N ASN B 19 -5.18 18.01 19.86
CA ASN B 19 -3.77 18.51 19.91
C ASN B 19 -2.79 17.36 20.19
N SER B 20 -3.23 16.26 20.78
CA SER B 20 -2.32 15.10 20.95
C SER B 20 -1.96 14.56 19.56
N ILE B 21 -2.92 14.49 18.64
CA ILE B 21 -2.67 14.01 17.25
C ILE B 21 -1.83 15.08 16.54
N VAL B 22 -2.24 16.34 16.65
CA VAL B 22 -1.56 17.49 15.99
C VAL B 22 -0.09 17.53 16.41
N ALA B 23 0.21 17.35 17.70
CA ALA B 23 1.59 17.43 18.24
C ALA B 23 2.49 16.45 17.48
N GLY B 24 2.05 15.20 17.30
CA GLY B 24 2.80 14.17 16.56
C GLY B 24 2.99 14.55 15.11
N MET B 25 1.98 15.15 14.47
CA MET B 25 2.09 15.60 13.06
C MET B 25 3.08 16.78 12.99
N LEU B 26 3.04 17.71 13.96
CA LEU B 26 3.99 18.87 13.97
C LEU B 26 5.43 18.31 13.99
N LEU B 27 5.70 17.34 14.85
CA LEU B 27 7.05 16.71 14.97
C LEU B 27 7.43 16.05 13.64
N ASP B 28 6.52 15.33 12.99
CA ASP B 28 6.75 14.68 11.66
C ASP B 28 7.14 15.71 10.62
N LYS B 29 6.58 16.92 10.66
CA LYS B 29 6.87 17.96 9.65
C LYS B 29 8.16 18.71 9.98
N GLY B 30 8.74 18.48 11.16
CA GLY B 30 9.98 19.15 11.63
C GLY B 30 9.71 20.45 12.38
N VAL B 31 8.46 20.73 12.73
CA VAL B 31 8.09 21.95 13.51
C VAL B 31 8.69 21.82 14.92
N GLN B 32 9.18 22.92 15.47
CA GLN B 32 9.70 22.96 16.85
C GLN B 32 8.56 23.30 17.81
N ILE B 33 8.16 22.35 18.65
CA ILE B 33 7.22 22.62 19.76
C ILE B 33 8.05 23.23 20.92
N VAL B 34 7.80 24.49 21.26
CA VAL B 34 8.59 25.24 22.27
C VAL B 34 7.74 25.53 23.51
N GLY B 35 6.45 25.16 23.47
CA GLY B 35 5.59 25.29 24.66
C GLY B 35 4.35 24.45 24.56
N ALA B 36 3.67 24.22 25.68
CA ALA B 36 2.42 23.45 25.73
C ALA B 36 1.61 23.90 26.94
N ILE B 37 0.33 24.17 26.72
CA ILE B 37 -0.59 24.71 27.75
C ILE B 37 -1.73 23.70 28.00
N ALA B 38 -1.95 23.37 29.26
CA ALA B 38 -3.08 22.53 29.72
C ALA B 38 -3.74 23.17 30.94
N ARG B 39 -4.70 22.50 31.53
CA ARG B 39 -5.50 23.04 32.67
C ARG B 39 -5.42 22.06 33.85
N SER B 40 -5.49 20.75 33.60
CA SER B 40 -5.56 19.67 34.63
C SER B 40 -4.22 19.58 35.37
N PRO B 41 -4.21 19.67 36.71
CA PRO B 41 -3.00 19.43 37.52
C PRO B 41 -2.23 18.13 37.16
N GLN B 42 -2.95 17.05 36.84
CA GLN B 42 -2.39 15.75 36.36
C GLN B 42 -1.41 15.99 35.19
N LYS B 43 -1.74 16.91 34.27
CA LYS B 43 -0.97 17.15 33.02
C LYS B 43 0.14 18.17 33.26
N VAL B 44 -0.18 19.20 34.04
CA VAL B 44 0.67 20.40 34.28
C VAL B 44 1.94 19.91 34.97
N GLY B 45 3.11 20.39 34.54
CA GLY B 45 4.40 19.99 35.13
C GLY B 45 5.04 18.83 34.38
N GLN B 46 4.26 17.97 33.72
CA GLN B 46 4.83 16.84 32.94
C GLN B 46 5.62 17.37 31.74
N ASP B 47 6.57 16.58 31.24
CA ASP B 47 7.17 16.81 29.89
C ASP B 47 6.13 16.42 28.83
N LEU B 48 5.95 17.24 27.79
CA LEU B 48 4.96 16.96 26.70
C LEU B 48 5.19 15.58 26.07
N GLY B 49 6.44 15.23 25.78
CA GLY B 49 6.81 13.91 25.22
C GLY B 49 6.31 12.75 26.08
N ASP B 50 6.43 12.86 27.40
CA ASP B 50 5.93 11.86 28.37
C ASP B 50 4.41 11.83 28.32
N LEU B 51 3.78 13.00 28.33
CA LEU B 51 2.31 13.16 28.38
C LEU B 51 1.70 12.54 27.12
N LEU B 52 2.41 12.57 25.98
CA LEU B 52 1.96 11.99 24.69
C LEU B 52 2.47 10.54 24.51
N GLY B 53 3.30 10.01 25.42
CA GLY B 53 3.78 8.62 25.37
C GLY B 53 4.71 8.35 24.20
N LEU B 54 5.53 9.33 23.82
CA LEU B 54 6.48 9.20 22.68
C LEU B 54 7.71 8.37 23.06
N GLY B 55 8.00 8.19 24.35
CA GLY B 55 9.18 7.44 24.81
C GLY B 55 10.46 8.24 24.69
N ARG B 56 10.47 9.37 23.97
CA ARG B 56 11.51 10.44 24.10
C ARG B 56 10.87 11.65 24.77
N GLN B 57 11.56 12.25 25.76
CA GLN B 57 11.17 13.55 26.37
C GLN B 57 11.45 14.64 25.33
N LEU B 58 10.72 15.76 25.37
CA LEU B 58 10.85 16.86 24.37
C LEU B 58 11.67 18.01 24.97
N GLY B 59 11.82 18.04 26.29
CA GLY B 59 12.39 19.20 27.00
C GLY B 59 11.43 20.39 26.98
N VAL B 60 10.12 20.12 26.97
CA VAL B 60 9.05 21.16 27.07
C VAL B 60 8.12 20.73 28.20
N ALA B 61 8.03 21.54 29.24
CA ALA B 61 7.23 21.25 30.46
C ALA B 61 5.83 21.85 30.28
N VAL B 62 4.79 21.04 30.35
CA VAL B 62 3.39 21.53 30.18
C VAL B 62 3.12 22.55 31.30
N SER B 63 2.58 23.69 30.92
CA SER B 63 2.30 24.86 31.78
C SER B 63 0.79 25.11 31.81
N ASP B 64 0.31 25.78 32.85
CA ASP B 64 -1.11 26.21 32.93
C ASP B 64 -1.17 27.71 32.71
N ASP B 65 -0.08 28.34 32.25
CA ASP B 65 0.04 29.82 32.21
C ASP B 65 0.39 30.26 30.80
N ALA B 66 -0.65 30.50 29.98
CA ALA B 66 -0.50 30.79 28.53
C ALA B 66 0.34 32.05 28.35
N ALA B 67 0.01 33.13 29.08
CA ALA B 67 0.69 34.43 28.96
C ALA B 67 2.20 34.24 29.17
N GLU B 68 2.53 33.49 30.23
CA GLU B 68 3.94 33.23 30.63
C GLU B 68 4.65 32.49 29.50
N VAL B 69 4.01 31.45 28.95
CA VAL B 69 4.64 30.62 27.89
C VAL B 69 4.90 31.50 26.65
N LEU B 70 3.94 32.33 26.26
CA LEU B 70 4.10 33.18 25.03
C LEU B 70 5.20 34.21 25.26
N GLU B 71 5.19 34.87 26.44
CA GLU B 71 6.22 35.91 26.77
C GLU B 71 7.61 35.25 26.79
N GLN B 72 7.70 34.01 27.28
CA GLN B 72 9.00 33.30 27.44
C GLN B 72 9.51 32.75 26.10
N THR B 73 8.64 32.38 25.15
CA THR B 73 9.07 31.62 23.94
C THR B 73 8.88 32.42 22.64
N HIS B 74 8.03 33.46 22.60
CA HIS B 74 7.76 34.27 21.37
C HIS B 74 7.62 33.35 20.16
N PRO B 75 6.62 32.44 20.12
CA PRO B 75 6.51 31.48 19.02
C PRO B 75 5.99 32.15 17.76
N ASP B 76 6.20 31.52 16.60
CA ASP B 76 5.62 31.96 15.31
C ASP B 76 4.10 31.70 15.29
N ILE B 77 3.65 30.70 16.06
CA ILE B 77 2.24 30.21 15.98
C ILE B 77 1.84 29.54 17.29
N ALA B 78 0.63 29.87 17.75
CA ALA B 78 -0.12 29.10 18.76
C ALA B 78 -1.11 28.18 18.02
N VAL B 79 -1.10 26.89 18.34
CA VAL B 79 -1.93 25.84 17.68
C VAL B 79 -2.99 25.44 18.70
N ILE B 80 -4.22 25.93 18.54
CA ILE B 80 -5.23 25.90 19.63
C ILE B 80 -6.27 24.81 19.34
N ALA B 81 -6.42 23.88 20.27
CA ALA B 81 -7.52 22.90 20.28
C ALA B 81 -8.07 22.85 21.70
N VAL B 82 -8.87 23.84 22.09
CA VAL B 82 -9.44 23.85 23.47
C VAL B 82 -10.96 23.96 23.46
N ASN B 83 -11.55 24.92 22.73
CA ASN B 83 -13.03 25.12 22.78
C ASN B 83 -13.54 25.58 21.40
N SER B 84 -14.85 25.84 21.29
CA SER B 84 -15.59 25.96 19.99
C SER B 84 -16.06 27.39 19.75
N TYR B 85 -16.69 28.00 20.76
CA TYR B 85 -17.49 29.24 20.62
C TYR B 85 -16.68 30.44 21.08
N LEU B 86 -16.77 31.56 20.36
CA LEU B 86 -15.98 32.79 20.63
C LEU B 86 -16.19 33.27 22.08
N THR B 87 -17.39 33.03 22.61
CA THR B 87 -17.79 33.38 24.00
C THR B 87 -16.77 32.75 24.95
N ASP B 88 -16.30 31.54 24.65
CA ASP B 88 -15.23 30.83 25.41
C ASP B 88 -13.86 31.17 24.81
N ALA B 89 -13.71 31.10 23.49
CA ALA B 89 -12.42 31.09 22.78
C ALA B 89 -11.76 32.47 22.86
N VAL B 90 -12.55 33.52 23.06
CA VAL B 90 -12.00 34.90 23.13
C VAL B 90 -10.93 34.95 24.24
N GLU B 91 -11.08 34.18 25.31
CA GLU B 91 -10.09 34.17 26.43
C GLU B 91 -8.71 33.76 25.88
N GLN B 92 -8.60 32.66 25.15
CA GLN B 92 -7.27 32.18 24.65
C GLN B 92 -6.83 33.06 23.47
N LEU B 93 -7.77 33.50 22.62
CA LEU B 93 -7.41 34.29 21.41
C LEU B 93 -6.94 35.71 21.85
N ARG B 94 -7.50 36.26 22.94
CA ARG B 94 -7.06 37.57 23.49
C ARG B 94 -5.59 37.46 23.93
N ILE B 95 -5.25 36.41 24.66
CA ILE B 95 -3.85 36.19 25.16
C ILE B 95 -2.91 36.12 23.95
N CYS B 96 -3.29 35.43 22.87
CA CYS B 96 -2.43 35.30 21.66
C CYS B 96 -2.26 36.66 20.99
N ALA B 97 -3.37 37.34 20.70
CA ALA B 97 -3.39 38.64 19.98
C ALA B 97 -2.68 39.72 20.84
N GLU B 98 -2.91 39.75 22.15
CA GLU B 98 -2.23 40.71 23.10
C GLU B 98 -0.71 40.62 22.93
N HIS B 99 -0.19 39.40 22.79
CA HIS B 99 1.25 39.09 22.71
C HIS B 99 1.75 39.12 21.27
N GLY B 100 0.94 39.59 20.31
CA GLY B 100 1.31 39.59 18.87
C GLY B 100 1.58 38.18 18.33
N VAL B 101 0.96 37.14 18.91
CA VAL B 101 1.22 35.72 18.48
C VAL B 101 0.13 35.28 17.49
N ASN B 102 0.54 34.87 16.29
CA ASN B 102 -0.35 34.19 15.31
C ASN B 102 -1.03 32.99 15.95
N ALA B 103 -2.31 32.76 15.65
CA ALA B 103 -3.06 31.63 16.21
C ALA B 103 -3.86 30.95 15.09
N VAL B 104 -3.71 29.64 14.99
CA VAL B 104 -4.58 28.75 14.19
C VAL B 104 -5.37 27.94 15.22
N THR B 105 -6.69 27.84 15.08
CA THR B 105 -7.56 27.24 16.11
C THR B 105 -8.61 26.36 15.45
N LEU B 106 -8.98 25.28 16.15
CA LEU B 106 -10.07 24.37 15.74
C LEU B 106 -11.41 24.96 16.13
N SER B 107 -11.47 26.08 16.88
CA SER B 107 -12.76 26.69 17.28
C SER B 107 -13.69 26.78 16.06
N GLU B 108 -14.81 26.07 16.09
CA GLU B 108 -15.69 25.92 14.89
C GLU B 108 -16.29 27.27 14.55
N GLU B 109 -16.60 28.10 15.56
CA GLU B 109 -17.19 29.42 15.30
C GLU B 109 -16.17 30.32 14.61
N MET B 110 -14.88 30.11 14.85
CA MET B 110 -13.82 30.95 14.26
C MET B 110 -13.68 30.66 12.76
N LEU B 111 -14.33 29.63 12.22
CA LEU B 111 -14.30 29.38 10.76
C LEU B 111 -14.76 30.64 10.02
N TYR B 112 -15.79 31.30 10.53
CA TYR B 112 -16.33 32.57 9.96
C TYR B 112 -17.17 33.22 11.04
N PRO B 113 -16.57 33.99 11.98
CA PRO B 113 -17.31 34.45 13.15
C PRO B 113 -18.01 35.83 13.04
N TRP B 114 -17.83 36.54 11.94
CA TRP B 114 -18.23 37.96 11.79
C TRP B 114 -19.73 38.15 12.07
N GLU B 115 -20.60 37.23 11.64
CA GLU B 115 -22.06 37.43 11.78
C GLU B 115 -22.54 36.87 13.12
N THR B 116 -22.03 35.73 13.58
CA THR B 116 -22.53 35.08 14.81
C THR B 116 -21.99 35.80 16.07
N SER B 117 -20.80 36.40 16.00
CA SER B 117 -20.14 37.07 17.15
C SER B 117 -19.48 38.35 16.67
N PRO B 118 -20.29 39.32 16.18
CA PRO B 118 -19.72 40.51 15.54
C PRO B 118 -18.86 41.37 16.49
N GLU B 119 -19.25 41.51 17.77
CA GLU B 119 -18.55 42.39 18.75
C GLU B 119 -17.19 41.77 19.10
N LEU B 120 -17.19 40.49 19.47
CA LEU B 120 -15.97 39.72 19.82
C LEU B 120 -15.06 39.63 18.59
N SER B 121 -15.63 39.48 17.39
CA SER B 121 -14.86 39.43 16.13
C SER B 121 -14.16 40.77 15.89
N ALA B 122 -14.90 41.87 16.00
CA ALA B 122 -14.35 43.24 15.73
C ALA B 122 -13.22 43.48 16.73
N GLU B 123 -13.44 43.15 18.00
CA GLU B 123 -12.47 43.40 19.10
C GLU B 123 -11.19 42.62 18.77
N LEU B 124 -11.31 41.32 18.46
CA LEU B 124 -10.13 40.45 18.22
C LEU B 124 -9.41 40.88 16.95
N ASP B 125 -10.15 41.26 15.91
CA ASP B 125 -9.56 41.72 14.62
C ASP B 125 -8.73 43.00 14.88
N ALA B 126 -9.27 43.96 15.63
CA ALA B 126 -8.60 45.25 15.97
C ALA B 126 -7.34 44.97 16.78
N LEU B 127 -7.44 44.14 17.81
CA LEU B 127 -6.31 43.80 18.72
C LEU B 127 -5.20 43.12 17.91
N ALA B 128 -5.56 42.11 17.09
CA ALA B 128 -4.60 41.31 16.30
C ALA B 128 -3.90 42.21 15.28
N LYS B 129 -4.62 43.17 14.71
CA LYS B 129 -4.07 44.13 13.72
C LYS B 129 -3.08 45.08 14.40
N SER B 130 -3.39 45.47 15.64
CA SER B 130 -2.53 46.41 16.41
C SER B 130 -1.19 45.74 16.77
N THR B 131 -1.12 44.40 16.85
CA THR B 131 0.10 43.65 17.27
C THR B 131 0.71 42.85 16.11
N GLY B 132 0.14 42.92 14.91
CA GLY B 132 0.67 42.23 13.71
C GLY B 132 0.34 40.74 13.65
N ALA B 133 -0.58 40.25 14.48
CA ALA B 133 -0.92 38.80 14.57
C ALA B 133 -2.10 38.44 13.65
N THR B 134 -2.06 37.23 13.07
CA THR B 134 -3.19 36.60 12.33
C THR B 134 -3.90 35.58 13.23
N LEU B 135 -5.23 35.63 13.28
CA LEU B 135 -6.11 34.63 13.94
C LEU B 135 -6.96 33.94 12.87
N THR B 136 -6.92 32.61 12.81
CA THR B 136 -7.59 31.82 11.73
C THR B 136 -8.22 30.57 12.33
N GLY B 137 -9.53 30.44 12.15
CA GLY B 137 -10.25 29.21 12.44
C GLY B 137 -10.16 28.25 11.27
N THR B 138 -9.77 27.02 11.55
CA THR B 138 -9.67 25.92 10.58
C THR B 138 -10.05 24.62 11.29
N GLY B 139 -9.70 23.51 10.67
CA GLY B 139 -10.13 22.15 11.03
C GLY B 139 -10.81 21.48 9.85
N TYR B 140 -11.70 20.54 10.14
CA TYR B 140 -12.31 19.64 9.13
C TYR B 140 -13.03 20.50 8.07
N GLN B 141 -13.76 21.52 8.51
CA GLN B 141 -14.70 22.31 7.65
C GLN B 141 -13.94 23.01 6.51
N ASP B 142 -12.68 23.36 6.73
CA ASP B 142 -11.89 24.24 5.86
C ASP B 142 -12.00 23.77 4.40
N THR B 143 -11.64 22.53 4.12
CA THR B 143 -11.74 21.92 2.79
C THR B 143 -13.18 21.40 2.54
N PHE B 144 -13.69 20.54 3.41
CA PHE B 144 -14.82 19.63 3.07
C PHE B 144 -16.15 20.37 3.09
N TRP B 145 -16.28 21.48 3.82
CA TRP B 145 -17.56 22.23 3.91
C TRP B 145 -17.46 23.63 3.32
N VAL B 146 -16.25 24.14 3.07
CA VAL B 146 -16.10 25.54 2.58
C VAL B 146 -15.38 25.56 1.24
N ASN B 147 -14.07 25.34 1.22
CA ASN B 147 -13.25 25.64 0.00
C ASN B 147 -13.56 24.67 -1.15
N MET B 148 -13.77 23.38 -0.88
CA MET B 148 -14.08 22.39 -1.95
C MET B 148 -15.48 22.68 -2.51
N ILE B 149 -16.36 23.20 -1.67
CA ILE B 149 -17.78 23.50 -2.06
C ILE B 149 -17.76 24.77 -2.91
N ALA B 150 -17.06 25.82 -2.49
CA ALA B 150 -16.89 27.05 -3.30
C ALA B 150 -16.22 26.71 -4.64
N LEU B 151 -15.24 25.81 -4.66
CA LEU B 151 -14.58 25.36 -5.92
C LEU B 151 -15.60 24.67 -6.82
N LEU B 152 -16.41 23.76 -6.27
CA LEU B 152 -17.45 23.06 -7.07
C LEU B 152 -18.43 24.10 -7.65
N MET B 153 -18.82 25.08 -6.84
CA MET B 153 -19.71 26.19 -7.24
C MET B 153 -19.10 26.96 -8.43
N GLY B 154 -17.78 27.05 -8.49
CA GLY B 154 -17.06 27.69 -9.60
C GLY B 154 -17.29 27.02 -10.94
N THR B 155 -17.77 25.79 -10.96
CA THR B 155 -18.06 25.06 -12.24
C THR B 155 -19.53 25.22 -12.64
N ALA B 156 -20.31 26.00 -11.91
CA ALA B 156 -21.73 26.27 -12.23
C ALA B 156 -21.85 27.53 -13.08
N HIS B 157 -22.74 27.50 -14.06
CA HIS B 157 -23.21 28.69 -14.84
C HIS B 157 -24.30 29.41 -14.04
N ARG B 158 -25.25 28.66 -13.50
CA ARG B 158 -26.32 29.21 -12.64
C ARG B 158 -26.50 28.29 -11.46
N ILE B 159 -26.61 28.85 -10.25
CA ILE B 159 -26.89 28.07 -9.02
C ILE B 159 -28.30 28.38 -8.53
N ASP B 160 -29.14 27.37 -8.35
CA ASP B 160 -30.43 27.49 -7.62
C ASP B 160 -30.22 27.14 -6.15
N THR B 161 -29.67 25.96 -5.88
CA THR B 161 -29.57 25.41 -4.50
C THR B 161 -28.22 24.72 -4.29
N VAL B 162 -27.57 25.03 -3.17
CA VAL B 162 -26.40 24.27 -2.66
C VAL B 162 -26.86 23.53 -1.39
N ARG B 163 -26.76 22.21 -1.37
CA ARG B 163 -27.24 21.34 -0.26
C ARG B 163 -26.08 20.45 0.22
N GLY B 164 -25.79 20.48 1.51
CA GLY B 164 -24.79 19.62 2.16
C GLY B 164 -25.36 18.77 3.25
N LYS B 165 -24.84 17.57 3.39
CA LYS B 165 -25.19 16.60 4.44
C LYS B 165 -23.90 16.03 5.00
N ALA B 166 -23.74 16.09 6.32
CA ALA B 166 -22.49 15.69 7.01
C ALA B 166 -22.84 14.94 8.31
N SER B 167 -22.03 13.94 8.62
CA SER B 167 -22.09 13.14 9.85
C SER B 167 -20.69 13.00 10.43
N TRP B 168 -20.52 13.27 11.74
CA TRP B 168 -19.29 12.89 12.45
C TRP B 168 -19.63 12.24 13.81
N ASN B 169 -18.66 11.50 14.33
CA ASN B 169 -18.77 10.64 15.53
C ASN B 169 -18.17 11.38 16.74
N VAL B 170 -19.00 11.73 17.73
CA VAL B 170 -18.56 12.24 19.06
C VAL B 170 -17.36 11.44 19.57
N ASP B 171 -17.37 10.13 19.45
CA ASP B 171 -16.35 9.26 20.09
C ASP B 171 -15.02 9.31 19.31
N ASP B 172 -14.92 10.06 18.21
CA ASP B 172 -13.62 10.35 17.55
C ASP B 172 -12.92 11.53 18.25
N PHE B 173 -13.60 12.23 19.14
CA PHE B 173 -13.14 13.53 19.73
C PHE B 173 -13.18 13.45 21.25
N GLY B 174 -12.79 14.54 21.92
CA GLY B 174 -12.64 14.57 23.37
C GLY B 174 -13.88 15.07 24.12
N PRO B 175 -13.78 15.07 25.47
CA PRO B 175 -14.89 15.47 26.34
C PRO B 175 -15.50 16.85 26.10
N GLU B 176 -14.68 17.81 25.67
CA GLU B 176 -15.18 19.20 25.44
C GLU B 176 -16.33 19.12 24.43
N LEU B 177 -16.12 18.39 23.33
CA LEU B 177 -17.10 18.35 22.21
C LEU B 177 -18.28 17.47 22.62
N ALA B 178 -18.01 16.33 23.27
CA ALA B 178 -19.02 15.36 23.71
C ALA B 178 -19.99 16.03 24.67
N THR B 179 -19.49 16.80 25.62
CA THR B 179 -20.32 17.57 26.58
C THR B 179 -21.14 18.61 25.84
N ALA B 180 -20.56 19.34 24.91
CA ALA B 180 -21.28 20.39 24.15
C ALA B 180 -22.36 19.78 23.23
N GLN B 181 -22.22 18.50 22.87
CA GLN B 181 -23.19 17.75 22.02
C GLN B 181 -24.30 17.16 22.90
N GLN B 182 -24.30 17.45 24.22
CA GLN B 182 -25.41 17.11 25.16
C GLN B 182 -25.50 15.60 25.33
N VAL B 183 -24.38 14.89 25.19
CA VAL B 183 -24.36 13.40 25.25
C VAL B 183 -24.69 12.96 26.69
N GLY B 184 -25.68 12.09 26.83
CA GLY B 184 -26.13 11.54 28.12
C GLY B 184 -27.26 12.34 28.76
N ARG B 185 -27.64 13.50 28.19
CA ARG B 185 -28.69 14.37 28.77
C ARG B 185 -30.06 13.75 28.45
N THR B 186 -31.12 14.19 29.13
CA THR B 186 -32.50 13.71 28.86
C THR B 186 -33.04 14.55 27.71
N VAL B 187 -34.04 14.04 26.99
CA VAL B 187 -34.77 14.76 25.92
C VAL B 187 -35.35 16.06 26.50
N ALA B 188 -35.90 16.03 27.71
CA ALA B 188 -36.50 17.23 28.36
C ALA B 188 -35.39 18.27 28.61
N GLU B 189 -34.24 17.85 29.11
CA GLU B 189 -33.08 18.76 29.32
C GLU B 189 -32.65 19.32 27.97
N PHE B 190 -32.62 18.49 26.94
CA PHE B 190 -32.20 18.91 25.58
C PHE B 190 -33.16 19.98 25.07
N ASP B 191 -34.46 19.76 25.22
CA ASP B 191 -35.48 20.72 24.70
C ASP B 191 -35.34 22.08 25.40
N GLU B 192 -35.08 22.10 26.71
CA GLU B 192 -34.86 23.35 27.48
C GLU B 192 -33.57 24.01 26.97
N TRP B 193 -32.50 23.26 26.81
CA TRP B 193 -31.17 23.78 26.37
C TRP B 193 -31.29 24.38 24.96
N VAL B 194 -31.88 23.64 24.01
CA VAL B 194 -31.82 24.03 22.57
C VAL B 194 -32.68 25.28 22.34
N ARG B 195 -33.68 25.51 23.20
CA ARG B 195 -34.62 26.67 23.13
C ARG B 195 -34.04 27.88 23.85
N GLY B 196 -33.02 27.67 24.69
CA GLY B 196 -32.35 28.69 25.51
C GLY B 196 -31.87 29.87 24.69
N ALA B 197 -31.93 31.05 25.31
CA ALA B 197 -31.57 32.37 24.74
C ALA B 197 -30.07 32.42 24.40
N GLN B 198 -29.24 31.65 25.11
CA GLN B 198 -27.76 31.75 25.02
C GLN B 198 -27.17 30.52 24.33
N ARG B 199 -28.00 29.70 23.67
CA ARG B 199 -27.49 28.52 22.91
C ARG B 199 -26.48 29.03 21.89
N PRO B 200 -25.27 28.45 21.82
CA PRO B 200 -24.27 28.94 20.88
C PRO B 200 -24.69 28.74 19.42
N PRO B 201 -24.06 29.48 18.48
CA PRO B 201 -24.36 29.33 17.06
C PRO B 201 -24.00 27.91 16.61
N THR B 202 -24.75 27.40 15.64
CA THR B 202 -24.48 26.09 15.02
C THR B 202 -23.19 26.21 14.21
N PHE B 203 -22.41 25.14 14.18
CA PHE B 203 -21.21 25.01 13.30
C PHE B 203 -21.61 25.33 11.86
N GLY B 204 -22.76 24.82 11.42
CA GLY B 204 -23.25 24.95 10.03
C GLY B 204 -23.56 26.40 9.67
N ARG B 205 -23.99 27.21 10.64
CA ARG B 205 -24.29 28.64 10.39
C ARG B 205 -23.00 29.35 9.96
N ASN B 206 -21.89 29.04 10.63
CA ASN B 206 -20.58 29.61 10.25
C ASN B 206 -20.22 29.14 8.85
N VAL B 207 -20.45 27.87 8.53
CA VAL B 207 -20.17 27.31 7.17
C VAL B 207 -20.93 28.13 6.12
N LEU B 208 -22.23 28.32 6.30
CA LEU B 208 -23.06 29.03 5.29
C LEU B 208 -22.71 30.51 5.23
N ASP B 209 -22.35 31.12 6.34
CA ASP B 209 -21.93 32.56 6.33
C ASP B 209 -20.69 32.68 5.45
N ALA B 210 -19.75 31.73 5.56
CA ALA B 210 -18.51 31.72 4.75
C ALA B 210 -18.85 31.57 3.25
N LEU B 211 -19.71 30.62 2.89
CA LEU B 211 -20.02 30.35 1.45
C LEU B 211 -20.74 31.59 0.87
N VAL B 212 -21.69 32.15 1.60
CA VAL B 212 -22.48 33.34 1.16
C VAL B 212 -21.53 34.52 0.98
N ALA B 213 -20.68 34.79 1.96
CA ALA B 213 -19.71 35.91 1.91
C ALA B 213 -18.71 35.70 0.77
N ASP B 214 -18.18 34.47 0.62
CA ASP B 214 -17.22 34.17 -0.47
C ASP B 214 -17.89 34.42 -1.82
N THR B 215 -19.17 34.12 -1.96
CA THR B 215 -19.85 34.25 -3.27
C THR B 215 -20.23 35.72 -3.49
N GLY B 216 -20.15 36.55 -2.45
CA GLY B 216 -20.46 37.99 -2.53
C GLY B 216 -21.97 38.22 -2.62
N LEU B 217 -22.79 37.36 -2.00
CA LEU B 217 -24.27 37.45 -2.11
C LEU B 217 -24.83 38.15 -0.86
N THR B 218 -26.13 38.44 -0.89
CA THR B 218 -26.86 39.25 0.12
C THR B 218 -27.89 38.37 0.80
N VAL B 219 -27.80 38.25 2.11
CA VAL B 219 -28.76 37.44 2.90
C VAL B 219 -30.16 38.06 2.70
N LYS B 220 -31.14 37.22 2.39
CA LYS B 220 -32.58 37.59 2.38
C LYS B 220 -33.21 37.02 3.65
N SER B 221 -32.90 35.78 3.97
CA SER B 221 -33.55 35.03 5.06
C SER B 221 -32.58 33.98 5.62
N ILE B 222 -32.50 33.87 6.96
CA ILE B 222 -31.69 32.82 7.67
C ILE B 222 -32.65 32.01 8.54
N THR B 223 -32.66 30.69 8.35
CA THR B 223 -33.47 29.72 9.12
C THR B 223 -32.56 28.64 9.73
N THR B 224 -33.02 27.99 10.80
CA THR B 224 -32.24 26.97 11.53
C THR B 224 -33.21 26.09 12.30
N ALA B 225 -32.86 24.83 12.49
CA ALA B 225 -33.57 23.91 13.40
C ALA B 225 -32.56 22.87 13.89
N THR B 226 -32.83 22.35 15.08
CA THR B 226 -31.98 21.31 15.71
C THR B 226 -32.91 20.30 16.32
N ARG B 227 -32.58 19.03 16.18
CA ARG B 227 -33.27 17.93 16.90
C ARG B 227 -32.19 17.06 17.54
N PRO B 228 -32.51 16.45 18.70
CA PRO B 228 -31.57 15.56 19.34
C PRO B 228 -31.47 14.25 18.55
N ASP B 229 -30.30 13.63 18.62
CA ASP B 229 -30.09 12.23 18.18
C ASP B 229 -30.24 11.35 19.43
N ILE B 230 -31.02 10.28 19.32
CA ILE B 230 -31.49 9.45 20.47
C ILE B 230 -30.89 8.05 20.35
N ALA B 231 -30.39 7.49 21.44
CA ALA B 231 -29.98 6.06 21.53
C ALA B 231 -31.21 5.15 21.31
N SER B 232 -31.17 4.29 20.32
CA SER B 232 -32.25 3.29 20.06
C SER B 232 -31.99 2.03 20.88
N ALA B 233 -30.78 1.87 21.42
CA ALA B 233 -30.39 0.73 22.29
C ALA B 233 -29.32 1.19 23.28
N ALA B 234 -28.99 0.36 24.26
CA ALA B 234 -27.88 0.60 25.20
C ALA B 234 -26.59 0.78 24.39
N MET B 235 -25.87 1.89 24.65
CA MET B 235 -24.56 2.18 24.02
C MET B 235 -23.60 2.67 25.08
N ARG B 236 -22.35 2.86 24.68
CA ARG B 236 -21.30 3.49 25.52
C ARG B 236 -20.72 4.65 24.72
N SER B 237 -20.42 5.77 25.38
CA SER B 237 -19.57 6.85 24.82
C SER B 237 -18.17 6.68 25.36
N GLU B 238 -17.23 6.30 24.50
CA GLU B 238 -15.78 6.26 24.86
C GLU B 238 -15.29 7.67 25.17
N ALA B 239 -15.85 8.72 24.55
CA ALA B 239 -15.36 10.10 24.79
C ALA B 239 -15.60 10.50 26.25
N LEU B 240 -16.75 10.14 26.83
CA LEU B 240 -17.11 10.55 28.22
C LEU B 240 -16.96 9.38 29.20
N GLY B 241 -16.65 8.17 28.73
CA GLY B 241 -16.61 6.95 29.55
C GLY B 241 -17.90 6.75 30.32
N ILE B 242 -19.05 6.89 29.66
CA ILE B 242 -20.39 6.72 30.30
C ILE B 242 -21.22 5.73 29.49
N ASP B 243 -22.08 4.99 30.19
CA ASP B 243 -23.11 4.12 29.58
C ASP B 243 -24.29 5.01 29.21
N LEU B 244 -24.91 4.73 28.06
CA LEU B 244 -26.10 5.45 27.55
C LEU B 244 -27.23 4.44 27.45
N ALA B 245 -28.38 4.78 28.00
CA ALA B 245 -29.60 3.95 27.99
C ALA B 245 -30.42 4.27 26.76
N PRO B 246 -31.18 3.30 26.23
CA PRO B 246 -32.18 3.57 25.20
C PRO B 246 -32.95 4.83 25.57
N GLY B 247 -33.11 5.78 24.66
CA GLY B 247 -33.85 7.04 24.90
C GLY B 247 -32.96 8.20 25.34
N ASP B 248 -31.73 7.93 25.80
CA ASP B 248 -30.74 9.00 26.14
C ASP B 248 -30.39 9.81 24.88
N VAL B 249 -30.10 11.11 25.05
CA VAL B 249 -29.55 11.96 23.97
C VAL B 249 -28.10 11.51 23.70
N ILE B 250 -27.72 11.33 22.43
CA ILE B 250 -26.35 10.89 22.06
C ILE B 250 -25.69 11.90 21.13
N GLY B 251 -26.28 13.08 20.98
CA GLY B 251 -25.78 14.17 20.12
C GLY B 251 -26.94 14.90 19.51
N PHE B 252 -26.71 15.61 18.41
CA PHE B 252 -27.80 16.35 17.75
C PHE B 252 -27.45 16.59 16.28
N THR B 253 -28.51 16.93 15.55
CA THR B 253 -28.49 17.24 14.10
C THR B 253 -29.04 18.65 13.93
N ASP B 254 -28.26 19.51 13.29
CA ASP B 254 -28.66 20.89 12.93
C ASP B 254 -28.99 20.90 11.44
N ILE B 255 -29.89 21.77 11.03
CA ILE B 255 -30.11 22.17 9.61
C ILE B 255 -30.10 23.69 9.59
N ASP B 256 -29.22 24.26 8.78
CA ASP B 256 -29.11 25.73 8.57
C ASP B 256 -29.45 26.00 7.11
N ARG B 257 -30.12 27.13 6.88
CA ARG B 257 -30.55 27.57 5.53
C ARG B 257 -30.35 29.07 5.41
N ILE B 258 -29.74 29.52 4.31
CA ILE B 258 -29.67 30.95 3.94
C ILE B 258 -30.23 31.11 2.53
N GLU B 259 -31.28 31.93 2.40
CA GLU B 259 -31.78 32.39 1.08
C GLU B 259 -31.13 33.73 0.79
N THR B 260 -30.65 33.93 -0.42
CA THR B 260 -29.98 35.18 -0.83
C THR B 260 -30.97 36.02 -1.65
N GLU B 261 -30.80 37.34 -1.66
CA GLU B 261 -31.58 38.25 -2.52
C GLU B 261 -31.36 37.80 -3.97
N GLU B 262 -30.14 37.40 -4.34
CA GLU B 262 -29.75 37.16 -5.76
C GLU B 262 -30.36 35.86 -6.29
N GLY B 263 -30.89 34.97 -5.44
CA GLY B 263 -31.54 33.73 -5.89
C GLY B 263 -30.99 32.47 -5.25
N PRO B 264 -29.66 32.19 -5.29
CA PRO B 264 -29.12 30.98 -4.67
C PRO B 264 -29.56 30.79 -3.22
N VAL B 265 -29.93 29.56 -2.91
CA VAL B 265 -30.28 29.08 -1.55
C VAL B 265 -29.20 28.08 -1.11
N PHE B 266 -28.77 28.21 0.13
CA PHE B 266 -27.78 27.31 0.77
C PHE B 266 -28.45 26.57 1.92
N GLU B 267 -28.24 25.27 1.98
CA GLU B 267 -28.71 24.43 3.10
C GLU B 267 -27.61 23.44 3.52
N PHE B 268 -27.45 23.27 4.83
CA PHE B 268 -26.44 22.34 5.40
C PHE B 268 -27.02 21.62 6.63
N GLU B 269 -27.04 20.31 6.58
CA GLU B 269 -27.49 19.44 7.68
C GLU B 269 -26.26 18.69 8.21
N MET B 270 -26.04 18.79 9.52
CA MET B 270 -24.84 18.26 10.20
C MET B 270 -25.28 17.53 11.47
N SER B 271 -24.91 16.26 11.56
CA SER B 271 -25.12 15.47 12.79
C SER B 271 -23.76 15.18 13.43
N GLY B 272 -23.68 15.50 14.72
CA GLY B 272 -22.58 15.08 15.61
C GLY B 272 -23.14 14.22 16.72
N ARG B 273 -22.84 12.93 16.71
CA ARG B 273 -23.42 11.99 17.70
C ARG B 273 -22.49 10.82 17.96
N VAL B 274 -22.77 10.10 19.05
CA VAL B 274 -22.10 8.82 19.34
C VAL B 274 -22.60 7.82 18.30
N TYR B 275 -21.67 7.14 17.62
CA TYR B 275 -22.02 6.09 16.62
C TYR B 275 -22.21 4.73 17.31
N GLY B 276 -23.21 3.98 16.84
CA GLY B 276 -23.32 2.54 17.06
C GLY B 276 -22.55 1.78 15.99
N PRO B 277 -22.52 0.43 16.06
CA PRO B 277 -21.86 -0.39 15.04
C PRO B 277 -22.36 -0.09 13.61
N GLY B 278 -21.44 -0.10 12.64
CA GLY B 278 -21.79 0.03 11.20
C GLY B 278 -21.85 1.47 10.71
N GLU B 279 -21.92 2.47 11.61
CA GLU B 279 -22.12 3.88 11.19
C GLU B 279 -20.79 4.45 10.70
N GLY B 280 -20.84 5.32 9.70
CA GLY B 280 -19.64 5.96 9.14
C GLY B 280 -19.92 7.41 8.85
N ASP B 281 -18.86 8.23 8.89
CA ASP B 281 -18.93 9.67 8.55
C ASP B 281 -19.35 9.83 7.09
N ILE B 282 -19.96 10.96 6.80
CA ILE B 282 -20.48 11.33 5.46
C ILE B 282 -20.12 12.78 5.15
N ASN B 283 -19.79 13.04 3.88
CA ASN B 283 -19.76 14.40 3.30
C ASN B 283 -20.37 14.35 1.90
N GLU B 284 -21.62 14.78 1.76
CA GLU B 284 -22.37 14.65 0.48
C GLU B 284 -23.01 15.98 0.16
N TRP B 285 -22.67 16.52 -1.03
CA TRP B 285 -23.11 17.86 -1.45
C TRP B 285 -23.76 17.75 -2.85
N THR B 286 -24.82 18.51 -3.04
CA THR B 286 -25.47 18.66 -4.37
C THR B 286 -25.61 20.14 -4.65
N ILE B 287 -25.35 20.51 -5.90
CA ILE B 287 -25.68 21.84 -6.44
C ILE B 287 -26.73 21.66 -7.54
N GLU B 288 -27.90 22.24 -7.34
CA GLU B 288 -28.99 22.27 -8.38
C GLU B 288 -28.85 23.58 -9.13
N GLY B 289 -28.75 23.50 -10.44
CA GLY B 289 -28.73 24.67 -11.33
C GLY B 289 -28.34 24.23 -12.71
N GLU B 290 -27.55 25.04 -13.39
CA GLU B 290 -26.96 24.70 -14.68
C GLU B 290 -25.45 24.63 -14.49
N PRO B 291 -24.82 23.44 -14.47
CA PRO B 291 -25.51 22.17 -14.49
C PRO B 291 -25.80 21.72 -13.05
N ASN B 292 -26.37 20.54 -12.88
CA ASN B 292 -26.49 19.88 -11.55
C ASN B 292 -25.17 19.17 -11.27
N LEU B 293 -24.68 19.30 -10.04
CA LEU B 293 -23.36 18.79 -9.60
C LEU B 293 -23.53 18.00 -8.32
N PHE B 294 -22.60 17.06 -8.12
CA PHE B 294 -22.59 16.12 -6.97
C PHE B 294 -21.15 15.98 -6.48
N LEU B 295 -21.01 15.86 -5.16
CA LEU B 295 -19.72 15.53 -4.53
C LEU B 295 -19.96 14.61 -3.34
N SER B 296 -19.16 13.56 -3.24
CA SER B 296 -19.13 12.63 -2.09
C SER B 296 -17.67 12.32 -1.74
N ASN B 297 -17.39 12.13 -0.44
CA ASN B 297 -16.04 11.80 0.04
C ASN B 297 -16.08 10.42 0.72
N GLY B 298 -17.09 9.59 0.41
CA GLY B 298 -17.20 8.23 0.97
C GLY B 298 -17.20 8.31 2.50
N THR B 299 -16.54 7.36 3.17
CA THR B 299 -16.41 7.37 4.65
C THR B 299 -15.24 8.30 4.99
N VAL B 300 -15.52 9.58 5.05
CA VAL B 300 -14.50 10.66 5.08
C VAL B 300 -13.78 10.63 6.42
N PRO B 301 -12.43 10.68 6.45
CA PRO B 301 -11.67 10.67 7.72
C PRO B 301 -11.69 12.02 8.47
N THR B 302 -12.80 12.32 9.12
CA THR B 302 -13.05 13.63 9.79
C THR B 302 -11.96 13.85 10.86
N GLN B 303 -11.72 12.86 11.74
CA GLN B 303 -10.75 13.02 12.85
C GLN B 303 -9.36 13.36 12.28
N THR B 304 -8.88 12.57 11.34
CA THR B 304 -7.51 12.79 10.82
C THR B 304 -7.42 14.15 10.12
N THR B 305 -8.37 14.48 9.24
CA THR B 305 -8.29 15.69 8.40
C THR B 305 -8.63 16.93 9.23
N THR B 306 -9.24 16.81 10.40
CA THR B 306 -9.33 17.96 11.35
C THR B 306 -7.89 18.42 11.63
N CYS B 307 -7.01 17.47 11.93
CA CYS B 307 -5.66 17.73 12.47
C CYS B 307 -4.72 18.09 11.33
N THR B 308 -4.77 17.36 10.20
CA THR B 308 -3.93 17.64 9.02
C THR B 308 -4.23 19.02 8.48
N GLN B 309 -5.50 19.45 8.47
CA GLN B 309 -5.83 20.77 7.89
C GLN B 309 -5.26 21.87 8.79
N MET B 310 -5.41 21.80 10.10
CA MET B 310 -4.82 22.83 11.00
C MET B 310 -3.31 22.87 10.80
N VAL B 311 -2.65 21.71 10.75
CA VAL B 311 -1.17 21.65 10.57
C VAL B 311 -0.79 22.27 9.21
N ASN B 312 -1.45 21.83 8.14
CA ASN B 312 -1.07 22.23 6.76
C ASN B 312 -1.41 23.72 6.57
N ARG B 313 -2.26 24.30 7.43
CA ARG B 313 -2.60 25.75 7.36
C ARG B 313 -1.52 26.64 8.00
N ILE B 314 -0.61 26.08 8.81
CA ILE B 314 0.27 26.91 9.67
C ILE B 314 1.07 27.88 8.80
N PRO B 315 1.72 27.47 7.68
CA PRO B 315 2.47 28.43 6.87
C PRO B 315 1.58 29.52 6.25
N ASP B 316 0.35 29.19 5.89
CA ASP B 316 -0.62 30.17 5.32
C ASP B 316 -0.93 31.22 6.39
N VAL B 317 -1.12 30.80 7.65
CA VAL B 317 -1.57 31.71 8.72
C VAL B 317 -0.39 32.62 9.10
N ILE B 318 0.83 32.07 9.17
CA ILE B 318 2.05 32.89 9.43
C ILE B 318 2.18 33.95 8.32
N ALA B 319 2.05 33.56 7.05
CA ALA B 319 2.26 34.44 5.88
C ALA B 319 1.09 35.42 5.68
N ALA B 320 -0.07 35.23 6.29
CA ALA B 320 -1.29 36.03 6.01
C ALA B 320 -1.20 37.42 6.65
N PRO B 321 -1.98 38.41 6.18
CA PRO B 321 -2.09 39.70 6.86
C PRO B 321 -2.59 39.58 8.29
N PRO B 322 -2.29 40.58 9.14
CA PRO B 322 -2.81 40.59 10.51
C PRO B 322 -4.34 40.72 10.52
N GLY B 323 -4.94 40.33 11.62
CA GLY B 323 -6.39 40.34 11.86
C GLY B 323 -6.95 38.93 11.88
N ILE B 324 -8.27 38.82 11.97
CA ILE B 324 -9.00 37.56 11.70
C ILE B 324 -8.95 37.34 10.20
N VAL B 325 -8.28 36.28 9.74
CA VAL B 325 -8.23 35.92 8.30
C VAL B 325 -8.94 34.56 8.14
N THR B 326 -10.05 34.57 7.42
CA THR B 326 -10.88 33.37 7.21
C THR B 326 -10.34 32.56 6.05
N VAL B 327 -10.56 31.24 6.10
CA VAL B 327 -9.89 30.25 5.20
C VAL B 327 -10.38 30.40 3.76
N ASP B 328 -11.57 30.96 3.54
CA ASP B 328 -12.06 31.27 2.17
C ASP B 328 -11.14 32.30 1.48
N ARG B 329 -10.40 33.10 2.25
CA ARG B 329 -9.51 34.18 1.73
C ARG B 329 -8.06 33.68 1.60
N LEU B 330 -7.72 32.50 2.13
CA LEU B 330 -6.32 32.01 2.09
C LEU B 330 -6.05 31.35 0.75
N PRO B 331 -4.78 31.25 0.30
CA PRO B 331 -4.47 30.46 -0.89
C PRO B 331 -4.86 28.99 -0.65
N ARG B 332 -4.92 28.23 -1.72
CA ARG B 332 -5.37 26.82 -1.69
C ARG B 332 -4.55 26.07 -0.65
N LEU B 333 -5.24 25.28 0.16
CA LEU B 333 -4.58 24.32 1.09
C LEU B 333 -3.68 23.40 0.28
N ARG B 334 -2.45 23.15 0.75
CA ARG B 334 -1.52 22.28 0.00
C ARG B 334 -0.85 21.24 0.88
N TYR B 335 -0.55 20.12 0.26
CA TYR B 335 0.27 19.00 0.80
C TYR B 335 1.71 19.51 0.91
N ARG B 336 2.32 19.45 2.08
CA ARG B 336 3.78 19.75 2.28
C ARG B 336 4.42 18.58 3.02
N PRO B 337 5.26 17.79 2.33
CA PRO B 337 6.04 16.72 2.98
C PRO B 337 6.88 17.19 4.18
N GLN B 338 7.48 18.38 4.13
CA GLN B 338 8.34 18.95 5.20
C GLN B 338 8.05 20.44 5.30
N PHE B 339 8.17 21.02 6.51
CA PHE B 339 7.94 22.47 6.77
C PHE B 339 9.28 23.22 6.71
N HIS C 5 -16.96 -17.58 -2.84
CA HIS C 5 -17.26 -17.96 -1.44
C HIS C 5 -16.88 -19.42 -1.18
N SER C 6 -16.43 -19.71 0.04
CA SER C 6 -15.81 -21.01 0.40
C SER C 6 -16.90 -21.96 0.92
N ASP C 7 -16.70 -23.25 0.71
CA ASP C 7 -17.47 -24.35 1.34
C ASP C 7 -17.18 -24.41 2.84
N ILE C 8 -16.06 -23.86 3.31
CA ILE C 8 -15.60 -24.07 4.71
C ILE C 8 -16.54 -23.34 5.66
N ARG C 9 -17.02 -24.06 6.68
CA ARG C 9 -17.91 -23.50 7.73
C ARG C 9 -17.13 -23.55 9.03
N ALA C 10 -16.92 -22.38 9.65
CA ALA C 10 -16.03 -22.22 10.81
C ALA C 10 -16.80 -21.66 12.00
N VAL C 11 -16.43 -22.11 13.21
CA VAL C 11 -16.86 -21.48 14.48
C VAL C 11 -15.65 -20.77 15.08
N VAL C 12 -15.76 -19.48 15.40
CA VAL C 12 -14.65 -18.73 16.03
C VAL C 12 -14.79 -18.89 17.55
N TYR C 13 -13.87 -19.65 18.12
CA TYR C 13 -13.87 -20.12 19.53
C TYR C 13 -12.96 -19.17 20.32
N GLY C 14 -13.59 -18.27 21.08
CA GLY C 14 -12.96 -17.11 21.73
C GLY C 14 -13.01 -15.94 20.78
N VAL C 15 -13.23 -14.75 21.33
CA VAL C 15 -13.36 -13.50 20.56
C VAL C 15 -12.49 -12.44 21.23
N GLY C 16 -11.21 -12.77 21.47
CA GLY C 16 -10.25 -11.84 22.10
C GLY C 16 -9.44 -11.09 21.05
N ALA C 17 -8.25 -10.67 21.46
CA ALA C 17 -7.36 -9.85 20.60
C ALA C 17 -7.10 -10.55 19.26
N MET C 18 -6.71 -11.82 19.31
CA MET C 18 -6.27 -12.56 18.09
C MET C 18 -7.50 -12.97 17.25
N ASN C 19 -8.54 -13.58 17.85
CA ASN C 19 -9.73 -14.02 17.04
C ASN C 19 -10.45 -12.82 16.44
N SER C 20 -10.33 -11.62 17.00
CA SER C 20 -10.94 -10.43 16.37
C SER C 20 -10.28 -10.20 15.01
N ILE C 21 -8.96 -10.33 14.94
CA ILE C 21 -8.21 -10.16 13.66
C ILE C 21 -8.56 -11.33 12.75
N VAL C 22 -8.51 -12.55 13.30
CA VAL C 22 -8.74 -13.81 12.53
C VAL C 22 -10.11 -13.75 11.85
N ALA C 23 -11.15 -13.31 12.57
CA ALA C 23 -12.54 -13.29 12.06
C ALA C 23 -12.58 -12.53 10.72
N GLY C 24 -11.99 -11.34 10.66
CA GLY C 24 -11.94 -10.49 9.46
C GLY C 24 -11.18 -11.16 8.32
N MET C 25 -10.09 -11.85 8.63
CA MET C 25 -9.31 -12.62 7.61
C MET C 25 -10.15 -13.79 7.10
N LEU C 26 -10.88 -14.50 7.96
CA LEU C 26 -11.75 -15.63 7.53
C LEU C 26 -12.74 -15.11 6.48
N LEU C 27 -13.38 -13.98 6.77
CA LEU C 27 -14.38 -13.37 5.86
C LEU C 27 -13.71 -13.02 4.53
N ASP C 28 -12.52 -12.41 4.55
CA ASP C 28 -11.74 -12.06 3.32
C ASP C 28 -11.46 -13.31 2.48
N LYS C 29 -11.27 -14.49 3.08
CA LYS C 29 -10.96 -15.73 2.33
C LYS C 29 -12.23 -16.37 1.80
N GLY C 30 -13.41 -15.88 2.20
CA GLY C 30 -14.73 -16.41 1.81
C GLY C 30 -15.20 -17.52 2.75
N VAL C 31 -14.55 -17.71 3.90
CA VAL C 31 -14.98 -18.73 4.90
C VAL C 31 -16.33 -18.28 5.49
N GLN C 32 -17.22 -19.24 5.73
CA GLN C 32 -18.53 -18.98 6.35
C GLN C 32 -18.36 -19.11 7.86
N ILE C 33 -18.50 -18.00 8.58
CA ILE C 33 -18.57 -18.02 10.05
C ILE C 33 -20.01 -18.38 10.43
N VAL C 34 -20.16 -19.51 11.10
CA VAL C 34 -21.45 -20.19 11.38
C VAL C 34 -21.69 -20.14 12.90
N GLY C 35 -20.72 -19.71 13.69
CA GLY C 35 -20.87 -19.61 15.15
C GLY C 35 -19.73 -18.89 15.80
N ALA C 36 -19.93 -18.42 17.02
CA ALA C 36 -18.90 -17.72 17.82
C ALA C 36 -19.15 -17.96 19.30
N ILE C 37 -18.10 -18.33 20.01
CA ILE C 37 -18.14 -18.69 21.44
C ILE C 37 -17.29 -17.69 22.21
N ALA C 38 -17.89 -17.13 23.28
CA ALA C 38 -17.22 -16.24 24.23
C ALA C 38 -17.49 -16.73 25.64
N ARG C 39 -16.89 -16.07 26.62
CA ARG C 39 -17.08 -16.41 28.06
C ARG C 39 -17.89 -15.30 28.73
N SER C 40 -17.65 -14.04 28.36
CA SER C 40 -18.21 -12.83 29.00
C SER C 40 -19.71 -12.71 28.74
N PRO C 41 -20.55 -12.65 29.81
CA PRO C 41 -21.97 -12.32 29.66
C PRO C 41 -22.26 -11.09 28.79
N GLN C 42 -21.42 -10.05 28.91
CA GLN C 42 -21.50 -8.79 28.10
C GLN C 42 -21.55 -9.13 26.60
N LYS C 43 -20.80 -10.15 26.15
CA LYS C 43 -20.63 -10.47 24.71
C LYS C 43 -21.75 -11.39 24.24
N VAL C 44 -22.24 -12.30 25.08
CA VAL C 44 -23.29 -13.30 24.73
C VAL C 44 -24.54 -12.57 24.23
N GLY C 45 -25.10 -13.07 23.13
CA GLY C 45 -26.30 -12.51 22.49
C GLY C 45 -25.98 -11.44 21.46
N GLN C 46 -24.81 -10.80 21.50
CA GLN C 46 -24.43 -9.78 20.49
C GLN C 46 -24.22 -10.49 19.15
N ASP C 47 -24.45 -9.77 18.05
CA ASP C 47 -24.05 -10.22 16.70
C ASP C 47 -22.54 -10.08 16.58
N LEU C 48 -21.84 -11.10 16.05
CA LEU C 48 -20.36 -11.11 15.99
C LEU C 48 -19.88 -9.89 15.18
N GLY C 49 -20.53 -9.57 14.06
CA GLY C 49 -20.19 -8.43 13.21
C GLY C 49 -20.20 -7.13 13.98
N ASP C 50 -21.20 -6.91 14.84
CA ASP C 50 -21.31 -5.71 15.70
C ASP C 50 -20.17 -5.72 16.72
N LEU C 51 -19.97 -6.88 17.36
CA LEU C 51 -18.99 -7.04 18.45
C LEU C 51 -17.58 -6.74 17.91
N LEU C 52 -17.31 -7.03 16.63
CA LEU C 52 -16.00 -6.80 15.99
C LEU C 52 -15.94 -5.46 15.26
N GLY C 53 -17.05 -4.73 15.15
CA GLY C 53 -17.07 -3.44 14.43
C GLY C 53 -16.80 -3.58 12.93
N LEU C 54 -17.30 -4.65 12.33
CA LEU C 54 -17.23 -4.90 10.85
C LEU C 54 -18.13 -3.94 10.06
N GLY C 55 -19.12 -3.31 10.69
CA GLY C 55 -20.02 -2.37 10.00
C GLY C 55 -21.00 -3.08 9.07
N ARG C 56 -21.05 -4.42 9.09
CA ARG C 56 -22.25 -5.21 8.69
C ARG C 56 -22.50 -6.23 9.81
N GLN C 57 -23.75 -6.55 10.12
CA GLN C 57 -24.10 -7.70 11.00
C GLN C 57 -23.84 -8.99 10.21
N LEU C 58 -23.52 -10.09 10.90
CA LEU C 58 -23.12 -11.36 10.25
C LEU C 58 -24.27 -12.36 10.32
N GLY C 59 -25.30 -12.10 11.13
CA GLY C 59 -26.39 -13.06 11.39
C GLY C 59 -25.90 -14.24 12.24
N VAL C 60 -24.91 -14.00 13.10
CA VAL C 60 -24.34 -15.02 14.03
C VAL C 60 -24.32 -14.36 15.41
N ALA C 61 -25.08 -14.94 16.34
CA ALA C 61 -25.21 -14.47 17.73
C ALA C 61 -24.15 -15.17 18.57
N VAL C 62 -23.27 -14.40 19.23
CA VAL C 62 -22.24 -14.98 20.15
C VAL C 62 -22.96 -15.77 21.25
N SER C 63 -22.47 -16.98 21.52
CA SER C 63 -22.97 -17.90 22.58
C SER C 63 -21.88 -18.13 23.61
N ASP C 64 -22.24 -18.54 24.82
CA ASP C 64 -21.27 -18.95 25.87
C ASP C 64 -21.30 -20.47 26.02
N ASP C 65 -21.92 -21.18 25.08
CA ASP C 65 -22.11 -22.66 25.19
C ASP C 65 -21.49 -23.33 23.96
N ALA C 66 -20.21 -23.72 24.07
CA ALA C 66 -19.41 -24.29 22.97
C ALA C 66 -20.09 -25.53 22.40
N ALA C 67 -20.44 -26.48 23.28
CA ALA C 67 -21.05 -27.77 22.89
C ALA C 67 -22.32 -27.50 22.07
N GLU C 68 -23.15 -26.56 22.53
CA GLU C 68 -24.44 -26.22 21.87
C GLU C 68 -24.15 -25.67 20.48
N VAL C 69 -23.16 -24.77 20.35
CA VAL C 69 -22.83 -24.14 19.05
C VAL C 69 -22.38 -25.24 18.08
N LEU C 70 -21.52 -26.17 18.53
CA LEU C 70 -20.98 -27.24 17.65
C LEU C 70 -22.13 -28.18 17.24
N GLU C 71 -22.99 -28.57 18.19
CA GLU C 71 -24.12 -29.51 17.94
C GLU C 71 -25.08 -28.84 16.93
N GLN C 72 -25.28 -27.52 17.06
CA GLN C 72 -26.25 -26.77 16.21
C GLN C 72 -25.68 -26.48 14.82
N THR C 73 -24.36 -26.35 14.64
CA THR C 73 -23.79 -25.89 13.34
C THR C 73 -22.92 -26.95 12.65
N HIS C 74 -22.41 -27.96 13.35
CA HIS C 74 -21.53 -29.03 12.77
C HIS C 74 -20.53 -28.41 11.80
N PRO C 75 -19.61 -27.54 12.29
CA PRO C 75 -18.70 -26.82 11.41
C PRO C 75 -17.61 -27.77 10.91
N ASP C 76 -16.94 -27.38 9.82
CA ASP C 76 -15.73 -28.09 9.33
C ASP C 76 -14.55 -27.87 10.28
N ILE C 77 -14.55 -26.73 10.98
CA ILE C 77 -13.37 -26.27 11.77
C ILE C 77 -13.82 -25.32 12.89
N ALA C 78 -13.28 -25.57 14.08
CA ALA C 78 -13.26 -24.61 15.21
C ALA C 78 -11.91 -23.89 15.22
N VAL C 79 -11.92 -22.56 15.25
CA VAL C 79 -10.73 -21.67 15.16
C VAL C 79 -10.52 -21.07 16.55
N ILE C 80 -9.57 -21.59 17.32
CA ILE C 80 -9.50 -21.35 18.79
C ILE C 80 -8.37 -20.36 19.11
N ALA C 81 -8.72 -19.27 19.77
CA ALA C 81 -7.76 -18.32 20.34
C ALA C 81 -8.24 -17.95 21.75
N VAL C 82 -7.93 -18.83 22.71
CA VAL C 82 -8.41 -18.74 24.11
C VAL C 82 -7.23 -18.76 25.08
N ASN C 83 -6.45 -19.85 25.10
CA ASN C 83 -5.39 -20.07 26.11
C ASN C 83 -4.19 -20.83 25.49
N SER C 84 -3.18 -21.13 26.31
CA SER C 84 -1.82 -21.52 25.86
C SER C 84 -1.48 -22.97 26.20
N TYR C 85 -1.73 -23.38 27.44
CA TYR C 85 -1.19 -24.63 28.02
C TYR C 85 -2.31 -25.70 28.00
N LEU C 86 -1.95 -26.94 27.68
CA LEU C 86 -2.91 -28.08 27.55
C LEU C 86 -3.74 -28.25 28.84
N THR C 87 -3.14 -27.93 29.99
CA THR C 87 -3.75 -27.98 31.33
C THR C 87 -5.04 -27.14 31.29
N ASP C 88 -5.04 -26.02 30.56
CA ASP C 88 -6.24 -25.16 30.34
C ASP C 88 -6.95 -25.60 29.05
N ALA C 89 -6.19 -25.77 27.95
CA ALA C 89 -6.73 -25.90 26.58
C ALA C 89 -7.49 -27.21 26.42
N VAL C 90 -7.15 -28.22 27.24
CA VAL C 90 -7.83 -29.54 27.17
C VAL C 90 -9.36 -29.35 27.28
N GLU C 91 -9.82 -28.36 28.03
CA GLU C 91 -11.28 -28.12 28.23
C GLU C 91 -11.92 -27.81 26.86
N GLN C 92 -11.38 -26.88 26.07
CA GLN C 92 -11.97 -26.52 24.75
C GLN C 92 -11.68 -27.63 23.75
N LEU C 93 -10.49 -28.25 23.81
CA LEU C 93 -10.10 -29.28 22.81
C LEU C 93 -10.94 -30.56 23.03
N ARG C 94 -11.30 -30.88 24.28
CA ARG C 94 -12.20 -32.03 24.60
C ARG C 94 -13.56 -31.81 23.93
N ILE C 95 -14.13 -30.63 24.08
CA ILE C 95 -15.46 -30.29 23.49
C ILE C 95 -15.40 -30.46 21.96
N CYS C 96 -14.31 -30.01 21.32
CA CYS C 96 -14.17 -30.11 19.84
C CYS C 96 -14.06 -31.60 19.44
N ALA C 97 -13.15 -32.33 20.08
CA ALA C 97 -12.87 -33.76 19.78
C ALA C 97 -14.10 -34.62 20.09
N GLU C 98 -14.80 -34.38 21.21
CA GLU C 98 -16.04 -35.13 21.59
C GLU C 98 -17.06 -35.05 20.45
N HIS C 99 -17.17 -33.88 19.81
CA HIS C 99 -18.19 -33.59 18.77
C HIS C 99 -17.66 -33.91 17.38
N GLY C 100 -16.50 -34.58 17.27
CA GLY C 100 -15.85 -34.85 15.98
C GLY C 100 -15.54 -33.58 15.19
N VAL C 101 -15.31 -32.44 15.85
CA VAL C 101 -15.05 -31.15 15.13
C VAL C 101 -13.53 -30.92 15.04
N ASN C 102 -13.02 -30.76 13.82
CA ASN C 102 -11.60 -30.35 13.56
C ASN C 102 -11.33 -29.03 14.31
N ALA C 103 -10.13 -28.87 14.87
CA ALA C 103 -9.76 -27.64 15.61
C ALA C 103 -8.35 -27.20 15.20
N VAL C 104 -8.22 -25.94 14.83
CA VAL C 104 -6.92 -25.23 14.74
C VAL C 104 -6.88 -24.26 15.93
N THR C 105 -5.77 -24.22 16.67
CA THR C 105 -5.68 -23.42 17.92
C THR C 105 -4.33 -22.69 17.99
N LEU C 106 -4.32 -21.51 18.63
CA LEU C 106 -3.11 -20.73 18.90
C LEU C 106 -2.41 -21.26 20.15
N SER C 107 -2.96 -22.24 20.87
CA SER C 107 -2.33 -22.76 22.11
C SER C 107 -0.85 -23.10 21.83
N GLU C 108 0.08 -22.39 22.50
CA GLU C 108 1.53 -22.49 22.18
C GLU C 108 2.01 -23.90 22.51
N GLU C 109 1.49 -24.50 23.59
CA GLU C 109 1.93 -25.88 23.97
C GLU C 109 1.43 -26.88 22.93
N MET C 110 0.31 -26.61 22.25
CA MET C 110 -0.24 -27.54 21.24
C MET C 110 0.65 -27.55 19.98
N LEU C 111 1.64 -26.66 19.85
CA LEU C 111 2.57 -26.71 18.69
C LEU C 111 3.19 -28.10 18.60
N TYR C 112 3.58 -28.66 19.75
CA TYR C 112 4.15 -30.02 19.87
C TYR C 112 4.04 -30.45 21.32
N PRO C 113 2.88 -31.01 21.74
CA PRO C 113 2.62 -31.24 23.17
C PRO C 113 3.02 -32.60 23.74
N TRP C 114 3.49 -33.52 22.91
CA TRP C 114 3.70 -34.95 23.27
C TRP C 114 4.62 -35.11 24.48
N GLU C 115 5.68 -34.31 24.58
CA GLU C 115 6.70 -34.50 25.66
C GLU C 115 6.31 -33.69 26.90
N THR C 116 5.78 -32.48 26.74
CA THR C 116 5.48 -31.60 27.91
C THR C 116 4.18 -32.07 28.59
N SER C 117 3.22 -32.63 27.86
CA SER C 117 1.89 -33.04 28.39
C SER C 117 1.52 -34.38 27.78
N PRO C 118 2.29 -35.45 28.09
CA PRO C 118 2.11 -36.73 27.42
C PRO C 118 0.74 -37.38 27.68
N GLU C 119 0.21 -37.27 28.90
CA GLU C 119 -1.08 -37.90 29.31
C GLU C 119 -2.23 -37.18 28.60
N LEU C 120 -2.28 -35.85 28.70
CA LEU C 120 -3.35 -35.03 28.06
C LEU C 120 -3.26 -35.16 26.55
N SER C 121 -2.04 -35.27 26.00
CA SER C 121 -1.83 -35.45 24.54
C SER C 121 -2.42 -36.81 24.13
N ALA C 122 -2.07 -37.88 24.82
CA ALA C 122 -2.54 -39.25 24.49
C ALA C 122 -4.07 -39.27 24.55
N GLU C 123 -4.65 -38.69 25.60
CA GLU C 123 -6.11 -38.64 25.82
C GLU C 123 -6.77 -37.96 24.62
N LEU C 124 -6.30 -36.76 24.26
CA LEU C 124 -6.92 -35.93 23.20
C LEU C 124 -6.73 -36.61 21.84
N ASP C 125 -5.57 -37.20 21.61
CA ASP C 125 -5.25 -37.90 20.34
C ASP C 125 -6.22 -39.08 20.17
N ALA C 126 -6.41 -39.89 21.23
CA ALA C 126 -7.32 -41.07 21.22
C ALA C 126 -8.76 -40.62 20.96
N LEU C 127 -9.23 -39.59 21.67
CA LEU C 127 -10.61 -39.06 21.55
C LEU C 127 -10.83 -38.55 20.11
N ALA C 128 -9.90 -37.73 19.59
CA ALA C 128 -10.03 -37.10 18.25
C ALA C 128 -10.04 -38.19 17.17
N LYS C 129 -9.25 -39.25 17.37
CA LYS C 129 -9.16 -40.39 16.42
C LYS C 129 -10.48 -41.17 16.43
N SER C 130 -11.09 -41.32 17.60
CA SER C 130 -12.37 -42.06 17.76
C SER C 130 -13.53 -41.33 17.05
N THR C 131 -13.43 -40.00 16.85
CA THR C 131 -14.52 -39.17 16.25
C THR C 131 -14.14 -38.63 14.86
N GLY C 132 -12.95 -38.92 14.36
CA GLY C 132 -12.51 -38.48 13.02
C GLY C 132 -12.05 -37.03 12.97
N ALA C 133 -11.78 -36.39 14.11
CA ALA C 133 -11.35 -34.96 14.17
C ALA C 133 -9.81 -34.84 14.18
N THR C 134 -9.30 -33.80 13.52
CA THR C 134 -7.89 -33.34 13.61
C THR C 134 -7.79 -32.14 14.57
N LEU C 135 -6.83 -32.21 15.50
CA LEU C 135 -6.45 -31.08 16.40
C LEU C 135 -5.02 -30.65 16.05
N THR C 136 -4.83 -29.35 15.76
CA THR C 136 -3.51 -28.79 15.34
C THR C 136 -3.26 -27.46 16.04
N GLY C 137 -2.14 -27.39 16.78
CA GLY C 137 -1.59 -26.14 17.29
C GLY C 137 -0.78 -25.43 16.24
N THR C 138 -1.09 -24.16 15.98
CA THR C 138 -0.35 -23.30 15.04
C THR C 138 -0.29 -21.89 15.62
N GLY C 139 -0.05 -20.91 14.75
CA GLY C 139 0.26 -19.53 15.11
C GLY C 139 1.62 -19.13 14.58
N TYR C 140 2.23 -18.13 15.23
CA TYR C 140 3.47 -17.49 14.75
C TYR C 140 4.57 -18.53 14.55
N GLN C 141 4.70 -19.46 15.50
CA GLN C 141 5.84 -20.41 15.58
C GLN C 141 5.90 -21.31 14.33
N ASP C 142 4.74 -21.60 13.74
CA ASP C 142 4.58 -22.63 12.69
C ASP C 142 5.68 -22.49 11.63
N THR C 143 5.75 -21.34 10.98
CA THR C 143 6.76 -21.02 9.97
C THR C 143 8.06 -20.54 10.64
N PHE C 144 8.00 -19.52 11.50
CA PHE C 144 9.20 -18.71 11.83
C PHE C 144 10.09 -19.43 12.84
N TRP C 145 9.58 -20.37 13.62
CA TRP C 145 10.40 -21.09 14.62
C TRP C 145 10.53 -22.59 14.29
N VAL C 146 9.69 -23.14 13.42
CA VAL C 146 9.73 -24.60 13.15
C VAL C 146 10.02 -24.88 11.67
N ASN C 147 9.05 -24.66 10.78
CA ASN C 147 9.15 -25.17 9.38
C ASN C 147 10.26 -24.44 8.58
N MET C 148 10.41 -23.12 8.72
CA MET C 148 11.44 -22.37 7.99
C MET C 148 12.84 -22.75 8.51
N ILE C 149 12.92 -23.08 9.79
CA ILE C 149 14.20 -23.48 10.43
C ILE C 149 14.57 -24.89 9.96
N ALA C 150 13.62 -25.84 9.98
CA ALA C 150 13.85 -27.20 9.44
C ALA C 150 14.25 -27.13 7.95
N LEU C 151 13.65 -26.24 7.17
CA LEU C 151 13.98 -26.05 5.74
C LEU C 151 15.44 -25.58 5.63
N LEU C 152 15.80 -24.56 6.42
CA LEU C 152 17.19 -24.01 6.38
C LEU C 152 18.18 -25.12 6.71
N MET C 153 17.85 -25.95 7.71
CA MET C 153 18.65 -27.12 8.16
C MET C 153 18.87 -28.08 6.98
N GLY C 154 17.88 -28.19 6.10
CA GLY C 154 17.96 -29.01 4.87
C GLY C 154 19.12 -28.63 3.95
N THR C 155 19.67 -27.41 4.09
CA THR C 155 20.77 -26.93 3.21
C THR C 155 22.13 -27.17 3.87
N ALA C 156 22.16 -27.79 5.05
CA ALA C 156 23.43 -28.02 5.79
C ALA C 156 23.95 -29.42 5.45
N HIS C 157 25.28 -29.54 5.33
CA HIS C 157 25.99 -30.83 5.18
C HIS C 157 26.22 -31.44 6.55
N ARG C 158 26.62 -30.62 7.52
CA ARG C 158 26.78 -31.03 8.93
C ARG C 158 26.24 -29.91 9.82
N ILE C 159 25.49 -30.28 10.85
CA ILE C 159 24.95 -29.33 11.84
C ILE C 159 25.61 -29.61 13.18
N ASP C 160 26.26 -28.60 13.76
CA ASP C 160 26.75 -28.64 15.17
C ASP C 160 25.68 -28.05 16.08
N THR C 161 25.23 -26.83 15.78
CA THR C 161 24.31 -26.07 16.65
C THR C 161 23.26 -25.35 15.82
N VAL C 162 22.00 -25.41 16.25
CA VAL C 162 20.89 -24.55 15.77
C VAL C 162 20.53 -23.60 16.91
N ARG C 163 20.64 -22.29 16.67
CA ARG C 163 20.43 -21.25 17.71
C ARG C 163 19.41 -20.25 17.21
N GLY C 164 18.35 -20.03 18.00
CA GLY C 164 17.33 -19.02 17.71
C GLY C 164 17.26 -17.96 18.77
N LYS C 165 16.88 -16.77 18.34
CA LYS C 165 16.64 -15.60 19.21
C LYS C 165 15.39 -14.91 18.70
N ALA C 166 14.41 -14.73 19.58
CA ALA C 166 13.10 -14.14 19.24
C ALA C 166 12.67 -13.15 20.34
N SER C 167 12.00 -12.10 19.89
CA SER C 167 11.39 -11.08 20.76
C SER C 167 9.97 -10.81 20.25
N TRP C 168 8.98 -10.83 21.15
CA TRP C 168 7.64 -10.30 20.83
C TRP C 168 7.13 -9.39 21.95
N ASN C 169 6.15 -8.55 21.59
CA ASN C 169 5.58 -7.48 22.44
C ASN C 169 4.27 -7.95 23.06
N VAL C 170 4.22 -8.07 24.38
CA VAL C 170 2.98 -8.31 25.17
C VAL C 170 1.85 -7.42 24.64
N ASP C 171 2.10 -6.16 24.36
CA ASP C 171 1.03 -5.18 24.02
C ASP C 171 0.50 -5.39 22.61
N ASP C 172 1.06 -6.34 21.83
CA ASP C 172 0.44 -6.76 20.55
C ASP C 172 -0.70 -7.75 20.81
N PHE C 173 -0.85 -8.26 22.03
CA PHE C 173 -1.75 -9.40 22.37
C PHE C 173 -2.65 -8.99 23.56
N GLY C 174 -3.53 -9.90 23.97
CA GLY C 174 -4.59 -9.59 24.95
C GLY C 174 -4.21 -9.98 26.37
N PRO C 175 -5.13 -9.74 27.34
CA PRO C 175 -4.89 -9.97 28.75
C PRO C 175 -4.48 -11.37 29.15
N GLU C 176 -4.97 -12.40 28.43
CA GLU C 176 -4.62 -13.79 28.77
C GLU C 176 -3.09 -13.91 28.77
N LEU C 177 -2.45 -13.43 27.70
CA LEU C 177 -0.99 -13.62 27.50
C LEU C 177 -0.22 -12.66 28.42
N ALA C 178 -0.70 -11.42 28.54
CA ALA C 178 -0.06 -10.36 29.37
C ALA C 178 -0.02 -10.83 30.82
N THR C 179 -1.11 -11.40 31.32
CA THR C 179 -1.19 -11.92 32.69
C THR C 179 -0.23 -13.10 32.84
N ALA C 180 -0.18 -14.01 31.87
CA ALA C 180 0.70 -15.21 31.97
C ALA C 180 2.18 -14.79 31.89
N GLN C 181 2.47 -13.62 31.32
CA GLN C 181 3.86 -13.09 31.20
C GLN C 181 4.24 -12.31 32.48
N GLN C 182 3.35 -12.27 33.49
CA GLN C 182 3.65 -11.73 34.83
C GLN C 182 3.85 -10.22 34.80
N VAL C 183 3.19 -9.55 33.86
CA VAL C 183 3.31 -8.10 33.67
C VAL C 183 2.76 -7.37 34.90
N GLY C 184 3.58 -6.48 35.49
CA GLY C 184 3.21 -5.65 36.64
C GLY C 184 3.54 -6.28 37.97
N ARG C 185 4.03 -7.51 38.00
CA ARG C 185 4.38 -8.20 39.25
C ARG C 185 5.69 -7.62 39.80
N THR C 186 6.01 -7.88 41.07
CA THR C 186 7.33 -7.56 41.67
C THR C 186 8.28 -8.70 41.31
N VAL C 187 9.58 -8.43 41.35
CA VAL C 187 10.66 -9.45 41.17
C VAL C 187 10.47 -10.58 42.19
N ALA C 188 10.10 -10.29 43.44
CA ALA C 188 9.89 -11.31 44.49
C ALA C 188 8.68 -12.19 44.12
N GLU C 189 7.58 -11.59 43.66
CA GLU C 189 6.40 -12.36 43.18
C GLU C 189 6.83 -13.25 42.00
N PHE C 190 7.64 -12.70 41.09
CA PHE C 190 8.12 -13.44 39.90
C PHE C 190 8.96 -14.62 40.34
N ASP C 191 9.88 -14.41 41.29
CA ASP C 191 10.83 -15.48 41.72
C ASP C 191 10.05 -16.63 42.36
N GLU C 192 9.00 -16.33 43.15
CA GLU C 192 8.16 -17.38 43.78
C GLU C 192 7.43 -18.14 42.66
N TRP C 193 6.83 -17.40 41.72
CA TRP C 193 6.06 -18.01 40.59
C TRP C 193 6.96 -18.92 39.74
N VAL C 194 8.12 -18.42 39.31
CA VAL C 194 8.94 -19.12 38.27
C VAL C 194 9.53 -20.40 38.85
N ARG C 195 9.67 -20.46 40.18
CA ARG C 195 10.23 -21.64 40.91
C ARG C 195 9.15 -22.67 41.21
N GLY C 196 7.86 -22.28 41.12
CA GLY C 196 6.69 -23.13 41.34
C GLY C 196 6.73 -24.47 40.61
N ALA C 197 6.25 -25.51 41.27
CA ALA C 197 6.26 -26.92 40.81
C ALA C 197 5.38 -27.11 39.58
N GLN C 198 4.36 -26.27 39.40
CA GLN C 198 3.37 -26.42 38.30
C GLN C 198 3.51 -25.28 37.30
N ARG C 199 4.65 -24.60 37.24
CA ARG C 199 4.92 -23.59 36.19
C ARG C 199 4.78 -24.29 34.85
N PRO C 200 3.99 -23.74 33.90
CA PRO C 200 3.80 -24.40 32.62
C PRO C 200 5.10 -24.48 31.82
N PRO C 201 5.16 -25.40 30.83
CA PRO C 201 6.31 -25.51 29.94
C PRO C 201 6.49 -24.22 29.16
N THR C 202 7.75 -23.90 28.86
CA THR C 202 8.11 -22.74 28.03
C THR C 202 7.64 -22.99 26.59
N PHE C 203 7.23 -21.93 25.90
CA PHE C 203 6.86 -21.97 24.47
C PHE C 203 8.01 -22.59 23.68
N GLY C 204 9.24 -22.20 24.02
CA GLY C 204 10.45 -22.61 23.29
C GLY C 204 10.73 -24.09 23.44
N ARG C 205 10.34 -24.70 24.56
CA ARG C 205 10.54 -26.15 24.77
C ARG C 205 9.73 -26.91 23.71
N ASN C 206 8.50 -26.47 23.44
CA ASN C 206 7.64 -27.12 22.43
C ASN C 206 8.30 -26.91 21.06
N VAL C 207 8.87 -25.73 20.80
CA VAL C 207 9.58 -25.45 19.52
C VAL C 207 10.69 -26.48 19.34
N LEU C 208 11.55 -26.65 20.34
CA LEU C 208 12.74 -27.54 20.20
C LEU C 208 12.31 -29.01 20.15
N ASP C 209 11.25 -29.40 20.85
CA ASP C 209 10.73 -30.78 20.78
C ASP C 209 10.35 -31.07 19.32
N ALA C 210 9.67 -30.12 18.67
CA ALA C 210 9.23 -30.26 17.26
C ALA C 210 10.46 -30.38 16.34
N LEU C 211 11.47 -29.53 16.49
CA LEU C 211 12.66 -29.53 15.59
C LEU C 211 13.44 -30.84 15.77
N VAL C 212 13.63 -31.27 17.01
CA VAL C 212 14.35 -32.53 17.33
C VAL C 212 13.59 -33.71 16.71
N ALA C 213 12.28 -33.78 16.92
CA ALA C 213 11.43 -34.88 16.38
C ALA C 213 11.42 -34.84 14.84
N ASP C 214 11.27 -33.65 14.25
CA ASP C 214 11.28 -33.52 12.76
C ASP C 214 12.63 -33.99 12.20
N THR C 215 13.73 -33.75 12.91
CA THR C 215 15.08 -34.12 12.42
C THR C 215 15.31 -35.62 12.64
N GLY C 216 14.48 -36.26 13.46
CA GLY C 216 14.57 -37.70 13.75
C GLY C 216 15.71 -38.00 14.70
N LEU C 217 16.05 -37.10 15.61
CA LEU C 217 17.19 -37.26 16.55
C LEU C 217 16.69 -37.70 17.92
N THR C 218 17.63 -38.01 18.82
CA THR C 218 17.37 -38.62 20.15
C THR C 218 17.83 -37.65 21.24
N VAL C 219 16.94 -37.32 22.16
CA VAL C 219 17.26 -36.40 23.27
C VAL C 219 18.35 -37.04 24.13
N LYS C 220 19.41 -36.30 24.41
CA LYS C 220 20.45 -36.68 25.39
C LYS C 220 20.22 -35.85 26.66
N SER C 221 19.96 -34.57 26.53
CA SER C 221 19.87 -33.63 27.66
C SER C 221 18.93 -32.47 27.32
N ILE C 222 18.08 -32.08 28.27
CA ILE C 222 17.17 -30.90 28.17
C ILE C 222 17.48 -29.97 29.34
N THR C 223 17.79 -28.71 29.05
CA THR C 223 17.94 -27.66 30.07
C THR C 223 17.06 -26.44 29.73
N THR C 224 16.76 -25.64 30.75
CA THR C 224 15.91 -24.45 30.62
C THR C 224 16.26 -23.47 31.72
N ALA C 225 16.07 -22.19 31.46
CA ALA C 225 16.15 -21.12 32.47
C ALA C 225 15.25 -19.98 32.03
N THR C 226 14.78 -19.22 33.00
CA THR C 226 13.95 -18.03 32.78
C THR C 226 14.44 -16.92 33.67
N ARG C 227 14.45 -15.70 33.16
CA ARG C 227 14.68 -14.48 33.97
C ARG C 227 13.59 -13.49 33.62
N PRO C 228 13.18 -12.65 34.58
CA PRO C 228 12.21 -11.62 34.31
C PRO C 228 12.83 -10.52 33.44
N ASP C 229 12.01 -9.89 32.64
CA ASP C 229 12.33 -8.62 31.95
C ASP C 229 11.81 -7.50 32.85
N ILE C 230 12.63 -6.49 33.09
CA ILE C 230 12.42 -5.42 34.11
C ILE C 230 12.28 -4.10 33.39
N ALA C 231 11.30 -3.28 33.77
CA ALA C 231 11.16 -1.88 33.31
C ALA C 231 12.37 -1.06 33.81
N SER C 232 13.13 -0.44 32.93
CA SER C 232 14.26 0.46 33.31
C SER C 232 13.74 1.89 33.46
N ALA C 233 12.52 2.17 32.99
CA ALA C 233 11.86 3.49 33.10
C ALA C 233 10.34 3.30 33.22
N ALA C 234 9.60 4.36 33.58
CA ALA C 234 8.13 4.31 33.65
C ALA C 234 7.57 3.93 32.27
N MET C 235 6.70 2.94 32.22
CA MET C 235 6.04 2.48 30.97
C MET C 235 4.55 2.27 31.23
N ARG C 236 3.82 2.02 30.16
CA ARG C 236 2.39 1.64 30.23
C ARG C 236 2.21 0.33 29.45
N SER C 237 1.40 -0.59 29.96
CA SER C 237 0.93 -1.78 29.20
C SER C 237 -0.47 -1.49 28.69
N GLU C 238 -0.62 -1.32 27.38
CA GLU C 238 -1.95 -1.18 26.74
C GLU C 238 -2.73 -2.49 26.91
N ALA C 239 -2.07 -3.65 27.00
CA ALA C 239 -2.80 -4.95 27.08
C ALA C 239 -3.57 -5.00 28.41
N LEU C 240 -2.99 -4.54 29.51
CA LEU C 240 -3.61 -4.62 30.85
C LEU C 240 -4.14 -3.24 31.32
N GLY C 241 -3.93 -2.18 30.54
CA GLY C 241 -4.31 -0.80 30.90
C GLY C 241 -3.74 -0.41 32.26
N ILE C 242 -2.46 -0.71 32.52
CA ILE C 242 -1.79 -0.38 33.81
C ILE C 242 -0.51 0.40 33.54
N ASP C 243 -0.18 1.31 34.45
CA ASP C 243 1.14 2.00 34.51
C ASP C 243 2.13 1.05 35.18
N LEU C 244 3.35 1.01 34.68
CA LEU C 244 4.45 0.16 35.17
C LEU C 244 5.58 1.09 35.62
N ALA C 245 6.10 0.86 36.82
CA ALA C 245 7.16 1.68 37.43
C ALA C 245 8.51 1.06 37.10
N PRO C 246 9.57 1.89 37.01
CA PRO C 246 10.93 1.36 36.95
C PRO C 246 11.09 0.26 38.00
N GLY C 247 11.65 -0.90 37.64
CA GLY C 247 11.85 -2.06 38.52
C GLY C 247 10.71 -3.08 38.46
N ASP C 248 9.53 -2.71 37.94
CA ASP C 248 8.41 -3.66 37.75
C ASP C 248 8.78 -4.75 36.72
N VAL C 249 8.27 -5.96 36.88
CA VAL C 249 8.35 -7.04 35.84
C VAL C 249 7.47 -6.65 34.65
N ILE C 250 8.00 -6.76 33.43
CA ILE C 250 7.24 -6.41 32.20
C ILE C 250 7.14 -7.61 31.26
N GLY C 251 7.57 -8.79 31.69
CA GLY C 251 7.55 -10.01 30.91
C GLY C 251 8.71 -10.87 31.31
N PHE C 252 9.13 -11.79 30.45
CA PHE C 252 10.27 -12.67 30.77
C PHE C 252 10.91 -13.21 29.50
N THR C 253 12.12 -13.69 29.70
CA THR C 253 12.97 -14.31 28.66
C THR C 253 13.27 -15.74 29.11
N ASP C 254 12.97 -16.70 28.24
CA ASP C 254 13.28 -18.12 28.44
C ASP C 254 14.50 -18.46 27.56
N ILE C 255 15.28 -19.42 28.00
CA ILE C 255 16.36 -20.06 27.18
C ILE C 255 16.16 -21.56 27.35
N ASP C 256 15.95 -22.26 26.24
CA ASP C 256 15.76 -23.71 26.19
C ASP C 256 16.89 -24.30 25.36
N ARG C 257 17.35 -25.48 25.76
CA ARG C 257 18.45 -26.19 25.08
C ARG C 257 18.18 -27.68 25.10
N ILE C 258 18.31 -28.31 23.94
CA ILE C 258 18.25 -29.79 23.81
C ILE C 258 19.52 -30.27 23.10
N GLU C 259 20.30 -31.09 23.79
CA GLU C 259 21.43 -31.83 23.18
C GLU C 259 20.91 -33.19 22.70
N THR C 260 21.32 -33.62 21.52
CA THR C 260 20.92 -34.92 20.96
C THR C 260 22.07 -35.91 21.12
N GLU C 261 21.76 -37.19 21.17
CA GLU C 261 22.77 -38.27 21.19
C GLU C 261 23.62 -38.13 19.91
N GLU C 262 23.00 -37.80 18.78
CA GLU C 262 23.66 -37.84 17.45
C GLU C 262 24.65 -36.68 17.26
N GLY C 263 24.62 -35.65 18.10
CA GLY C 263 25.57 -34.52 18.00
C GLY C 263 24.90 -33.15 17.96
N PRO C 264 23.97 -32.89 17.01
CA PRO C 264 23.36 -31.56 16.92
C PRO C 264 22.74 -31.09 18.25
N VAL C 265 22.99 -29.82 18.56
CA VAL C 265 22.44 -29.12 19.74
C VAL C 265 21.48 -28.05 19.25
N PHE C 266 20.34 -27.91 19.92
CA PHE C 266 19.32 -26.89 19.65
C PHE C 266 19.24 -25.95 20.84
N GLU C 267 19.20 -24.65 20.57
CA GLU C 267 19.05 -23.62 21.61
C GLU C 267 18.13 -22.50 21.11
N PHE C 268 17.24 -22.03 21.98
CA PHE C 268 16.23 -21.00 21.62
C PHE C 268 16.02 -20.07 22.81
N GLU C 269 16.26 -18.79 22.60
CA GLU C 269 16.02 -17.73 23.57
C GLU C 269 14.84 -16.90 23.05
N MET C 270 13.82 -16.74 23.90
CA MET C 270 12.56 -16.06 23.55
C MET C 270 12.21 -15.08 24.67
N SER C 271 12.02 -13.82 24.31
CA SER C 271 11.52 -12.78 25.22
C SER C 271 10.13 -12.36 24.79
N GLY C 272 9.19 -12.40 25.73
CA GLY C 272 7.84 -11.83 25.61
C GLY C 272 7.66 -10.76 26.67
N ARG C 273 7.60 -9.50 26.26
CA ARG C 273 7.58 -8.38 27.25
C ARG C 273 6.86 -7.17 26.68
N VAL C 274 6.48 -6.27 27.57
CA VAL C 274 5.96 -4.94 27.14
C VAL C 274 7.13 -4.16 26.51
N TYR C 275 6.94 -3.63 25.31
CA TYR C 275 7.94 -2.79 24.62
C TYR C 275 7.78 -1.33 25.04
N GLY C 276 8.91 -0.64 25.15
CA GLY C 276 8.98 0.83 25.10
C GLY C 276 9.05 1.30 23.64
N PRO C 277 8.84 2.60 23.35
CA PRO C 277 8.96 3.10 21.98
C PRO C 277 10.32 2.78 21.35
N GLY C 278 10.32 2.48 20.05
CA GLY C 278 11.55 2.18 19.29
C GLY C 278 11.90 0.70 19.27
N GLU C 279 11.34 -0.14 20.14
CA GLU C 279 11.69 -1.58 20.18
C GLU C 279 10.93 -2.31 19.07
N GLY C 280 11.52 -3.36 18.53
CA GLY C 280 10.91 -4.14 17.44
C GLY C 280 11.08 -5.63 17.70
N ASP C 281 10.15 -6.41 17.18
CA ASP C 281 10.24 -7.88 17.19
C ASP C 281 11.45 -8.31 16.38
N ILE C 282 11.97 -9.47 16.72
CA ILE C 282 13.15 -10.10 16.11
C ILE C 282 12.86 -11.59 15.87
N ASN C 283 13.39 -12.11 14.77
CA ASN C 283 13.53 -13.57 14.53
C ASN C 283 14.88 -13.81 13.88
N GLU C 284 15.86 -14.27 14.64
CA GLU C 284 17.26 -14.43 14.18
C GLU C 284 17.74 -15.81 14.52
N TRP C 285 18.11 -16.57 13.50
CA TRP C 285 18.56 -17.97 13.67
C TRP C 285 19.94 -18.14 13.01
N THR C 286 20.79 -18.91 13.69
CA THR C 286 22.11 -19.31 13.21
C THR C 286 22.18 -20.82 13.24
N ILE C 287 22.76 -21.39 12.21
CA ILE C 287 23.20 -22.80 12.19
C ILE C 287 24.72 -22.80 12.10
N GLU C 288 25.38 -23.37 13.11
CA GLU C 288 26.84 -23.58 13.11
C GLU C 288 27.08 -25.00 12.59
N GLY C 289 27.89 -25.12 11.56
CA GLY C 289 28.26 -26.41 10.97
C GLY C 289 28.90 -26.16 9.63
N GLU C 290 28.65 -27.06 8.69
CA GLU C 290 29.16 -26.94 7.31
C GLU C 290 27.93 -26.84 6.42
N PRO C 291 27.60 -25.67 5.85
CA PRO C 291 28.26 -24.40 6.16
C PRO C 291 27.57 -23.74 7.36
N ASN C 292 28.03 -22.56 7.74
CA ASN C 292 27.31 -21.68 8.70
C ASN C 292 26.18 -20.98 7.94
N LEU C 293 25.00 -20.94 8.55
CA LEU C 293 23.79 -20.37 7.95
C LEU C 293 23.16 -19.37 8.90
N PHE C 294 22.48 -18.38 8.31
CA PHE C 294 21.83 -17.26 9.01
C PHE C 294 20.47 -16.98 8.39
N LEU C 295 19.51 -16.68 9.26
CA LEU C 295 18.17 -16.22 8.84
C LEU C 295 17.70 -15.11 9.77
N SER C 296 17.21 -14.03 9.17
CA SER C 296 16.62 -12.88 9.89
C SER C 296 15.37 -12.45 9.14
N ASN C 297 14.35 -11.95 9.87
CA ASN C 297 13.07 -11.54 9.28
C ASN C 297 12.84 -10.05 9.59
N GLY C 298 13.92 -9.30 9.84
CA GLY C 298 13.80 -7.85 10.13
C GLY C 298 12.84 -7.64 11.32
N THR C 299 12.06 -6.58 11.30
CA THR C 299 11.02 -6.30 12.32
C THR C 299 9.81 -7.15 11.94
N VAL C 300 9.83 -8.40 12.35
CA VAL C 300 8.88 -9.44 11.89
C VAL C 300 7.50 -9.11 12.43
N PRO C 301 6.44 -9.17 11.60
CA PRO C 301 5.07 -8.90 12.07
C PRO C 301 4.44 -10.11 12.78
N THR C 302 4.86 -10.32 14.03
CA THR C 302 4.43 -11.47 14.86
C THR C 302 2.89 -11.45 14.97
N GLN C 303 2.29 -10.32 15.30
CA GLN C 303 0.83 -10.25 15.55
C GLN C 303 0.08 -10.67 14.27
N THR C 304 0.40 -10.08 13.13
CA THR C 304 -0.39 -10.38 11.90
C THR C 304 -0.15 -11.85 11.52
N THR C 305 1.09 -12.35 11.53
CA THR C 305 1.41 -13.71 11.02
C THR C 305 0.97 -14.78 12.04
N THR C 306 0.70 -14.42 13.30
CA THR C 306 0.01 -15.37 14.19
C THR C 306 -1.33 -15.75 13.54
N CYS C 307 -2.05 -14.74 13.07
CA CYS C 307 -3.45 -14.85 12.59
C CYS C 307 -3.46 -15.44 11.16
N THR C 308 -2.58 -14.95 10.27
CA THR C 308 -2.48 -15.44 8.87
C THR C 308 -2.12 -16.92 8.87
N GLN C 309 -1.24 -17.36 9.76
CA GLN C 309 -0.81 -18.77 9.75
C GLN C 309 -1.95 -19.66 10.21
N MET C 310 -2.68 -19.30 11.27
CA MET C 310 -3.83 -20.14 11.71
C MET C 310 -4.86 -20.20 10.56
N VAL C 311 -5.16 -19.08 9.93
CA VAL C 311 -6.16 -19.04 8.82
C VAL C 311 -5.66 -19.92 7.66
N ASN C 312 -4.42 -19.71 7.23
CA ASN C 312 -3.86 -20.37 6.01
C ASN C 312 -3.71 -21.86 6.30
N ARG C 313 -3.71 -22.26 7.58
CA ARG C 313 -3.62 -23.70 7.96
C ARG C 313 -4.97 -24.44 7.82
N ILE C 314 -6.08 -23.72 7.76
CA ILE C 314 -7.42 -24.36 7.93
C ILE C 314 -7.60 -25.49 6.89
N PRO C 315 -7.34 -25.29 5.58
CA PRO C 315 -7.48 -26.39 4.61
C PRO C 315 -6.63 -27.62 4.94
N ASP C 316 -5.41 -27.40 5.44
CA ASP C 316 -4.46 -28.49 5.77
C ASP C 316 -5.06 -29.30 6.92
N VAL C 317 -5.64 -28.62 7.92
CA VAL C 317 -6.11 -29.28 9.16
C VAL C 317 -7.39 -30.10 8.81
N ILE C 318 -8.27 -29.53 7.98
CA ILE C 318 -9.49 -30.26 7.52
C ILE C 318 -9.06 -31.53 6.77
N ALA C 319 -8.09 -31.43 5.85
CA ALA C 319 -7.63 -32.53 4.99
C ALA C 319 -6.79 -33.56 5.75
N ALA C 320 -6.24 -33.25 6.93
CA ALA C 320 -5.25 -34.10 7.61
C ALA C 320 -5.91 -35.32 8.26
N PRO C 321 -5.14 -36.39 8.58
CA PRO C 321 -5.65 -37.51 9.35
C PRO C 321 -6.17 -37.11 10.73
N PRO C 322 -7.11 -37.88 11.32
CA PRO C 322 -7.61 -37.60 12.64
C PRO C 322 -6.48 -37.76 13.67
N GLY C 323 -6.66 -37.12 14.83
CA GLY C 323 -5.70 -37.11 15.94
C GLY C 323 -5.09 -35.72 16.12
N ILE C 324 -4.13 -35.62 17.04
CA ILE C 324 -3.23 -34.43 17.12
C ILE C 324 -2.28 -34.53 15.93
N VAL C 325 -2.35 -33.59 15.00
CA VAL C 325 -1.42 -33.52 13.85
C VAL C 325 -0.61 -32.23 14.00
N THR C 326 0.70 -32.38 14.17
CA THR C 326 1.63 -31.24 14.39
C THR C 326 2.06 -30.66 13.05
N VAL C 327 2.40 -29.37 13.03
CA VAL C 327 2.60 -28.60 11.78
C VAL C 327 3.88 -29.07 11.05
N ASP C 328 4.83 -29.70 11.74
CA ASP C 328 6.03 -30.30 11.08
C ASP C 328 5.60 -31.45 10.15
N ARG C 329 4.43 -32.05 10.39
CA ARG C 329 3.93 -33.22 9.61
C ARG C 329 2.97 -32.77 8.51
N LEU C 330 2.56 -31.50 8.48
CA LEU C 330 1.58 -31.01 7.49
C LEU C 330 2.32 -30.66 6.20
N PRO C 331 1.61 -30.64 5.04
CA PRO C 331 2.20 -30.13 3.81
C PRO C 331 2.65 -28.68 3.99
N ARG C 332 3.46 -28.19 3.07
CA ARG C 332 4.00 -26.81 3.15
C ARG C 332 2.82 -25.83 3.27
N LEU C 333 2.95 -24.88 4.18
CA LEU C 333 2.02 -23.73 4.30
C LEU C 333 2.01 -22.99 2.98
N ARG C 334 0.83 -22.62 2.48
CA ARG C 334 0.75 -21.91 1.19
C ARG C 334 -0.21 -20.72 1.27
N TYR C 335 0.15 -19.71 0.49
CA TYR C 335 -0.67 -18.53 0.16
C TYR C 335 -1.86 -19.00 -0.67
N ARG C 336 -3.08 -18.71 -0.23
CA ARG C 336 -4.33 -18.96 -1.00
C ARG C 336 -5.18 -17.69 -0.93
N PRO C 337 -5.31 -16.93 -2.04
CA PRO C 337 -6.20 -15.76 -2.05
C PRO C 337 -7.67 -16.06 -1.67
N GLN C 338 -8.20 -17.24 -2.02
CA GLN C 338 -9.59 -17.68 -1.70
C GLN C 338 -9.51 -19.17 -1.34
N PHE C 339 -10.31 -19.59 -0.36
CA PHE C 339 -10.35 -20.97 0.20
C PHE C 339 -11.35 -21.85 -0.56
N HIS D 1 -28.26 39.46 -15.95
CA HIS D 1 -27.13 40.34 -16.40
C HIS D 1 -27.50 40.98 -17.75
N HIS D 2 -27.31 42.31 -17.88
CA HIS D 2 -27.65 43.11 -19.10
C HIS D 2 -26.73 42.70 -20.28
N HIS D 3 -27.32 42.49 -21.46
CA HIS D 3 -26.73 41.96 -22.73
C HIS D 3 -25.20 42.13 -22.79
N HIS D 4 -24.68 43.37 -22.84
CA HIS D 4 -23.22 43.65 -22.98
C HIS D 4 -22.73 44.54 -21.81
N HIS D 5 -23.15 44.20 -20.59
CA HIS D 5 -22.89 44.97 -19.34
C HIS D 5 -21.42 44.89 -18.92
N SER D 6 -20.62 43.96 -19.45
CA SER D 6 -19.19 43.80 -19.07
C SER D 6 -18.34 44.71 -19.96
N ASP D 7 -17.24 45.20 -19.41
CA ASP D 7 -16.17 45.92 -20.14
C ASP D 7 -15.41 44.93 -21.04
N ILE D 8 -15.44 43.63 -20.75
CA ILE D 8 -14.56 42.63 -21.43
C ILE D 8 -15.00 42.49 -22.89
N ARG D 9 -14.02 42.61 -23.78
CA ARG D 9 -14.22 42.41 -25.24
C ARG D 9 -13.53 41.11 -25.63
N ALA D 10 -14.27 40.17 -26.19
CA ALA D 10 -13.79 38.79 -26.46
C ALA D 10 -13.91 38.45 -27.95
N VAL D 11 -12.97 37.65 -28.45
CA VAL D 11 -13.03 36.99 -29.80
C VAL D 11 -13.26 35.50 -29.57
N VAL D 12 -14.30 34.91 -30.18
CA VAL D 12 -14.53 33.44 -30.07
C VAL D 12 -13.77 32.77 -31.21
N TYR D 13 -12.71 32.05 -30.86
CA TYR D 13 -11.72 31.45 -31.79
C TYR D 13 -12.09 29.97 -31.94
N GLY D 14 -12.67 29.64 -33.09
CA GLY D 14 -13.37 28.38 -33.38
C GLY D 14 -14.83 28.51 -33.01
N VAL D 15 -15.70 27.91 -33.78
CA VAL D 15 -17.17 27.99 -33.60
C VAL D 15 -17.75 26.58 -33.78
N GLY D 16 -17.19 25.58 -33.12
CA GLY D 16 -17.72 24.20 -33.17
C GLY D 16 -18.54 23.87 -31.94
N ALA D 17 -18.55 22.60 -31.53
CA ALA D 17 -19.48 22.09 -30.49
C ALA D 17 -19.30 22.89 -29.19
N MET D 18 -18.06 23.08 -28.73
CA MET D 18 -17.83 23.70 -27.39
C MET D 18 -17.99 25.23 -27.49
N ASN D 19 -17.38 25.91 -28.49
CA ASN D 19 -17.50 27.39 -28.54
C ASN D 19 -18.96 27.81 -28.84
N SER D 20 -19.78 26.94 -29.41
CA SER D 20 -21.22 27.26 -29.58
C SER D 20 -21.85 27.44 -28.21
N ILE D 21 -21.53 26.56 -27.27
CA ILE D 21 -22.08 26.62 -25.88
C ILE D 21 -21.46 27.84 -25.20
N VAL D 22 -20.14 27.97 -25.32
CA VAL D 22 -19.36 29.03 -24.64
C VAL D 22 -19.91 30.41 -25.07
N ALA D 23 -20.16 30.60 -26.36
CA ALA D 23 -20.62 31.90 -26.92
C ALA D 23 -21.88 32.36 -26.16
N GLY D 24 -22.88 31.48 -25.99
CA GLY D 24 -24.12 31.81 -25.25
C GLY D 24 -23.84 32.15 -23.79
N MET D 25 -22.87 31.46 -23.16
CA MET D 25 -22.50 31.74 -21.75
C MET D 25 -21.80 33.10 -21.70
N LEU D 26 -20.95 33.45 -22.68
CA LEU D 26 -20.26 34.77 -22.69
C LEU D 26 -21.34 35.87 -22.71
N LEU D 27 -22.34 35.72 -23.56
CA LEU D 27 -23.46 36.70 -23.67
C LEU D 27 -24.19 36.81 -22.33
N ASP D 28 -24.50 35.69 -21.67
CA ASP D 28 -25.17 35.64 -20.35
C ASP D 28 -24.36 36.40 -19.29
N LYS D 29 -23.02 36.40 -19.37
CA LYS D 29 -22.16 37.09 -18.39
C LYS D 29 -22.05 38.59 -18.72
N GLY D 30 -22.56 39.02 -19.89
CA GLY D 30 -22.51 40.42 -20.35
C GLY D 30 -21.25 40.72 -21.14
N VAL D 31 -20.49 39.70 -21.55
CA VAL D 31 -19.24 39.91 -22.33
C VAL D 31 -19.60 40.46 -23.71
N GLN D 32 -18.78 41.36 -24.24
CA GLN D 32 -18.95 41.89 -25.62
C GLN D 32 -18.18 40.99 -26.58
N ILE D 33 -18.88 40.26 -27.44
CA ILE D 33 -18.22 39.47 -28.52
C ILE D 33 -17.94 40.44 -29.68
N VAL D 34 -16.66 40.67 -30.01
CA VAL D 34 -16.25 41.66 -31.02
C VAL D 34 -15.64 40.95 -32.23
N GLY D 35 -15.48 39.63 -32.19
CA GLY D 35 -14.99 38.89 -33.37
C GLY D 35 -15.17 37.38 -33.21
N ALA D 36 -15.04 36.64 -34.32
CA ALA D 36 -15.28 35.18 -34.37
C ALA D 36 -14.50 34.59 -35.56
N ILE D 37 -13.73 33.54 -35.28
CA ILE D 37 -12.79 32.92 -36.25
C ILE D 37 -13.21 31.46 -36.46
N ALA D 38 -13.33 31.06 -37.72
CA ALA D 38 -13.64 29.67 -38.13
C ALA D 38 -12.69 29.27 -39.26
N ARG D 39 -12.86 28.06 -39.80
CA ARG D 39 -12.00 27.52 -40.88
C ARG D 39 -12.85 27.23 -42.13
N SER D 40 -14.07 26.70 -41.98
CA SER D 40 -14.90 26.18 -43.09
C SER D 40 -15.48 27.35 -43.88
N PRO D 41 -15.26 27.42 -45.22
CA PRO D 41 -15.86 28.44 -46.07
C PRO D 41 -17.36 28.69 -45.85
N GLN D 42 -18.13 27.62 -45.64
CA GLN D 42 -19.59 27.69 -45.36
C GLN D 42 -19.87 28.61 -44.17
N LYS D 43 -19.00 28.63 -43.15
CA LYS D 43 -19.19 29.39 -41.88
C LYS D 43 -18.74 30.86 -42.06
N VAL D 44 -17.63 31.07 -42.78
CA VAL D 44 -17.01 32.42 -42.88
C VAL D 44 -17.98 33.32 -43.68
N GLY D 45 -18.11 34.56 -43.23
CA GLY D 45 -19.05 35.55 -43.78
C GLY D 45 -20.37 35.55 -43.03
N GLN D 46 -20.77 34.45 -42.42
CA GLN D 46 -22.06 34.41 -41.68
C GLN D 46 -21.97 35.28 -40.43
N ASP D 47 -23.10 35.77 -39.95
CA ASP D 47 -23.21 36.42 -38.62
C ASP D 47 -23.13 35.33 -37.55
N LEU D 48 -22.34 35.55 -36.50
CA LEU D 48 -22.15 34.56 -35.40
C LEU D 48 -23.51 34.16 -34.80
N GLY D 49 -24.39 35.13 -34.54
CA GLY D 49 -25.74 34.92 -33.98
C GLY D 49 -26.54 33.93 -34.81
N ASP D 50 -26.49 34.06 -36.14
CA ASP D 50 -27.18 33.14 -37.08
C ASP D 50 -26.55 31.76 -36.98
N LEU D 51 -25.21 31.73 -37.00
CA LEU D 51 -24.44 30.47 -37.03
C LEU D 51 -24.70 29.67 -35.75
N LEU D 52 -24.99 30.35 -34.63
CA LEU D 52 -25.30 29.71 -33.30
C LEU D 52 -26.81 29.54 -33.10
N GLY D 53 -27.65 30.03 -34.01
CA GLY D 53 -29.11 29.82 -33.95
C GLY D 53 -29.76 30.57 -32.79
N LEU D 54 -29.24 31.75 -32.46
CA LEU D 54 -29.95 32.78 -31.65
C LEU D 54 -30.85 33.51 -32.65
N GLY D 55 -32.07 33.86 -32.27
CA GLY D 55 -33.04 34.53 -33.17
C GLY D 55 -32.63 35.95 -33.54
N ARG D 56 -31.57 36.47 -32.93
CA ARG D 56 -31.01 37.82 -33.18
C ARG D 56 -29.62 37.68 -33.82
N GLN D 57 -29.32 38.52 -34.80
CA GLN D 57 -27.94 38.72 -35.34
C GLN D 57 -27.12 39.44 -34.26
N LEU D 58 -25.81 39.24 -34.24
CA LEU D 58 -24.91 39.81 -33.19
C LEU D 58 -24.14 41.01 -33.75
N GLY D 59 -24.14 41.19 -35.08
CA GLY D 59 -23.30 42.21 -35.74
C GLY D 59 -21.84 41.84 -35.71
N VAL D 60 -21.54 40.53 -35.75
CA VAL D 60 -20.14 39.99 -35.82
C VAL D 60 -20.11 39.00 -36.98
N ALA D 61 -19.33 39.29 -38.01
CA ALA D 61 -19.17 38.47 -39.22
C ALA D 61 -18.03 37.48 -38.99
N VAL D 62 -18.30 36.18 -39.07
CA VAL D 62 -17.24 35.14 -38.89
C VAL D 62 -16.17 35.35 -39.95
N SER D 63 -14.91 35.31 -39.54
CA SER D 63 -13.72 35.47 -40.39
C SER D 63 -12.89 34.19 -40.36
N ASP D 64 -12.08 33.96 -41.37
CA ASP D 64 -11.13 32.83 -41.43
C ASP D 64 -9.70 33.38 -41.25
N ASP D 65 -9.58 34.65 -40.83
CA ASP D 65 -8.26 35.34 -40.74
C ASP D 65 -8.10 35.87 -39.31
N ALA D 66 -7.53 35.06 -38.43
CA ALA D 66 -7.39 35.35 -36.99
C ALA D 66 -6.59 36.66 -36.80
N ALA D 67 -5.44 36.80 -37.45
CA ALA D 67 -4.54 37.97 -37.32
C ALA D 67 -5.32 39.24 -37.66
N GLU D 68 -6.10 39.21 -38.74
CA GLU D 68 -6.92 40.36 -39.21
C GLU D 68 -7.95 40.72 -38.12
N VAL D 69 -8.64 39.73 -37.56
CA VAL D 69 -9.68 39.98 -36.52
C VAL D 69 -9.01 40.63 -35.31
N LEU D 70 -7.85 40.14 -34.87
CA LEU D 70 -7.17 40.66 -33.67
C LEU D 70 -6.67 42.09 -33.95
N GLU D 71 -6.09 42.33 -35.12
CA GLU D 71 -5.56 43.66 -35.53
C GLU D 71 -6.72 44.64 -35.60
N GLN D 72 -7.89 44.20 -36.05
CA GLN D 72 -9.09 45.06 -36.20
C GLN D 72 -9.76 45.35 -34.86
N THR D 73 -9.73 44.44 -33.88
CA THR D 73 -10.62 44.54 -32.67
C THR D 73 -9.82 44.65 -31.37
N HIS D 74 -8.56 44.20 -31.30
CA HIS D 74 -7.73 44.19 -30.07
C HIS D 74 -8.57 43.82 -28.85
N PRO D 75 -9.08 42.58 -28.78
CA PRO D 75 -9.92 42.13 -27.66
C PRO D 75 -9.07 41.93 -26.39
N ASP D 76 -9.71 41.93 -25.23
CA ASP D 76 -9.09 41.58 -23.94
C ASP D 76 -8.76 40.09 -23.88
N ILE D 77 -9.51 39.26 -24.61
CA ILE D 77 -9.43 37.77 -24.47
C ILE D 77 -9.87 37.10 -25.78
N ALA D 78 -9.07 36.12 -26.21
CA ALA D 78 -9.44 35.12 -27.24
C ALA D 78 -9.86 33.82 -26.52
N VAL D 79 -11.04 33.32 -26.86
CA VAL D 79 -11.66 32.13 -26.21
C VAL D 79 -11.57 30.98 -27.22
N ILE D 80 -10.63 30.05 -27.04
CA ILE D 80 -10.22 29.11 -28.13
C ILE D 80 -10.79 27.72 -27.84
N ALA D 81 -11.57 27.20 -28.78
CA ALA D 81 -12.01 25.78 -28.79
C ALA D 81 -11.82 25.23 -30.21
N VAL D 82 -10.57 24.92 -30.58
CA VAL D 82 -10.30 24.42 -31.96
C VAL D 82 -9.56 23.07 -31.91
N ASN D 83 -8.45 22.93 -31.18
CA ASN D 83 -7.64 21.69 -31.20
C ASN D 83 -7.04 21.41 -29.82
N SER D 84 -6.27 20.33 -29.69
CA SER D 84 -5.86 19.73 -28.41
C SER D 84 -4.36 19.87 -28.16
N TYR D 85 -3.52 19.58 -29.15
CA TYR D 85 -2.06 19.34 -28.95
C TYR D 85 -1.29 20.59 -29.41
N LEU D 86 -0.24 20.97 -28.68
CA LEU D 86 0.55 22.21 -28.94
C LEU D 86 1.10 22.20 -30.37
N THR D 87 1.39 21.02 -30.90
CA THR D 87 1.88 20.80 -32.28
C THR D 87 0.91 21.46 -33.25
N ASP D 88 -0.39 21.40 -32.97
CA ASP D 88 -1.46 22.09 -33.75
C ASP D 88 -1.71 23.49 -33.14
N ALA D 89 -1.88 23.56 -31.82
CA ALA D 89 -2.42 24.75 -31.11
C ALA D 89 -1.42 25.90 -31.16
N VAL D 90 -0.12 25.62 -31.31
CA VAL D 90 0.92 26.68 -31.36
C VAL D 90 0.56 27.68 -32.46
N GLU D 91 -0.05 27.24 -33.56
CA GLU D 91 -0.41 28.16 -34.68
C GLU D 91 -1.38 29.25 -34.16
N GLN D 92 -2.46 28.88 -33.47
CA GLN D 92 -3.46 29.87 -32.97
C GLN D 92 -2.88 30.64 -31.78
N LEU D 93 -2.11 29.98 -30.91
CA LEU D 93 -1.57 30.62 -29.68
C LEU D 93 -0.48 31.65 -30.08
N ARG D 94 0.28 31.39 -31.15
CA ARG D 94 1.30 32.34 -31.69
C ARG D 94 0.59 33.64 -32.10
N ILE D 95 -0.49 33.51 -32.86
CA ILE D 95 -1.26 34.67 -33.36
C ILE D 95 -1.76 35.50 -32.16
N CYS D 96 -2.26 34.86 -31.10
CA CYS D 96 -2.79 35.58 -29.91
C CYS D 96 -1.63 36.30 -29.20
N ALA D 97 -0.58 35.57 -28.87
CA ALA D 97 0.59 36.08 -28.11
C ALA D 97 1.31 37.20 -28.91
N GLU D 98 1.47 37.03 -30.23
CA GLU D 98 2.14 38.03 -31.11
C GLU D 98 1.41 39.37 -30.97
N HIS D 99 0.08 39.34 -30.91
CA HIS D 99 -0.80 40.52 -30.92
C HIS D 99 -1.08 41.00 -29.48
N GLY D 100 -0.35 40.49 -28.48
CA GLY D 100 -0.56 40.80 -27.06
C GLY D 100 -1.97 40.48 -26.58
N VAL D 101 -2.64 39.47 -27.17
CA VAL D 101 -4.04 39.11 -26.80
C VAL D 101 -4.00 37.93 -25.81
N ASN D 102 -4.59 38.13 -24.64
CA ASN D 102 -4.80 37.06 -23.62
C ASN D 102 -5.61 35.93 -24.29
N ALA D 103 -5.30 34.68 -23.94
CA ALA D 103 -5.99 33.51 -24.53
C ALA D 103 -6.32 32.50 -23.43
N VAL D 104 -7.57 32.10 -23.39
CA VAL D 104 -8.02 30.91 -22.65
C VAL D 104 -8.36 29.85 -23.71
N THR D 105 -7.90 28.62 -23.55
CA THR D 105 -8.07 27.57 -24.59
C THR D 105 -8.44 26.24 -23.94
N LEU D 106 -9.26 25.45 -24.64
CA LEU D 106 -9.64 24.06 -24.25
C LEU D 106 -8.53 23.09 -24.60
N SER D 107 -7.47 23.51 -25.31
CA SER D 107 -6.37 22.58 -25.70
C SER D 107 -5.93 21.77 -24.49
N GLU D 108 -6.10 20.44 -24.53
CA GLU D 108 -5.89 19.57 -23.35
C GLU D 108 -4.41 19.60 -22.99
N GLU D 109 -3.51 19.66 -23.99
CA GLU D 109 -2.06 19.67 -23.71
C GLU D 109 -1.70 21.01 -23.03
N MET D 110 -2.41 22.09 -23.31
CA MET D 110 -2.08 23.42 -22.70
C MET D 110 -2.43 23.42 -21.19
N LEU D 111 -3.10 22.40 -20.67
CA LEU D 111 -3.37 22.32 -19.21
C LEU D 111 -2.05 22.45 -18.45
N TYR D 112 -1.00 21.77 -18.94
CA TYR D 112 0.35 21.83 -18.37
C TYR D 112 1.32 21.31 -19.44
N PRO D 113 1.78 22.19 -20.35
CA PRO D 113 2.52 21.75 -21.53
C PRO D 113 4.06 21.70 -21.38
N TRP D 114 4.60 22.15 -20.26
CA TRP D 114 6.06 22.36 -20.06
C TRP D 114 6.86 21.09 -20.35
N GLU D 115 6.38 19.92 -19.93
CA GLU D 115 7.17 18.66 -20.05
C GLU D 115 6.90 17.99 -21.38
N THR D 116 5.66 17.99 -21.88
CA THR D 116 5.32 17.25 -23.11
C THR D 116 5.78 18.05 -24.35
N SER D 117 5.80 19.39 -24.28
CA SER D 117 6.14 20.29 -25.42
C SER D 117 7.02 21.41 -24.92
N PRO D 118 8.24 21.09 -24.43
CA PRO D 118 9.07 22.07 -23.74
C PRO D 118 9.51 23.24 -24.63
N GLU D 119 9.85 22.97 -25.91
CA GLU D 119 10.38 24.01 -26.84
C GLU D 119 9.23 24.95 -27.22
N LEU D 120 8.10 24.41 -27.65
CA LEU D 120 6.91 25.21 -28.03
C LEU D 120 6.40 25.99 -26.80
N SER D 121 6.47 25.40 -25.61
CA SER D 121 6.05 26.06 -24.34
C SER D 121 6.98 27.24 -24.07
N ALA D 122 8.30 27.04 -24.13
CA ALA D 122 9.29 28.11 -23.83
C ALA D 122 9.08 29.25 -24.82
N GLU D 123 8.91 28.94 -26.09
CA GLU D 123 8.73 29.93 -27.17
C GLU D 123 7.48 30.78 -26.86
N LEU D 124 6.35 30.13 -26.58
CA LEU D 124 5.05 30.82 -26.37
C LEU D 124 5.09 31.64 -25.09
N ASP D 125 5.74 31.11 -24.04
CA ASP D 125 5.88 31.81 -22.75
C ASP D 125 6.69 33.10 -22.97
N ALA D 126 7.81 33.03 -23.69
CA ALA D 126 8.70 34.19 -23.98
C ALA D 126 7.93 35.24 -24.79
N LEU D 127 7.23 34.81 -25.84
CA LEU D 127 6.45 35.70 -26.73
C LEU D 127 5.36 36.40 -25.93
N ALA D 128 4.58 35.66 -25.15
CA ALA D 128 3.42 36.19 -24.39
C ALA D 128 3.92 37.19 -23.34
N LYS D 129 5.08 36.92 -22.74
CA LYS D 129 5.72 37.80 -21.74
C LYS D 129 6.16 39.11 -22.41
N SER D 130 6.65 39.02 -23.64
CA SER D 130 7.18 40.20 -24.38
C SER D 130 6.02 41.13 -24.76
N THR D 131 4.78 40.65 -24.87
CA THR D 131 3.58 41.45 -25.29
C THR D 131 2.59 41.66 -24.14
N GLY D 132 2.88 41.17 -22.94
CA GLY D 132 2.01 41.37 -21.76
C GLY D 132 0.80 40.43 -21.70
N ALA D 133 0.74 39.40 -22.56
CA ALA D 133 -0.43 38.50 -22.69
C ALA D 133 -0.28 37.26 -21.79
N THR D 134 -1.40 36.78 -21.26
CA THR D 134 -1.49 35.48 -20.55
C THR D 134 -2.12 34.43 -21.48
N LEU D 135 -1.51 33.23 -21.54
CA LEU D 135 -2.06 32.04 -22.22
C LEU D 135 -2.35 30.97 -21.14
N THR D 136 -3.57 30.46 -21.10
CA THR D 136 -4.00 29.48 -20.08
C THR D 136 -4.83 28.37 -20.74
N GLY D 137 -4.38 27.13 -20.57
CA GLY D 137 -5.20 25.95 -20.91
C GLY D 137 -6.13 25.61 -19.76
N THR D 138 -7.43 25.49 -20.05
CA THR D 138 -8.46 25.14 -19.07
C THR D 138 -9.50 24.26 -19.77
N GLY D 139 -10.70 24.16 -19.19
CA GLY D 139 -11.73 23.18 -19.56
C GLY D 139 -12.07 22.27 -18.40
N TYR D 140 -12.57 21.07 -18.71
CA TYR D 140 -13.13 20.15 -17.70
C TYR D 140 -12.07 19.85 -16.64
N GLN D 141 -10.83 19.61 -17.07
CA GLN D 141 -9.75 19.09 -16.18
C GLN D 141 -9.45 20.08 -15.05
N ASP D 142 -9.66 21.38 -15.29
CA ASP D 142 -9.18 22.49 -14.43
C ASP D 142 -9.56 22.19 -12.98
N THR D 143 -10.84 21.99 -12.71
CA THR D 143 -11.34 21.63 -11.37
C THR D 143 -11.20 20.12 -11.14
N PHE D 144 -11.76 19.28 -12.00
CA PHE D 144 -12.12 17.88 -11.67
C PHE D 144 -10.90 16.97 -11.68
N TRP D 145 -9.84 17.31 -12.40
CA TRP D 145 -8.63 16.46 -12.46
C TRP D 145 -7.40 17.16 -11.88
N VAL D 146 -7.44 18.46 -11.64
CA VAL D 146 -6.23 19.19 -11.15
C VAL D 146 -6.54 19.87 -9.82
N ASN D 147 -7.28 20.98 -9.81
CA ASN D 147 -7.38 21.82 -8.59
C ASN D 147 -8.13 21.14 -7.45
N MET D 148 -9.22 20.41 -7.72
CA MET D 148 -9.99 19.72 -6.64
C MET D 148 -9.13 18.55 -6.09
N ILE D 149 -8.30 17.97 -6.92
CA ILE D 149 -7.43 16.84 -6.52
C ILE D 149 -6.27 17.38 -5.69
N ALA D 150 -5.63 18.47 -6.11
CA ALA D 150 -4.59 19.14 -5.30
C ALA D 150 -5.17 19.59 -3.96
N LEU D 151 -6.41 20.10 -3.95
CA LEU D 151 -7.08 20.52 -2.68
C LEU D 151 -7.23 19.29 -1.79
N LEU D 152 -7.73 18.17 -2.32
CA LEU D 152 -7.92 16.93 -1.51
C LEU D 152 -6.57 16.49 -0.93
N MET D 153 -5.51 16.55 -1.75
CA MET D 153 -4.12 16.23 -1.33
C MET D 153 -3.68 17.12 -0.15
N GLY D 154 -4.18 18.35 -0.10
CA GLY D 154 -3.93 19.28 1.02
C GLY D 154 -4.47 18.80 2.35
N THR D 155 -5.37 17.81 2.37
CA THR D 155 -5.93 17.25 3.63
C THR D 155 -5.14 16.02 4.08
N ALA D 156 -4.12 15.62 3.34
CA ALA D 156 -3.27 14.45 3.67
C ALA D 156 -2.06 14.86 4.51
N HIS D 157 -1.69 14.02 5.47
CA HIS D 157 -0.43 14.11 6.25
C HIS D 157 0.70 13.43 5.48
N ARG D 158 0.47 12.25 4.95
CA ARG D 158 1.43 11.54 4.07
C ARG D 158 0.67 10.89 2.92
N ILE D 159 1.20 11.02 1.71
CA ILE D 159 0.61 10.44 0.48
C ILE D 159 1.50 9.30 0.01
N ASP D 160 0.94 8.10 -0.17
CA ASP D 160 1.62 6.98 -0.87
C ASP D 160 1.22 6.98 -2.33
N THR D 161 -0.08 6.98 -2.63
CA THR D 161 -0.61 6.88 -3.99
C THR D 161 -1.80 7.84 -4.18
N VAL D 162 -1.79 8.56 -5.30
CA VAL D 162 -2.99 9.27 -5.85
C VAL D 162 -3.45 8.52 -7.09
N ARG D 163 -4.70 8.06 -7.09
CA ARG D 163 -5.29 7.28 -8.21
C ARG D 163 -6.58 7.97 -8.69
N GLY D 164 -6.67 8.24 -9.98
CA GLY D 164 -7.86 8.78 -10.64
C GLY D 164 -8.38 7.85 -11.71
N LYS D 165 -9.69 7.81 -11.85
CA LYS D 165 -10.43 7.09 -12.89
C LYS D 165 -11.49 8.01 -13.47
N ALA D 166 -11.51 8.15 -14.79
CA ALA D 166 -12.39 9.11 -15.50
C ALA D 166 -12.93 8.47 -16.77
N SER D 167 -14.17 8.82 -17.09
CA SER D 167 -14.86 8.43 -18.34
C SER D 167 -15.56 9.67 -18.91
N TRP D 168 -15.39 9.94 -20.21
CA TRP D 168 -16.23 10.91 -20.92
C TRP D 168 -16.68 10.35 -22.27
N ASN D 169 -17.76 10.92 -22.80
CA ASN D 169 -18.50 10.49 -24.00
C ASN D 169 -18.07 11.34 -25.20
N VAL D 170 -17.40 10.73 -26.18
CA VAL D 170 -17.10 11.34 -27.51
C VAL D 170 -18.33 12.11 -28.03
N ASP D 171 -19.53 11.54 -27.92
CA ASP D 171 -20.71 12.11 -28.59
C ASP D 171 -21.21 13.39 -27.87
N ASP D 172 -20.61 13.77 -26.74
CA ASP D 172 -20.89 15.09 -26.10
C ASP D 172 -20.11 16.21 -26.81
N PHE D 173 -19.14 15.86 -27.68
CA PHE D 173 -18.17 16.81 -28.27
C PHE D 173 -18.20 16.69 -29.80
N GLY D 174 -17.37 17.47 -30.49
CA GLY D 174 -17.44 17.61 -31.96
C GLY D 174 -16.45 16.73 -32.71
N PRO D 175 -16.44 16.86 -34.06
CA PRO D 175 -15.62 16.00 -34.93
C PRO D 175 -14.11 16.00 -34.66
N GLU D 176 -13.57 17.15 -34.25
CA GLU D 176 -12.12 17.26 -33.98
C GLU D 176 -11.74 16.19 -32.95
N LEU D 177 -12.50 16.07 -31.86
CA LEU D 177 -12.14 15.17 -30.73
C LEU D 177 -12.46 13.73 -31.15
N ALA D 178 -13.61 13.52 -31.80
CA ALA D 178 -14.10 12.19 -32.22
C ALA D 178 -13.08 11.57 -33.19
N THR D 179 -12.59 12.36 -34.14
CA THR D 179 -11.54 11.90 -35.09
C THR D 179 -10.25 11.59 -34.34
N ALA D 180 -9.84 12.42 -33.39
CA ALA D 180 -8.58 12.20 -32.66
C ALA D 180 -8.69 10.97 -31.75
N GLN D 181 -9.91 10.58 -31.36
CA GLN D 181 -10.16 9.39 -30.49
C GLN D 181 -10.26 8.13 -31.37
N GLN D 182 -10.05 8.25 -32.70
CA GLN D 182 -9.91 7.12 -33.65
C GLN D 182 -11.26 6.40 -33.81
N VAL D 183 -12.35 7.13 -33.66
CA VAL D 183 -13.72 6.58 -33.72
C VAL D 183 -14.00 6.09 -35.14
N GLY D 184 -14.41 4.82 -35.26
CA GLY D 184 -14.76 4.18 -36.54
C GLY D 184 -13.57 3.54 -37.25
N ARG D 185 -12.38 3.63 -36.67
CA ARG D 185 -11.17 3.01 -37.22
C ARG D 185 -11.22 1.52 -36.88
N THR D 186 -10.43 0.70 -37.58
CA THR D 186 -10.28 -0.74 -37.31
C THR D 186 -9.23 -0.86 -36.21
N VAL D 187 -9.23 -1.99 -35.49
CA VAL D 187 -8.20 -2.30 -34.46
C VAL D 187 -6.81 -2.26 -35.09
N ALA D 188 -6.64 -2.76 -36.32
CA ALA D 188 -5.33 -2.76 -37.01
C ALA D 188 -4.90 -1.31 -37.29
N GLU D 189 -5.82 -0.46 -37.76
CA GLU D 189 -5.54 0.98 -37.98
C GLU D 189 -5.14 1.63 -36.65
N PHE D 190 -5.84 1.28 -35.57
CA PHE D 190 -5.57 1.83 -34.23
C PHE D 190 -4.18 1.42 -33.78
N ASP D 191 -3.83 0.14 -33.96
CA ASP D 191 -2.52 -0.36 -33.48
C ASP D 191 -1.37 0.36 -34.21
N GLU D 192 -1.52 0.62 -35.52
CA GLU D 192 -0.49 1.34 -36.31
C GLU D 192 -0.38 2.77 -35.77
N TRP D 193 -1.53 3.43 -35.58
CA TRP D 193 -1.57 4.82 -35.06
C TRP D 193 -0.91 4.92 -33.68
N VAL D 194 -1.32 4.08 -32.72
CA VAL D 194 -0.97 4.26 -31.28
C VAL D 194 0.52 3.99 -31.10
N ARG D 195 1.13 3.20 -32.00
CA ARG D 195 2.56 2.81 -31.96
C ARG D 195 3.43 3.88 -32.62
N GLY D 196 2.84 4.75 -33.44
CA GLY D 196 3.50 5.88 -34.12
C GLY D 196 4.42 6.72 -33.22
N ALA D 197 5.54 7.18 -33.76
CA ALA D 197 6.58 7.97 -33.06
C ALA D 197 6.03 9.37 -32.73
N GLN D 198 5.05 9.85 -33.48
CA GLN D 198 4.49 11.22 -33.31
C GLN D 198 3.07 11.17 -32.71
N ARG D 199 2.68 10.07 -32.07
CA ARG D 199 1.40 10.01 -31.32
C ARG D 199 1.44 11.12 -30.27
N PRO D 200 0.42 11.97 -30.18
CA PRO D 200 0.46 13.06 -29.21
C PRO D 200 0.47 12.57 -27.77
N PRO D 201 0.89 13.44 -26.83
CA PRO D 201 0.88 13.09 -25.41
C PRO D 201 -0.57 12.86 -24.96
N THR D 202 -0.73 11.98 -23.97
CA THR D 202 -2.08 11.66 -23.41
C THR D 202 -2.58 12.87 -22.61
N PHE D 203 -3.88 13.11 -22.60
CA PHE D 203 -4.51 14.16 -21.75
C PHE D 203 -4.07 13.97 -20.30
N GLY D 204 -4.04 12.70 -19.86
CA GLY D 204 -3.74 12.37 -18.46
C GLY D 204 -2.31 12.67 -18.09
N ARG D 205 -1.39 12.59 -19.04
CA ARG D 205 0.03 12.92 -18.76
C ARG D 205 0.13 14.39 -18.36
N ASN D 206 -0.59 15.26 -19.04
CA ASN D 206 -0.58 16.71 -18.71
C ASN D 206 -1.21 16.89 -17.32
N VAL D 207 -2.25 16.12 -17.00
CA VAL D 207 -2.88 16.17 -15.65
C VAL D 207 -1.82 15.85 -14.60
N LEU D 208 -1.11 14.74 -14.75
CA LEU D 208 -0.15 14.28 -13.72
C LEU D 208 1.06 15.22 -13.66
N ASP D 209 1.49 15.78 -14.79
CA ASP D 209 2.64 16.74 -14.78
C ASP D 209 2.24 17.93 -13.88
N ALA D 210 0.99 18.40 -14.00
CA ALA D 210 0.47 19.54 -13.19
C ALA D 210 0.47 19.18 -11.71
N LEU D 211 -0.02 17.99 -11.35
CA LEU D 211 -0.15 17.61 -9.90
C LEU D 211 1.25 17.47 -9.30
N VAL D 212 2.16 16.81 -10.04
CA VAL D 212 3.56 16.58 -9.58
C VAL D 212 4.24 17.94 -9.39
N ALA D 213 4.15 18.84 -10.37
CA ALA D 213 4.78 20.18 -10.33
C ALA D 213 4.14 21.01 -9.22
N ASP D 214 2.81 20.99 -9.06
CA ASP D 214 2.13 21.76 -7.99
C ASP D 214 2.64 21.28 -6.63
N THR D 215 2.90 19.98 -6.48
CA THR D 215 3.32 19.45 -5.17
C THR D 215 4.82 19.72 -4.96
N GLY D 216 5.53 20.10 -6.00
CA GLY D 216 6.98 20.42 -5.97
C GLY D 216 7.82 19.16 -5.85
N LEU D 217 7.38 18.06 -6.47
CA LEU D 217 8.09 16.75 -6.37
C LEU D 217 8.96 16.53 -7.61
N THR D 218 9.79 15.48 -7.57
CA THR D 218 10.82 15.16 -8.58
C THR D 218 10.47 13.84 -9.26
N VAL D 219 10.32 13.85 -10.57
CA VAL D 219 10.00 12.62 -11.35
C VAL D 219 11.13 11.60 -11.13
N LYS D 220 10.77 10.38 -10.78
CA LYS D 220 11.67 9.20 -10.72
C LYS D 220 11.42 8.34 -11.96
N SER D 221 10.16 8.12 -12.32
CA SER D 221 9.76 7.23 -13.42
C SER D 221 8.41 7.66 -14.01
N ILE D 222 8.27 7.65 -15.34
CA ILE D 222 7.00 7.90 -16.07
C ILE D 222 6.69 6.67 -16.92
N THR D 223 5.50 6.09 -16.77
CA THR D 223 4.98 5.00 -17.62
C THR D 223 3.59 5.36 -18.13
N THR D 224 3.19 4.71 -19.22
CA THR D 224 1.93 5.00 -19.94
C THR D 224 1.56 3.76 -20.74
N ALA D 225 0.26 3.57 -20.95
CA ALA D 225 -0.26 2.54 -21.86
C ALA D 225 -1.62 3.01 -22.35
N THR D 226 -1.96 2.58 -23.55
CA THR D 226 -3.25 2.87 -24.19
C THR D 226 -3.79 1.60 -24.79
N ARG D 227 -5.10 1.37 -24.65
CA ARG D 227 -5.81 0.29 -25.36
C ARG D 227 -7.04 0.90 -26.01
N PRO D 228 -7.46 0.37 -27.18
CA PRO D 228 -8.67 0.86 -27.82
C PRO D 228 -9.90 0.44 -27.02
N ASP D 229 -10.95 1.24 -27.08
CA ASP D 229 -12.30 0.89 -26.62
C ASP D 229 -13.03 0.40 -27.86
N ILE D 230 -13.72 -0.73 -27.71
CA ILE D 230 -14.33 -1.52 -28.81
C ILE D 230 -15.84 -1.47 -28.65
N ALA D 231 -16.59 -1.26 -29.74
CA ALA D 231 -18.04 -1.43 -29.78
C ALA D 231 -18.43 -2.89 -29.49
N SER D 232 -19.22 -3.10 -28.44
CA SER D 232 -19.73 -4.41 -28.03
C SER D 232 -21.00 -4.76 -28.82
N ALA D 233 -21.63 -3.78 -29.46
CA ALA D 233 -22.81 -3.99 -30.35
C ALA D 233 -22.85 -2.88 -31.42
N ALA D 234 -23.76 -2.97 -32.39
CA ALA D 234 -24.00 -1.90 -33.38
C ALA D 234 -24.40 -0.63 -32.63
N MET D 235 -23.73 0.48 -32.92
CA MET D 235 -24.05 1.81 -32.34
C MET D 235 -23.98 2.87 -33.44
N ARG D 236 -24.21 4.10 -33.08
CA ARG D 236 -24.03 5.29 -33.94
C ARG D 236 -23.17 6.30 -33.17
N SER D 237 -22.27 7.00 -33.85
CA SER D 237 -21.62 8.22 -33.31
C SER D 237 -22.35 9.43 -33.87
N GLU D 238 -23.09 10.15 -33.02
CA GLU D 238 -23.69 11.46 -33.39
C GLU D 238 -22.56 12.46 -33.71
N ALA D 239 -21.39 12.36 -33.10
CA ALA D 239 -20.31 13.35 -33.32
C ALA D 239 -19.84 13.29 -34.78
N LEU D 240 -19.71 12.09 -35.35
CA LEU D 240 -19.20 11.92 -36.74
C LEU D 240 -20.32 11.57 -37.73
N GLY D 241 -21.55 11.39 -37.25
CA GLY D 241 -22.69 10.96 -38.08
C GLY D 241 -22.39 9.67 -38.82
N ILE D 242 -21.80 8.67 -38.16
CA ILE D 242 -21.45 7.36 -38.79
C ILE D 242 -22.03 6.23 -37.94
N ASP D 243 -22.38 5.13 -38.60
CA ASP D 243 -22.76 3.86 -37.96
C ASP D 243 -21.47 3.15 -37.54
N LEU D 244 -21.50 2.52 -36.36
CA LEU D 244 -20.36 1.74 -35.82
C LEU D 244 -20.80 0.30 -35.70
N ALA D 245 -20.00 -0.62 -36.24
CA ALA D 245 -20.27 -2.06 -36.18
C ALA D 245 -19.63 -2.64 -34.92
N PRO D 246 -20.20 -3.74 -34.39
CA PRO D 246 -19.53 -4.50 -33.34
C PRO D 246 -18.07 -4.71 -33.73
N GLY D 247 -17.13 -4.44 -32.84
CA GLY D 247 -15.69 -4.62 -33.10
C GLY D 247 -15.00 -3.36 -33.62
N ASP D 248 -15.73 -2.36 -34.09
CA ASP D 248 -15.15 -1.03 -34.46
C ASP D 248 -14.53 -0.37 -33.24
N VAL D 249 -13.45 0.40 -33.45
CA VAL D 249 -12.85 1.25 -32.38
C VAL D 249 -13.83 2.41 -32.13
N ILE D 250 -14.12 2.69 -30.85
CA ILE D 250 -15.09 3.77 -30.50
C ILE D 250 -14.41 4.80 -29.59
N GLY D 251 -13.10 4.70 -29.41
CA GLY D 251 -12.33 5.58 -28.53
C GLY D 251 -11.19 4.83 -27.95
N PHE D 252 -10.65 5.30 -26.84
CA PHE D 252 -9.53 4.61 -26.18
C PHE D 252 -9.45 5.01 -24.71
N THR D 253 -8.71 4.18 -23.98
CA THR D 253 -8.44 4.33 -22.55
C THR D 253 -6.93 4.41 -22.38
N ASP D 254 -6.47 5.47 -21.71
CA ASP D 254 -5.06 5.69 -21.35
C ASP D 254 -4.90 5.39 -19.88
N ILE D 255 -3.72 4.94 -19.46
CA ILE D 255 -3.30 4.90 -18.04
C ILE D 255 -1.91 5.50 -17.98
N ASP D 256 -1.75 6.53 -17.15
CA ASP D 256 -0.49 7.29 -16.96
C ASP D 256 -0.10 7.15 -15.51
N ARG D 257 1.20 7.05 -15.28
CA ARG D 257 1.76 6.79 -13.93
C ARG D 257 3.08 7.54 -13.81
N ILE D 258 3.20 8.30 -12.72
CA ILE D 258 4.45 9.04 -12.39
C ILE D 258 4.82 8.68 -10.97
N GLU D 259 6.00 8.08 -10.80
CA GLU D 259 6.63 7.84 -9.47
C GLU D 259 7.54 9.03 -9.20
N THR D 260 7.54 9.53 -7.98
CA THR D 260 8.41 10.66 -7.58
C THR D 260 9.57 10.13 -6.75
N GLU D 261 10.70 10.83 -6.73
CA GLU D 261 11.85 10.49 -5.87
C GLU D 261 11.38 10.54 -4.41
N GLU D 262 10.49 11.50 -4.07
CA GLU D 262 10.11 11.77 -2.66
C GLU D 262 9.14 10.70 -2.11
N GLY D 263 8.56 9.84 -2.95
CA GLY D 263 7.71 8.74 -2.48
C GLY D 263 6.35 8.69 -3.17
N PRO D 264 5.53 9.77 -3.14
CA PRO D 264 4.21 9.73 -3.76
C PRO D 264 4.23 9.25 -5.21
N VAL D 265 3.27 8.39 -5.53
CA VAL D 265 3.01 7.86 -6.89
C VAL D 265 1.65 8.38 -7.35
N PHE D 266 1.58 8.81 -8.59
CA PHE D 266 0.34 9.31 -9.24
C PHE D 266 -0.04 8.37 -10.37
N GLU D 267 -1.32 8.03 -10.45
CA GLU D 267 -1.86 7.20 -11.55
C GLU D 267 -3.23 7.73 -11.98
N PHE D 268 -3.46 7.80 -13.28
CA PHE D 268 -4.72 8.32 -13.86
C PHE D 268 -5.10 7.49 -15.08
N GLU D 269 -6.27 6.90 -15.02
CA GLU D 269 -6.86 6.12 -16.12
C GLU D 269 -8.05 6.92 -16.65
N MET D 270 -8.06 7.17 -17.96
CA MET D 270 -9.07 8.03 -18.62
C MET D 270 -9.54 7.34 -19.90
N SER D 271 -10.84 7.16 -20.01
CA SER D 271 -11.47 6.64 -21.24
C SER D 271 -12.29 7.75 -21.87
N GLY D 272 -12.06 7.94 -23.17
CA GLY D 272 -12.86 8.81 -24.05
C GLY D 272 -13.41 7.99 -25.17
N ARG D 273 -14.72 7.77 -25.19
CA ARG D 273 -15.33 6.83 -26.15
C ARG D 273 -16.77 7.19 -26.42
N VAL D 274 -17.31 6.66 -27.51
CA VAL D 274 -18.76 6.76 -27.79
C VAL D 274 -19.48 5.88 -26.76
N TYR D 275 -20.49 6.42 -26.09
CA TYR D 275 -21.31 5.67 -25.11
C TYR D 275 -22.47 4.97 -25.80
N GLY D 276 -22.76 3.76 -25.34
CA GLY D 276 -24.03 3.08 -25.60
C GLY D 276 -25.02 3.40 -24.50
N PRO D 277 -26.24 2.83 -24.58
CA PRO D 277 -27.29 3.12 -23.60
C PRO D 277 -26.83 2.80 -22.16
N GLY D 278 -27.22 3.64 -21.20
CA GLY D 278 -26.99 3.37 -19.76
C GLY D 278 -25.64 3.88 -19.24
N GLU D 279 -24.68 4.21 -20.11
CA GLU D 279 -23.31 4.59 -19.66
C GLU D 279 -23.33 6.04 -19.18
N GLY D 280 -22.53 6.35 -18.17
CA GLY D 280 -22.44 7.72 -17.62
C GLY D 280 -20.99 8.08 -17.34
N ASP D 281 -20.69 9.37 -17.37
CA ASP D 281 -19.36 9.91 -17.03
C ASP D 281 -19.06 9.61 -15.56
N ILE D 282 -17.78 9.49 -15.27
CA ILE D 282 -17.30 9.26 -13.88
C ILE D 282 -16.06 10.09 -13.64
N ASN D 283 -15.93 10.51 -12.38
CA ASN D 283 -14.73 11.14 -11.81
C ASN D 283 -14.52 10.56 -10.42
N GLU D 284 -13.62 9.60 -10.27
CA GLU D 284 -13.41 8.87 -9.00
C GLU D 284 -11.93 8.89 -8.65
N TRP D 285 -11.60 9.44 -7.50
CA TRP D 285 -10.20 9.59 -7.04
C TRP D 285 -10.05 8.97 -5.65
N THR D 286 -8.93 8.31 -5.44
CA THR D 286 -8.48 7.75 -4.15
C THR D 286 -7.09 8.31 -3.84
N ILE D 287 -6.86 8.64 -2.60
CA ILE D 287 -5.50 8.87 -2.06
C ILE D 287 -5.25 7.80 -0.98
N GLU D 288 -4.22 6.98 -1.19
CA GLU D 288 -3.74 6.01 -0.17
C GLU D 288 -2.60 6.68 0.59
N GLY D 289 -2.72 6.73 1.91
CA GLY D 289 -1.69 7.33 2.78
C GLY D 289 -2.24 7.51 4.16
N GLU D 290 -1.83 8.57 4.83
CA GLU D 290 -2.39 8.98 6.14
C GLU D 290 -3.08 10.33 5.90
N PRO D 291 -4.42 10.40 5.89
CA PRO D 291 -5.29 9.23 5.93
C PRO D 291 -5.57 8.77 4.49
N ASN D 292 -6.38 7.72 4.34
CA ASN D 292 -6.95 7.32 3.03
C ASN D 292 -8.13 8.25 2.74
N LEU D 293 -8.21 8.75 1.51
CA LEU D 293 -9.22 9.73 1.07
C LEU D 293 -9.89 9.23 -0.20
N PHE D 294 -11.13 9.68 -0.41
CA PHE D 294 -11.98 9.33 -1.57
C PHE D 294 -12.73 10.57 -2.05
N LEU D 295 -12.90 10.66 -3.36
CA LEU D 295 -13.73 11.70 -4.01
C LEU D 295 -14.47 11.08 -5.20
N SER D 296 -15.76 11.35 -5.30
CA SER D 296 -16.60 11.00 -6.46
C SER D 296 -17.49 12.19 -6.82
N ASN D 297 -17.81 12.35 -8.10
CA ASN D 297 -18.68 13.44 -8.57
C ASN D 297 -19.94 12.84 -9.24
N GLY D 298 -20.24 11.58 -8.95
CA GLY D 298 -21.46 10.92 -9.49
C GLY D 298 -21.41 10.96 -11.00
N THR D 299 -22.53 11.17 -11.69
CA THR D 299 -22.58 11.32 -13.16
C THR D 299 -22.20 12.77 -13.48
N VAL D 300 -20.91 13.03 -13.52
CA VAL D 300 -20.34 14.40 -13.60
C VAL D 300 -20.66 15.01 -14.97
N PRO D 301 -21.17 16.26 -15.02
CA PRO D 301 -21.51 16.92 -16.29
C PRO D 301 -20.29 17.49 -17.04
N THR D 302 -19.54 16.60 -17.67
CA THR D 302 -18.27 16.94 -18.36
C THR D 302 -18.53 18.04 -19.41
N GLN D 303 -19.54 17.86 -20.26
CA GLN D 303 -19.78 18.81 -21.38
C GLN D 303 -20.06 20.21 -20.83
N THR D 304 -20.97 20.35 -19.87
CA THR D 304 -21.34 21.70 -19.38
C THR D 304 -20.13 22.35 -18.70
N THR D 305 -19.44 21.60 -17.83
CA THR D 305 -18.38 22.19 -16.96
C THR D 305 -17.11 22.40 -17.80
N THR D 306 -16.97 21.77 -18.96
CA THR D 306 -15.88 22.18 -19.90
C THR D 306 -16.05 23.68 -20.19
N CYS D 307 -17.28 24.07 -20.50
CA CYS D 307 -17.61 25.42 -21.03
C CYS D 307 -17.68 26.44 -19.89
N THR D 308 -18.32 26.09 -18.77
CA THR D 308 -18.44 26.99 -17.58
C THR D 308 -17.05 27.31 -17.04
N GLN D 309 -16.14 26.34 -17.04
CA GLN D 309 -14.82 26.57 -16.44
C GLN D 309 -14.04 27.54 -17.33
N MET D 310 -14.04 27.35 -18.64
CA MET D 310 -13.29 28.28 -19.53
C MET D 310 -13.87 29.69 -19.36
N VAL D 311 -15.18 29.83 -19.33
CA VAL D 311 -15.82 31.17 -19.20
C VAL D 311 -15.44 31.78 -17.84
N ASN D 312 -15.60 31.02 -16.75
CA ASN D 312 -15.43 31.55 -15.37
C ASN D 312 -13.95 31.84 -15.16
N ARG D 313 -13.06 31.30 -16.02
CA ARG D 313 -11.61 31.60 -15.91
C ARG D 313 -11.24 32.96 -16.54
N ILE D 314 -12.09 33.55 -17.37
CA ILE D 314 -11.67 34.71 -18.22
C ILE D 314 -11.15 35.85 -17.32
N PRO D 315 -11.84 36.26 -16.24
CA PRO D 315 -11.30 37.35 -15.39
C PRO D 315 -9.95 36.99 -14.73
N ASP D 316 -9.77 35.71 -14.37
CA ASP D 316 -8.52 35.24 -13.73
C ASP D 316 -7.39 35.40 -14.75
N VAL D 317 -7.64 35.04 -16.01
CA VAL D 317 -6.58 34.97 -17.06
C VAL D 317 -6.21 36.42 -17.44
N ILE D 318 -7.19 37.31 -17.55
CA ILE D 318 -6.91 38.76 -17.79
C ILE D 318 -6.04 39.31 -16.65
N ALA D 319 -6.39 39.04 -15.38
CA ALA D 319 -5.71 39.57 -14.19
C ALA D 319 -4.33 38.91 -13.96
N ALA D 320 -4.02 37.76 -14.56
CA ALA D 320 -2.82 36.95 -14.22
C ALA D 320 -1.57 37.57 -14.82
N PRO D 321 -0.36 37.23 -14.33
CA PRO D 321 0.88 37.67 -14.97
C PRO D 321 1.00 37.21 -16.42
N PRO D 322 1.77 37.94 -17.26
CA PRO D 322 1.97 37.52 -18.64
C PRO D 322 2.75 36.18 -18.67
N GLY D 323 2.62 35.47 -19.79
CA GLY D 323 3.24 34.16 -19.99
C GLY D 323 2.20 33.07 -20.10
N ILE D 324 2.66 31.83 -20.19
CA ILE D 324 1.79 30.63 -19.96
C ILE D 324 1.56 30.58 -18.46
N VAL D 325 0.32 30.75 -18.03
CA VAL D 325 -0.06 30.60 -16.60
C VAL D 325 -1.00 29.41 -16.50
N THR D 326 -0.55 28.37 -15.81
CA THR D 326 -1.30 27.10 -15.63
C THR D 326 -2.30 27.26 -14.49
N VAL D 327 -3.39 26.50 -14.54
CA VAL D 327 -4.58 26.70 -13.67
C VAL D 327 -4.26 26.35 -12.23
N ASP D 328 -3.26 25.53 -11.96
CA ASP D 328 -2.79 25.23 -10.59
C ASP D 328 -2.25 26.50 -9.91
N ARG D 329 -1.82 27.50 -10.68
CA ARG D 329 -1.20 28.76 -10.16
C ARG D 329 -2.26 29.88 -10.05
N LEU D 330 -3.45 29.69 -10.58
CA LEU D 330 -4.49 30.76 -10.57
C LEU D 330 -5.23 30.75 -9.23
N PRO D 331 -5.85 31.88 -8.83
CA PRO D 331 -6.71 31.89 -7.66
C PRO D 331 -7.87 30.90 -7.86
N ARG D 332 -8.59 30.62 -6.79
CA ARG D 332 -9.68 29.62 -6.81
C ARG D 332 -10.70 30.01 -7.87
N LEU D 333 -11.12 29.05 -8.67
CA LEU D 333 -12.24 29.22 -9.61
C LEU D 333 -13.47 29.66 -8.83
N ARG D 334 -14.21 30.66 -9.31
CA ARG D 334 -15.39 31.14 -8.57
C ARG D 334 -16.59 31.34 -9.50
N TYR D 335 -17.75 31.10 -8.89
CA TYR D 335 -19.08 31.42 -9.42
C TYR D 335 -19.22 32.94 -9.54
N ARG D 336 -19.52 33.44 -10.73
CA ARG D 336 -19.81 34.90 -10.95
C ARG D 336 -21.00 34.98 -11.90
N PRO D 337 -22.21 35.34 -11.44
CA PRO D 337 -23.32 35.62 -12.36
C PRO D 337 -23.03 36.72 -13.41
N GLN D 338 -22.23 37.74 -13.08
CA GLN D 338 -22.02 38.92 -13.97
C GLN D 338 -20.53 39.25 -14.04
N PHE D 339 -20.02 39.52 -15.24
CA PHE D 339 -18.63 40.02 -15.44
C PHE D 339 -18.68 41.55 -15.59
C1 EDO E . 24.59 -19.38 -9.67
O1 EDO E . 23.67 -20.10 -10.45
C2 EDO E . 24.00 -19.13 -8.32
O2 EDO E . 24.25 -20.19 -7.42
PA NAP F . 33.26 -25.59 -14.21
O1A NAP F . 34.23 -25.62 -13.13
O2A NAP F . 33.52 -24.90 -15.58
O5B NAP F . 32.84 -27.15 -14.49
C5B NAP F . 32.14 -27.57 -15.67
C4B NAP F . 32.55 -29.01 -15.98
O4B NAP F . 31.84 -29.52 -17.09
C3B NAP F . 34.06 -29.20 -16.29
O3B NAP F . 34.47 -30.28 -15.41
C2B NAP F . 34.14 -29.68 -17.74
O2B NAP F . 35.12 -30.72 -17.96
C1B NAP F . 32.80 -30.35 -17.83
N9A NAP F . 32.22 -30.54 -19.15
C8A NAP F . 31.92 -29.61 -20.09
N7A NAP F . 31.32 -30.24 -21.11
C5A NAP F . 31.17 -31.54 -20.78
C6A NAP F . 30.61 -32.77 -21.37
N6A NAP F . 30.04 -32.76 -22.57
N1A NAP F . 30.69 -33.92 -20.69
C2A NAP F . 31.23 -34.00 -19.45
N3A NAP F . 31.78 -32.93 -18.83
C4A NAP F . 31.78 -31.74 -19.48
O3 NAP F . 31.84 -24.93 -13.72
PN NAP F . 31.12 -25.16 -12.24
O1N NAP F . 31.37 -24.02 -11.31
O2N NAP F . 31.40 -26.53 -11.74
O5D NAP F . 29.66 -25.03 -12.87
C5D NAP F . 29.03 -25.99 -13.72
C4D NAP F . 27.62 -25.62 -14.12
O4D NAP F . 26.80 -25.63 -12.92
C3D NAP F . 27.57 -24.27 -14.78
O3D NAP F . 26.70 -24.24 -15.90
C2D NAP F . 27.02 -23.37 -13.65
O2D NAP F . 26.38 -22.22 -14.22
C1D NAP F . 26.11 -24.37 -12.89
N1N NAP F . 25.91 -23.96 -11.49
C2N NAP F . 24.67 -23.92 -11.04
C3N NAP F . 24.43 -23.47 -9.74
C7N NAP F . 23.03 -23.44 -9.18
O7N NAP F . 22.90 -22.89 -8.08
N7N NAP F . 22.00 -24.03 -9.81
C4N NAP F . 25.50 -23.11 -8.94
C5N NAP F . 26.80 -23.18 -9.43
C6N NAP F . 26.96 -23.62 -10.72
P2B NAP F . 36.69 -30.48 -17.75
O1X NAP F . 36.94 -30.28 -16.28
O2X NAP F . 37.32 -31.81 -18.09
O3X NAP F . 36.88 -29.30 -18.71
C1 EDO G . -16.13 18.36 13.06
O1 EDO G . -14.86 17.76 12.94
C2 EDO G . -16.29 18.77 14.47
O2 EDO G . -16.13 20.14 14.64
PA NAP H . -10.70 17.70 24.53
O1A NAP H . -9.99 16.39 24.29
O2A NAP H . -11.80 17.78 25.55
O5B NAP H . -9.55 18.78 24.61
C5B NAP H . -9.79 20.01 25.30
C4B NAP H . -8.44 20.46 25.80
O4B NAP H . -8.46 21.87 26.09
C3B NAP H . -8.03 19.69 27.05
O3B NAP H . -6.64 19.28 26.88
C2B NAP H . -8.18 20.74 28.13
O2B NAP H . -7.19 20.62 29.15
C1B NAP H . -7.87 22.01 27.39
N9A NAP H . -8.33 23.24 28.04
C8A NAP H . -9.53 23.55 28.57
N7A NAP H . -9.49 24.85 29.01
C5A NAP H . -8.25 25.33 28.74
C6A NAP H . -7.50 26.56 28.94
N6A NAP H . -8.13 27.59 29.54
N1A NAP H . -6.21 26.67 28.53
C2A NAP H . -5.59 25.65 27.91
N3A NAP H . -6.20 24.46 27.71
C4A NAP H . -7.49 24.26 28.10
O3 NAP H . -11.30 18.12 23.05
PN NAP H . -10.68 17.89 21.57
O1N NAP H . -11.40 16.72 21.01
O2N NAP H . -9.19 17.97 21.28
O5D NAP H . -11.38 19.21 20.93
C5D NAP H . -10.98 20.56 21.21
C4D NAP H . -11.88 21.64 20.59
O4D NAP H . -11.67 21.59 19.18
C3D NAP H . -13.37 21.42 20.86
O3D NAP H . -13.98 22.70 21.14
C2D NAP H . -13.88 20.81 19.53
O2D NAP H . -15.25 21.17 19.35
C1D NAP H . -12.95 21.40 18.53
N1N NAP H . -12.79 20.63 17.30
C2N NAP H . -12.93 21.27 16.11
C3N NAP H . -12.81 20.60 14.88
C7N NAP H . -12.99 21.24 13.55
O7N NAP H . -13.19 20.51 12.59
N7N NAP H . -12.92 22.57 13.38
C4N NAP H . -12.50 19.23 14.92
C5N NAP H . -12.32 18.59 16.18
C6N NAP H . -12.46 19.31 17.35
P2B NAP H . -7.33 19.49 30.31
O1X NAP H . -7.04 18.18 29.60
O2X NAP H . -6.05 19.87 31.10
O3X NAP H . -8.79 19.78 30.84
C1 EDO I . 3.04 -15.39 21.34
O1 EDO I . 3.13 -16.79 21.41
C2 EDO I . 3.96 -14.85 20.34
O2 EDO I . 3.71 -15.38 19.05
PA NAP J . -7.15 -12.38 24.80
O1A NAP J . -7.46 -11.08 24.04
O2A NAP J . -6.98 -12.50 26.27
O5B NAP J . -8.35 -13.37 24.31
C5B NAP J . -8.60 -14.54 25.08
C4B NAP J . -10.06 -14.89 24.90
O4B NAP J . -10.34 -16.12 25.55
C3B NAP J . -10.99 -13.83 25.53
O3B NAP J . -11.87 -13.36 24.50
C2B NAP J . -11.82 -14.60 26.49
O2B NAP J . -13.19 -14.27 26.38
C1B NAP J . -11.70 -15.95 25.85
N9A NAP J . -12.04 -17.06 26.69
C8A NAP J . -11.48 -17.34 27.89
N7A NAP J . -12.01 -18.51 28.32
C5A NAP J . -12.93 -18.94 27.38
C6A NAP J . -13.87 -20.10 27.18
N6A NAP J . -13.91 -21.04 28.14
N1A NAP J . -14.64 -20.20 26.04
C2A NAP J . -14.58 -19.25 25.04
N3A NAP J . -13.75 -18.16 25.17
C4A NAP J . -12.93 -17.98 26.28
O3 NAP J . -5.82 -13.14 24.29
PN NAP J . -5.33 -13.20 22.73
O1N NAP J . -4.21 -12.22 22.52
O2N NAP J . -6.37 -13.30 21.63
O5D NAP J . -4.60 -14.61 22.88
C5D NAP J . -5.36 -15.77 23.15
C4D NAP J . -4.43 -16.94 23.35
O4D NAP J . -3.67 -17.18 22.08
C3D NAP J . -3.45 -16.73 24.49
O3D NAP J . -3.33 -17.99 25.17
C2D NAP J . -2.10 -16.48 23.77
O2D NAP J . -1.02 -17.00 24.55
C1D NAP J . -2.28 -17.28 22.44
N1N NAP J . -1.46 -16.79 21.30
C2N NAP J . -0.65 -17.66 20.66
C3N NAP J . 0.14 -17.20 19.58
C7N NAP J . 1.01 -18.11 18.76
O7N NAP J . 1.76 -17.60 17.95
N7N NAP J . 0.84 -19.44 18.77
C4N NAP J . 0.06 -15.82 19.22
C5N NAP J . -0.80 -14.98 19.91
C6N NAP J . -1.55 -15.49 20.94
P2B NAP J . -13.80 -12.93 27.02
O1X NAP J . -13.23 -11.79 26.20
O2X NAP J . -15.28 -13.17 26.65
O3X NAP J . -13.17 -12.97 28.44
C1 EDO K . -12.60 16.10 -21.41
O1 EDO K . -13.58 17.15 -21.33
C2 EDO K . -12.29 15.86 -22.83
O2 EDO K . -11.18 16.62 -23.23
PA NAP L . -15.51 20.79 -32.94
O1A NAP L . -17.01 20.74 -32.87
O2A NAP L . -14.81 19.94 -33.93
O5B NAP L . -15.04 22.33 -33.24
C5B NAP L . -13.66 22.74 -33.44
C4B NAP L . -13.60 24.09 -34.22
O4B NAP L . -12.29 24.45 -34.67
C3B NAP L . -14.41 24.05 -35.50
O3B NAP L . -15.42 25.06 -35.43
C2B NAP L . -13.44 24.30 -36.64
O2B NAP L . -13.89 25.15 -37.68
C1B NAP L . -12.42 25.10 -35.92
N9A NAP L . -11.08 25.21 -36.53
C8A NAP L . -10.20 24.25 -36.96
N7A NAP L . -9.04 24.85 -37.33
C5A NAP L . -9.20 26.19 -37.15
C6A NAP L . -8.39 27.43 -37.35
N6A NAP L . -7.15 27.31 -37.84
N1A NAP L . -8.91 28.64 -37.00
C2A NAP L . -10.15 28.75 -36.49
N3A NAP L . -10.97 27.67 -36.29
C4A NAP L . -10.53 26.42 -36.61
O3 NAP L . -14.68 20.42 -31.60
PN NAP L . -15.11 20.74 -30.05
O1N NAP L . -16.02 19.75 -29.44
O2N NAP L . -15.57 22.20 -29.99
O5D NAP L . -13.70 20.79 -29.39
C5D NAP L . -12.72 21.65 -29.91
C4D NAP L . -11.45 21.29 -29.19
O4D NAP L . -11.56 21.45 -27.75
C3D NAP L . -11.08 19.83 -29.42
O3D NAP L . -9.66 19.80 -29.69
C2D NAP L . -11.40 19.14 -28.10
O2D NAP L . -10.48 18.07 -27.93
C1D NAP L . -11.15 20.27 -27.07
N1N NAP L . -11.95 20.07 -25.86
C2N NAP L . -11.38 20.16 -24.69
C3N NAP L . -12.09 19.95 -23.49
C7N NAP L . -11.50 20.08 -22.12
O7N NAP L . -12.13 19.69 -21.15
N7N NAP L . -10.30 20.63 -21.96
C4N NAP L . -13.39 19.60 -23.59
C5N NAP L . -13.97 19.51 -24.82
C6N NAP L . -13.24 19.76 -25.98
P2B NAP L . -15.05 24.68 -38.69
O1X NAP L . -16.26 24.56 -37.77
O2X NAP L . -15.18 25.91 -39.61
O3X NAP L . -14.49 23.37 -39.30
#